data_1A2J
# 
_entry.id   1A2J 
# 
_audit_conform.dict_name       mmcif_pdbx.dic 
_audit_conform.dict_version    5.398 
_audit_conform.dict_location   http://mmcif.pdb.org/dictionaries/ascii/mmcif_pdbx.dic 
# 
loop_
_database_2.database_id 
_database_2.database_code 
_database_2.pdbx_database_accession 
_database_2.pdbx_DOI 
PDB   1A2J         pdb_00001a2j 10.2210/pdb1a2j/pdb 
WWPDB D_1000170312 ?            ?                   
# 
loop_
_pdbx_audit_revision_history.ordinal 
_pdbx_audit_revision_history.data_content_type 
_pdbx_audit_revision_history.major_revision 
_pdbx_audit_revision_history.minor_revision 
_pdbx_audit_revision_history.revision_date 
1 'Structure model' 1 0 1998-09-16 
2 'Structure model' 1 1 2008-03-24 
3 'Structure model' 1 2 2011-07-13 
4 'Structure model' 1 3 2023-08-02 
5 'Structure model' 1 4 2024-11-06 
# 
_pdbx_audit_revision_details.ordinal             1 
_pdbx_audit_revision_details.revision_ordinal    1 
_pdbx_audit_revision_details.data_content_type   'Structure model' 
_pdbx_audit_revision_details.provider            repository 
_pdbx_audit_revision_details.type                'Initial release' 
_pdbx_audit_revision_details.description         ? 
_pdbx_audit_revision_details.details             ? 
# 
loop_
_pdbx_audit_revision_group.ordinal 
_pdbx_audit_revision_group.revision_ordinal 
_pdbx_audit_revision_group.data_content_type 
_pdbx_audit_revision_group.group 
1 2 'Structure model' 'Version format compliance' 
2 3 'Structure model' 'Version format compliance' 
3 4 'Structure model' 'Database references'       
4 4 'Structure model' 'Refinement description'    
5 5 'Structure model' 'Data collection'           
6 5 'Structure model' 'Structure summary'         
# 
loop_
_pdbx_audit_revision_category.ordinal 
_pdbx_audit_revision_category.revision_ordinal 
_pdbx_audit_revision_category.data_content_type 
_pdbx_audit_revision_category.category 
1 4 'Structure model' database_2                    
2 4 'Structure model' pdbx_initial_refinement_model 
3 5 'Structure model' chem_comp_atom                
4 5 'Structure model' chem_comp_bond                
5 5 'Structure model' pdbx_entry_details            
6 5 'Structure model' pdbx_modification_feature     
# 
loop_
_pdbx_audit_revision_item.ordinal 
_pdbx_audit_revision_item.revision_ordinal 
_pdbx_audit_revision_item.data_content_type 
_pdbx_audit_revision_item.item 
1 4 'Structure model' '_database_2.pdbx_DOI'                
2 4 'Structure model' '_database_2.pdbx_database_accession' 
# 
_pdbx_database_status.status_code                     REL 
_pdbx_database_status.entry_id                        1A2J 
_pdbx_database_status.recvd_initial_deposition_date   1998-01-06 
_pdbx_database_status.deposit_site                    ? 
_pdbx_database_status.process_site                    BNL 
_pdbx_database_status.status_code_sf                  REL 
_pdbx_database_status.status_code_mr                  ? 
_pdbx_database_status.SG_entry                        ? 
_pdbx_database_status.pdb_format_compatible           Y 
_pdbx_database_status.status_code_cs                  ? 
_pdbx_database_status.status_code_nmr_data            ? 
_pdbx_database_status.methods_development_category    ? 
# 
loop_
_audit_author.name 
_audit_author.pdbx_ordinal 
'Martin, J.L.' 1 
'Guddat, L.W.' 2 
# 
loop_
_citation.id 
_citation.title 
_citation.journal_abbrev 
_citation.journal_volume 
_citation.page_first 
_citation.page_last 
_citation.year 
_citation.journal_id_ASTM 
_citation.country 
_citation.journal_id_ISSN 
_citation.journal_id_CSD 
_citation.book_publisher 
_citation.pdbx_database_id_PubMed 
_citation.pdbx_database_id_DOI 
primary 'Crystal structures of reduced and oxidized DsbA: investigation of domain motion and thiolate stabilization.' Structure 6 
757  767 1998 STRUE6 UK 0969-2126 2005 ? 9655827 '10.1016/S0969-2126(98)00077-X' 
1       
;The Uncharged Surface Features Surrounding the Active Site of Escherichia Coli Dsba are Conserved and are Implicated in Peptide Binding
;
'Protein Sci.' 6   1148 ?   1997 PRCIEI US 0961-8368 0795 ? ?       ?                               
2       'Structural Analysis of Three His32 Mutants of Dsba: Support for an Electrostatic Role of His32 in Dsba Stability' 
'Protein Sci.' 6   1893 ?   1997 PRCIEI US 0961-8368 0795 ? ?       ?                               
3       'Crystal Structure of the Dsba Protein Required for Disulphide Bond Formation in Vivo' Nature         365 464  ?   1993 
NATUAS UK 0028-0836 0006 ? ?       ?                               
4       'Crystallization of Dsba, an Escherichia Coli Protein Required for Disulphide Bond Formation in Vivo' J.Mol.Biol.    230 
1097 ?   1993 JMOBAK UK 0022-2836 0070 ? ?       ?                               
# 
loop_
_citation_author.citation_id 
_citation_author.name 
_citation_author.ordinal 
_citation_author.identifier_ORCID 
primary 'Guddat, L.W.'         1  ? 
primary 'Bardwell, J.C.'       2  ? 
primary 'Martin, J.L.'         3  ? 
1       'Guddat, L.W.'         4  ? 
1       'Bardwell, J.C.'       5  ? 
1       'Zander, T.'           6  ? 
1       'Martin, J.L.'         7  ? 
2       'Guddat, L.W.'         8  ? 
2       'Bardwell, J.C.'       9  ? 
2       'Glockshuber, R.'      10 ? 
2       'Huber-Wunderlich, M.' 11 ? 
2       'Zander, T.'           12 ? 
2       'Martin, J.L.'         13 ? 
3       'Martin, J.L.'         14 ? 
3       'Bardwell, J.C.'       15 ? 
3       'Kuriyan, J.'          16 ? 
4       'Martin, J.L.'         17 ? 
4       'Waksman, G.'          18 ? 
4       'Bardwell, J.C.'       19 ? 
4       'Beckwith, J.'         20 ? 
4       'Kuriyan, J.'          21 ? 
# 
loop_
_entity.id 
_entity.type 
_entity.src_method 
_entity.pdbx_description 
_entity.formula_weight 
_entity.pdbx_number_of_molecules 
_entity.pdbx_ec 
_entity.pdbx_mutation 
_entity.pdbx_fragment 
_entity.details 
1 polymer nat 'DISULFIDE BOND FORMATION PROTEIN' 21155.025 1  ? ? ? ? 
2 water   nat water                              18.015    90 ? ? ? ? 
# 
_entity_name_com.entity_id   1 
_entity_name_com.name        DSBA 
# 
_entity_poly.entity_id                      1 
_entity_poly.type                           'polypeptide(L)' 
_entity_poly.nstd_linkage                   no 
_entity_poly.nstd_monomer                   no 
_entity_poly.pdbx_seq_one_letter_code       
;AQYEDGKQYTTLEKPVAGAPQVLEFFSFFCPHCYQFEEVLHISDNVKKKLPEGVKMTKYHVNFMGGDLGKDLTQAWAVAM
ALGVEDKVTVPLFEGVQKTQTIRSASDIRDVFINAGIKGEEYDAAWNSFVVKSLVAQQEKAAADVQLRGVPAMFVNGKYQ
LNPQGMDTSNMDVFVQQYADTVKYLSEKK
;
_entity_poly.pdbx_seq_one_letter_code_can   
;AQYEDGKQYTTLEKPVAGAPQVLEFFSFFCPHCYQFEEVLHISDNVKKKLPEGVKMTKYHVNFMGGDLGKDLTQAWAVAM
ALGVEDKVTVPLFEGVQKTQTIRSASDIRDVFINAGIKGEEYDAAWNSFVVKSLVAQQEKAAADVQLRGVPAMFVNGKYQ
LNPQGMDTSNMDVFVQQYADTVKYLSEKK
;
_entity_poly.pdbx_strand_id                 A 
_entity_poly.pdbx_target_identifier         ? 
# 
_pdbx_entity_nonpoly.entity_id   2 
_pdbx_entity_nonpoly.name        water 
_pdbx_entity_nonpoly.comp_id     HOH 
# 
loop_
_entity_poly_seq.entity_id 
_entity_poly_seq.num 
_entity_poly_seq.mon_id 
_entity_poly_seq.hetero 
1 1   ALA n 
1 2   GLN n 
1 3   TYR n 
1 4   GLU n 
1 5   ASP n 
1 6   GLY n 
1 7   LYS n 
1 8   GLN n 
1 9   TYR n 
1 10  THR n 
1 11  THR n 
1 12  LEU n 
1 13  GLU n 
1 14  LYS n 
1 15  PRO n 
1 16  VAL n 
1 17  ALA n 
1 18  GLY n 
1 19  ALA n 
1 20  PRO n 
1 21  GLN n 
1 22  VAL n 
1 23  LEU n 
1 24  GLU n 
1 25  PHE n 
1 26  PHE n 
1 27  SER n 
1 28  PHE n 
1 29  PHE n 
1 30  CYS n 
1 31  PRO n 
1 32  HIS n 
1 33  CYS n 
1 34  TYR n 
1 35  GLN n 
1 36  PHE n 
1 37  GLU n 
1 38  GLU n 
1 39  VAL n 
1 40  LEU n 
1 41  HIS n 
1 42  ILE n 
1 43  SER n 
1 44  ASP n 
1 45  ASN n 
1 46  VAL n 
1 47  LYS n 
1 48  LYS n 
1 49  LYS n 
1 50  LEU n 
1 51  PRO n 
1 52  GLU n 
1 53  GLY n 
1 54  VAL n 
1 55  LYS n 
1 56  MET n 
1 57  THR n 
1 58  LYS n 
1 59  TYR n 
1 60  HIS n 
1 61  VAL n 
1 62  ASN n 
1 63  PHE n 
1 64  MET n 
1 65  GLY n 
1 66  GLY n 
1 67  ASP n 
1 68  LEU n 
1 69  GLY n 
1 70  LYS n 
1 71  ASP n 
1 72  LEU n 
1 73  THR n 
1 74  GLN n 
1 75  ALA n 
1 76  TRP n 
1 77  ALA n 
1 78  VAL n 
1 79  ALA n 
1 80  MET n 
1 81  ALA n 
1 82  LEU n 
1 83  GLY n 
1 84  VAL n 
1 85  GLU n 
1 86  ASP n 
1 87  LYS n 
1 88  VAL n 
1 89  THR n 
1 90  VAL n 
1 91  PRO n 
1 92  LEU n 
1 93  PHE n 
1 94  GLU n 
1 95  GLY n 
1 96  VAL n 
1 97  GLN n 
1 98  LYS n 
1 99  THR n 
1 100 GLN n 
1 101 THR n 
1 102 ILE n 
1 103 ARG n 
1 104 SER n 
1 105 ALA n 
1 106 SER n 
1 107 ASP n 
1 108 ILE n 
1 109 ARG n 
1 110 ASP n 
1 111 VAL n 
1 112 PHE n 
1 113 ILE n 
1 114 ASN n 
1 115 ALA n 
1 116 GLY n 
1 117 ILE n 
1 118 LYS n 
1 119 GLY n 
1 120 GLU n 
1 121 GLU n 
1 122 TYR n 
1 123 ASP n 
1 124 ALA n 
1 125 ALA n 
1 126 TRP n 
1 127 ASN n 
1 128 SER n 
1 129 PHE n 
1 130 VAL n 
1 131 VAL n 
1 132 LYS n 
1 133 SER n 
1 134 LEU n 
1 135 VAL n 
1 136 ALA n 
1 137 GLN n 
1 138 GLN n 
1 139 GLU n 
1 140 LYS n 
1 141 ALA n 
1 142 ALA n 
1 143 ALA n 
1 144 ASP n 
1 145 VAL n 
1 146 GLN n 
1 147 LEU n 
1 148 ARG n 
1 149 GLY n 
1 150 VAL n 
1 151 PRO n 
1 152 ALA n 
1 153 MET n 
1 154 PHE n 
1 155 VAL n 
1 156 ASN n 
1 157 GLY n 
1 158 LYS n 
1 159 TYR n 
1 160 GLN n 
1 161 LEU n 
1 162 ASN n 
1 163 PRO n 
1 164 GLN n 
1 165 GLY n 
1 166 MET n 
1 167 ASP n 
1 168 THR n 
1 169 SER n 
1 170 ASN n 
1 171 MET n 
1 172 ASP n 
1 173 VAL n 
1 174 PHE n 
1 175 VAL n 
1 176 GLN n 
1 177 GLN n 
1 178 TYR n 
1 179 ALA n 
1 180 ASP n 
1 181 THR n 
1 182 VAL n 
1 183 LYS n 
1 184 TYR n 
1 185 LEU n 
1 186 SER n 
1 187 GLU n 
1 188 LYS n 
1 189 LYS n 
# 
_entity_src_nat.entity_id                  1 
_entity_src_nat.pdbx_src_id                1 
_entity_src_nat.pdbx_alt_source_flag       sample 
_entity_src_nat.pdbx_beg_seq_num           ? 
_entity_src_nat.pdbx_end_seq_num           ? 
_entity_src_nat.common_name                ? 
_entity_src_nat.pdbx_organism_scientific   'Escherichia coli' 
_entity_src_nat.pdbx_ncbi_taxonomy_id      562 
_entity_src_nat.genus                      Escherichia 
_entity_src_nat.species                    ? 
_entity_src_nat.strain                     ? 
_entity_src_nat.tissue                     ? 
_entity_src_nat.tissue_fraction            ? 
_entity_src_nat.pdbx_secretion             ? 
_entity_src_nat.pdbx_fragment              ? 
_entity_src_nat.pdbx_variant               ? 
_entity_src_nat.pdbx_cell_line             ? 
_entity_src_nat.pdbx_atcc                  ? 
_entity_src_nat.pdbx_cellular_location     PERIPLASM 
_entity_src_nat.pdbx_organ                 ? 
_entity_src_nat.pdbx_organelle             ? 
_entity_src_nat.pdbx_cell                  ? 
_entity_src_nat.pdbx_plasmid_name          ? 
_entity_src_nat.pdbx_plasmid_details       ? 
_entity_src_nat.details                    ? 
# 
loop_
_chem_comp.id 
_chem_comp.type 
_chem_comp.mon_nstd_flag 
_chem_comp.name 
_chem_comp.pdbx_synonyms 
_chem_comp.formula 
_chem_comp.formula_weight 
ALA 'L-peptide linking' y ALANINE         ? 'C3 H7 N O2'     89.093  
ARG 'L-peptide linking' y ARGININE        ? 'C6 H15 N4 O2 1' 175.209 
ASN 'L-peptide linking' y ASPARAGINE      ? 'C4 H8 N2 O3'    132.118 
ASP 'L-peptide linking' y 'ASPARTIC ACID' ? 'C4 H7 N O4'     133.103 
CYS 'L-peptide linking' y CYSTEINE        ? 'C3 H7 N O2 S'   121.158 
GLN 'L-peptide linking' y GLUTAMINE       ? 'C5 H10 N2 O3'   146.144 
GLU 'L-peptide linking' y 'GLUTAMIC ACID' ? 'C5 H9 N O4'     147.129 
GLY 'peptide linking'   y GLYCINE         ? 'C2 H5 N O2'     75.067  
HIS 'L-peptide linking' y HISTIDINE       ? 'C6 H10 N3 O2 1' 156.162 
HOH non-polymer         . WATER           ? 'H2 O'           18.015  
ILE 'L-peptide linking' y ISOLEUCINE      ? 'C6 H13 N O2'    131.173 
LEU 'L-peptide linking' y LEUCINE         ? 'C6 H13 N O2'    131.173 
LYS 'L-peptide linking' y LYSINE          ? 'C6 H15 N2 O2 1' 147.195 
MET 'L-peptide linking' y METHIONINE      ? 'C5 H11 N O2 S'  149.211 
PHE 'L-peptide linking' y PHENYLALANINE   ? 'C9 H11 N O2'    165.189 
PRO 'L-peptide linking' y PROLINE         ? 'C5 H9 N O2'     115.130 
SER 'L-peptide linking' y SERINE          ? 'C3 H7 N O3'     105.093 
THR 'L-peptide linking' y THREONINE       ? 'C4 H9 N O3'     119.119 
TRP 'L-peptide linking' y TRYPTOPHAN      ? 'C11 H12 N2 O2'  204.225 
TYR 'L-peptide linking' y TYROSINE        ? 'C9 H11 N O3'    181.189 
VAL 'L-peptide linking' y VALINE          ? 'C5 H11 N O2'    117.146 
# 
loop_
_pdbx_poly_seq_scheme.asym_id 
_pdbx_poly_seq_scheme.entity_id 
_pdbx_poly_seq_scheme.seq_id 
_pdbx_poly_seq_scheme.mon_id 
_pdbx_poly_seq_scheme.ndb_seq_num 
_pdbx_poly_seq_scheme.pdb_seq_num 
_pdbx_poly_seq_scheme.auth_seq_num 
_pdbx_poly_seq_scheme.pdb_mon_id 
_pdbx_poly_seq_scheme.auth_mon_id 
_pdbx_poly_seq_scheme.pdb_strand_id 
_pdbx_poly_seq_scheme.pdb_ins_code 
_pdbx_poly_seq_scheme.hetero 
A 1 1   ALA 1   1   1   ALA ALA A . n 
A 1 2   GLN 2   2   2   GLN GLN A . n 
A 1 3   TYR 3   3   3   TYR TYR A . n 
A 1 4   GLU 4   4   4   GLU GLU A . n 
A 1 5   ASP 5   5   5   ASP ASP A . n 
A 1 6   GLY 6   6   6   GLY GLY A . n 
A 1 7   LYS 7   7   7   LYS LYS A . n 
A 1 8   GLN 8   8   8   GLN GLN A . n 
A 1 9   TYR 9   9   9   TYR TYR A . n 
A 1 10  THR 10  10  10  THR THR A . n 
A 1 11  THR 11  11  11  THR THR A . n 
A 1 12  LEU 12  12  12  LEU LEU A . n 
A 1 13  GLU 13  13  13  GLU GLU A . n 
A 1 14  LYS 14  14  14  LYS LYS A . n 
A 1 15  PRO 15  15  15  PRO PRO A . n 
A 1 16  VAL 16  16  16  VAL VAL A . n 
A 1 17  ALA 17  17  17  ALA ALA A . n 
A 1 18  GLY 18  18  18  GLY GLY A . n 
A 1 19  ALA 19  19  19  ALA ALA A . n 
A 1 20  PRO 20  20  20  PRO PRO A . n 
A 1 21  GLN 21  21  21  GLN GLN A . n 
A 1 22  VAL 22  22  22  VAL VAL A . n 
A 1 23  LEU 23  23  23  LEU LEU A . n 
A 1 24  GLU 24  24  24  GLU GLU A . n 
A 1 25  PHE 25  25  25  PHE PHE A . n 
A 1 26  PHE 26  26  26  PHE PHE A . n 
A 1 27  SER 27  27  27  SER SER A . n 
A 1 28  PHE 28  28  28  PHE PHE A . n 
A 1 29  PHE 29  29  29  PHE PHE A . n 
A 1 30  CYS 30  30  30  CYS CYS A . n 
A 1 31  PRO 31  31  31  PRO PRO A . n 
A 1 32  HIS 32  32  32  HIS HIS A . n 
A 1 33  CYS 33  33  33  CYS CYS A . n 
A 1 34  TYR 34  34  34  TYR TYR A . n 
A 1 35  GLN 35  35  35  GLN GLN A . n 
A 1 36  PHE 36  36  36  PHE PHE A . n 
A 1 37  GLU 37  37  37  GLU GLU A . n 
A 1 38  GLU 38  38  38  GLU GLU A . n 
A 1 39  VAL 39  39  39  VAL VAL A . n 
A 1 40  LEU 40  40  40  LEU LEU A . n 
A 1 41  HIS 41  41  41  HIS HIS A . n 
A 1 42  ILE 42  42  42  ILE ILE A . n 
A 1 43  SER 43  43  43  SER SER A . n 
A 1 44  ASP 44  44  44  ASP ASP A . n 
A 1 45  ASN 45  45  45  ASN ASN A . n 
A 1 46  VAL 46  46  46  VAL VAL A . n 
A 1 47  LYS 47  47  47  LYS LYS A . n 
A 1 48  LYS 48  48  48  LYS LYS A . n 
A 1 49  LYS 49  49  49  LYS LYS A . n 
A 1 50  LEU 50  50  50  LEU LEU A . n 
A 1 51  PRO 51  51  51  PRO PRO A . n 
A 1 52  GLU 52  52  52  GLU GLU A . n 
A 1 53  GLY 53  53  53  GLY GLY A . n 
A 1 54  VAL 54  54  54  VAL VAL A . n 
A 1 55  LYS 55  55  55  LYS LYS A . n 
A 1 56  MET 56  56  56  MET MET A . n 
A 1 57  THR 57  57  57  THR THR A . n 
A 1 58  LYS 58  58  58  LYS LYS A . n 
A 1 59  TYR 59  59  59  TYR TYR A . n 
A 1 60  HIS 60  60  60  HIS HIS A . n 
A 1 61  VAL 61  61  61  VAL VAL A . n 
A 1 62  ASN 62  62  62  ASN ASN A . n 
A 1 63  PHE 63  63  63  PHE PHE A . n 
A 1 64  MET 64  64  64  MET MET A . n 
A 1 65  GLY 65  65  65  GLY GLY A . n 
A 1 66  GLY 66  66  66  GLY GLY A . n 
A 1 67  ASP 67  67  67  ASP ASP A . n 
A 1 68  LEU 68  68  68  LEU LEU A . n 
A 1 69  GLY 69  69  69  GLY GLY A . n 
A 1 70  LYS 70  70  70  LYS LYS A . n 
A 1 71  ASP 71  71  71  ASP ASP A . n 
A 1 72  LEU 72  72  72  LEU LEU A . n 
A 1 73  THR 73  73  73  THR THR A . n 
A 1 74  GLN 74  74  74  GLN GLN A . n 
A 1 75  ALA 75  75  75  ALA ALA A . n 
A 1 76  TRP 76  76  76  TRP TRP A . n 
A 1 77  ALA 77  77  77  ALA ALA A . n 
A 1 78  VAL 78  78  78  VAL VAL A . n 
A 1 79  ALA 79  79  79  ALA ALA A . n 
A 1 80  MET 80  80  80  MET MET A . n 
A 1 81  ALA 81  81  81  ALA ALA A . n 
A 1 82  LEU 82  82  82  LEU LEU A . n 
A 1 83  GLY 83  83  83  GLY GLY A . n 
A 1 84  VAL 84  84  84  VAL VAL A . n 
A 1 85  GLU 85  85  85  GLU GLU A . n 
A 1 86  ASP 86  86  86  ASP ASP A . n 
A 1 87  LYS 87  87  87  LYS LYS A . n 
A 1 88  VAL 88  88  88  VAL VAL A . n 
A 1 89  THR 89  89  89  THR THR A . n 
A 1 90  VAL 90  90  90  VAL VAL A . n 
A 1 91  PRO 91  91  91  PRO PRO A . n 
A 1 92  LEU 92  92  92  LEU LEU A . n 
A 1 93  PHE 93  93  93  PHE PHE A . n 
A 1 94  GLU 94  94  94  GLU GLU A . n 
A 1 95  GLY 95  95  95  GLY GLY A . n 
A 1 96  VAL 96  96  96  VAL VAL A . n 
A 1 97  GLN 97  97  97  GLN GLN A . n 
A 1 98  LYS 98  98  98  LYS LYS A . n 
A 1 99  THR 99  99  99  THR THR A . n 
A 1 100 GLN 100 100 100 GLN GLN A . n 
A 1 101 THR 101 101 101 THR THR A . n 
A 1 102 ILE 102 102 102 ILE ILE A . n 
A 1 103 ARG 103 103 103 ARG ARG A . n 
A 1 104 SER 104 104 104 SER SER A . n 
A 1 105 ALA 105 105 105 ALA ALA A . n 
A 1 106 SER 106 106 106 SER SER A . n 
A 1 107 ASP 107 107 107 ASP ASP A . n 
A 1 108 ILE 108 108 108 ILE ILE A . n 
A 1 109 ARG 109 109 109 ARG ARG A . n 
A 1 110 ASP 110 110 110 ASP ASP A . n 
A 1 111 VAL 111 111 111 VAL VAL A . n 
A 1 112 PHE 112 112 112 PHE PHE A . n 
A 1 113 ILE 113 113 113 ILE ILE A . n 
A 1 114 ASN 114 114 114 ASN ASN A . n 
A 1 115 ALA 115 115 115 ALA ALA A . n 
A 1 116 GLY 116 116 116 GLY GLY A . n 
A 1 117 ILE 117 117 117 ILE ILE A . n 
A 1 118 LYS 118 118 118 LYS LYS A . n 
A 1 119 GLY 119 119 119 GLY GLY A . n 
A 1 120 GLU 120 120 120 GLU GLU A . n 
A 1 121 GLU 121 121 121 GLU GLU A . n 
A 1 122 TYR 122 122 122 TYR TYR A . n 
A 1 123 ASP 123 123 123 ASP ASP A . n 
A 1 124 ALA 124 124 124 ALA ALA A . n 
A 1 125 ALA 125 125 125 ALA ALA A . n 
A 1 126 TRP 126 126 126 TRP TRP A . n 
A 1 127 ASN 127 127 127 ASN ASN A . n 
A 1 128 SER 128 128 128 SER SER A . n 
A 1 129 PHE 129 129 129 PHE PHE A . n 
A 1 130 VAL 130 130 130 VAL VAL A . n 
A 1 131 VAL 131 131 131 VAL VAL A . n 
A 1 132 LYS 132 132 132 LYS LYS A . n 
A 1 133 SER 133 133 133 SER SER A . n 
A 1 134 LEU 134 134 134 LEU LEU A . n 
A 1 135 VAL 135 135 135 VAL VAL A . n 
A 1 136 ALA 136 136 136 ALA ALA A . n 
A 1 137 GLN 137 137 137 GLN GLN A . n 
A 1 138 GLN 138 138 138 GLN GLN A . n 
A 1 139 GLU 139 139 139 GLU GLU A . n 
A 1 140 LYS 140 140 140 LYS LYS A . n 
A 1 141 ALA 141 141 141 ALA ALA A . n 
A 1 142 ALA 142 142 142 ALA ALA A . n 
A 1 143 ALA 143 143 143 ALA ALA A . n 
A 1 144 ASP 144 144 144 ASP ASP A . n 
A 1 145 VAL 145 145 145 VAL VAL A . n 
A 1 146 GLN 146 146 146 GLN GLN A . n 
A 1 147 LEU 147 147 147 LEU LEU A . n 
A 1 148 ARG 148 148 148 ARG ARG A . n 
A 1 149 GLY 149 149 149 GLY GLY A . n 
A 1 150 VAL 150 150 150 VAL VAL A . n 
A 1 151 PRO 151 151 151 PRO PRO A . n 
A 1 152 ALA 152 152 152 ALA ALA A . n 
A 1 153 MET 153 153 153 MET MET A . n 
A 1 154 PHE 154 154 154 PHE PHE A . n 
A 1 155 VAL 155 155 155 VAL VAL A . n 
A 1 156 ASN 156 156 156 ASN ASN A . n 
A 1 157 GLY 157 157 157 GLY GLY A . n 
A 1 158 LYS 158 158 158 LYS LYS A . n 
A 1 159 TYR 159 159 159 TYR TYR A . n 
A 1 160 GLN 160 160 160 GLN GLN A . n 
A 1 161 LEU 161 161 161 LEU LEU A . n 
A 1 162 ASN 162 162 162 ASN ASN A . n 
A 1 163 PRO 163 163 163 PRO PRO A . n 
A 1 164 GLN 164 164 164 GLN GLN A . n 
A 1 165 GLY 165 165 165 GLY GLY A . n 
A 1 166 MET 166 166 166 MET MET A . n 
A 1 167 ASP 167 167 167 ASP ASP A . n 
A 1 168 THR 168 168 168 THR THR A . n 
A 1 169 SER 169 169 169 SER SER A . n 
A 1 170 ASN 170 170 170 ASN ASN A . n 
A 1 171 MET 171 171 171 MET MET A . n 
A 1 172 ASP 172 172 172 ASP ASP A . n 
A 1 173 VAL 173 173 173 VAL VAL A . n 
A 1 174 PHE 174 174 174 PHE PHE A . n 
A 1 175 VAL 175 175 175 VAL VAL A . n 
A 1 176 GLN 176 176 176 GLN GLN A . n 
A 1 177 GLN 177 177 177 GLN GLN A . n 
A 1 178 TYR 178 178 178 TYR TYR A . n 
A 1 179 ALA 179 179 179 ALA ALA A . n 
A 1 180 ASP 180 180 180 ASP ASP A . n 
A 1 181 THR 181 181 181 THR THR A . n 
A 1 182 VAL 182 182 182 VAL VAL A . n 
A 1 183 LYS 183 183 183 LYS LYS A . n 
A 1 184 TYR 184 184 184 TYR TYR A . n 
A 1 185 LEU 185 185 185 LEU LEU A . n 
A 1 186 SER 186 186 186 SER SER A . n 
A 1 187 GLU 187 187 187 GLU GLU A . n 
A 1 188 LYS 188 188 188 LYS LYS A . n 
A 1 189 LYS 189 189 ?   ?   ?   A . n 
# 
loop_
_pdbx_nonpoly_scheme.asym_id 
_pdbx_nonpoly_scheme.entity_id 
_pdbx_nonpoly_scheme.mon_id 
_pdbx_nonpoly_scheme.ndb_seq_num 
_pdbx_nonpoly_scheme.pdb_seq_num 
_pdbx_nonpoly_scheme.auth_seq_num 
_pdbx_nonpoly_scheme.pdb_mon_id 
_pdbx_nonpoly_scheme.auth_mon_id 
_pdbx_nonpoly_scheme.pdb_strand_id 
_pdbx_nonpoly_scheme.pdb_ins_code 
B 2 HOH 1  301 301 HOH HOH A . 
B 2 HOH 2  302 302 HOH HOH A . 
B 2 HOH 3  303 303 HOH HOH A . 
B 2 HOH 4  304 304 HOH HOH A . 
B 2 HOH 5  305 305 HOH HOH A . 
B 2 HOH 6  306 306 HOH HOH A . 
B 2 HOH 7  307 307 HOH HOH A . 
B 2 HOH 8  308 308 HOH HOH A . 
B 2 HOH 9  309 309 HOH HOH A . 
B 2 HOH 10 310 310 HOH HOH A . 
B 2 HOH 11 311 311 HOH HOH A . 
B 2 HOH 12 312 312 HOH HOH A . 
B 2 HOH 13 313 313 HOH HOH A . 
B 2 HOH 14 314 314 HOH HOH A . 
B 2 HOH 15 315 315 HOH HOH A . 
B 2 HOH 16 316 316 HOH HOH A . 
B 2 HOH 17 317 317 HOH HOH A . 
B 2 HOH 18 318 318 HOH HOH A . 
B 2 HOH 19 319 319 HOH HOH A . 
B 2 HOH 20 320 320 HOH HOH A . 
B 2 HOH 21 321 321 HOH HOH A . 
B 2 HOH 22 322 322 HOH HOH A . 
B 2 HOH 23 323 323 HOH HOH A . 
B 2 HOH 24 324 324 HOH HOH A . 
B 2 HOH 25 325 325 HOH HOH A . 
B 2 HOH 26 326 326 HOH HOH A . 
B 2 HOH 27 327 327 HOH HOH A . 
B 2 HOH 28 328 328 HOH HOH A . 
B 2 HOH 29 329 329 HOH HOH A . 
B 2 HOH 30 330 330 HOH HOH A . 
B 2 HOH 31 331 331 HOH HOH A . 
B 2 HOH 32 332 332 HOH HOH A . 
B 2 HOH 33 333 333 HOH HOH A . 
B 2 HOH 34 334 334 HOH HOH A . 
B 2 HOH 35 335 335 HOH HOH A . 
B 2 HOH 36 336 336 HOH HOH A . 
B 2 HOH 37 337 337 HOH HOH A . 
B 2 HOH 38 338 338 HOH HOH A . 
B 2 HOH 39 339 339 HOH HOH A . 
B 2 HOH 40 340 340 HOH HOH A . 
B 2 HOH 41 341 341 HOH HOH A . 
B 2 HOH 42 342 342 HOH HOH A . 
B 2 HOH 43 343 343 HOH HOH A . 
B 2 HOH 44 344 344 HOH HOH A . 
B 2 HOH 45 345 345 HOH HOH A . 
B 2 HOH 46 346 346 HOH HOH A . 
B 2 HOH 47 347 347 HOH HOH A . 
B 2 HOH 48 348 348 HOH HOH A . 
B 2 HOH 49 349 349 HOH HOH A . 
B 2 HOH 50 350 350 HOH HOH A . 
B 2 HOH 51 351 351 HOH HOH A . 
B 2 HOH 52 352 352 HOH HOH A . 
B 2 HOH 53 353 353 HOH HOH A . 
B 2 HOH 54 354 354 HOH HOH A . 
B 2 HOH 55 355 355 HOH HOH A . 
B 2 HOH 56 356 356 HOH HOH A . 
B 2 HOH 57 357 357 HOH HOH A . 
B 2 HOH 58 358 358 HOH HOH A . 
B 2 HOH 59 359 359 HOH HOH A . 
B 2 HOH 60 360 360 HOH HOH A . 
B 2 HOH 61 361 361 HOH HOH A . 
B 2 HOH 62 362 362 HOH HOH A . 
B 2 HOH 63 363 363 HOH HOH A . 
B 2 HOH 64 364 364 HOH HOH A . 
B 2 HOH 65 365 365 HOH HOH A . 
B 2 HOH 66 366 366 HOH HOH A . 
B 2 HOH 67 367 367 HOH HOH A . 
B 2 HOH 68 368 368 HOH HOH A . 
B 2 HOH 69 369 369 HOH HOH A . 
B 2 HOH 70 370 370 HOH HOH A . 
B 2 HOH 71 371 371 HOH HOH A . 
B 2 HOH 72 372 372 HOH HOH A . 
B 2 HOH 73 373 373 HOH HOH A . 
B 2 HOH 74 374 374 HOH HOH A . 
B 2 HOH 75 375 375 HOH HOH A . 
B 2 HOH 76 376 376 HOH HOH A . 
B 2 HOH 77 377 377 HOH HOH A . 
B 2 HOH 78 378 378 HOH HOH A . 
B 2 HOH 79 379 379 HOH HOH A . 
B 2 HOH 80 380 380 HOH HOH A . 
B 2 HOH 81 381 381 HOH HOH A . 
B 2 HOH 82 382 382 HOH HOH A . 
B 2 HOH 83 383 383 HOH HOH A . 
B 2 HOH 84 384 384 HOH HOH A . 
B 2 HOH 85 385 385 HOH HOH A . 
B 2 HOH 86 386 386 HOH HOH A . 
B 2 HOH 87 387 387 HOH HOH A . 
B 2 HOH 88 388 388 HOH HOH A . 
B 2 HOH 89 389 389 HOH HOH A . 
B 2 HOH 90 390 390 HOH HOH A . 
# 
loop_
_pdbx_unobs_or_zero_occ_atoms.id 
_pdbx_unobs_or_zero_occ_atoms.PDB_model_num 
_pdbx_unobs_or_zero_occ_atoms.polymer_flag 
_pdbx_unobs_or_zero_occ_atoms.occupancy_flag 
_pdbx_unobs_or_zero_occ_atoms.auth_asym_id 
_pdbx_unobs_or_zero_occ_atoms.auth_comp_id 
_pdbx_unobs_or_zero_occ_atoms.auth_seq_id 
_pdbx_unobs_or_zero_occ_atoms.PDB_ins_code 
_pdbx_unobs_or_zero_occ_atoms.auth_atom_id 
_pdbx_unobs_or_zero_occ_atoms.label_alt_id 
_pdbx_unobs_or_zero_occ_atoms.label_asym_id 
_pdbx_unobs_or_zero_occ_atoms.label_comp_id 
_pdbx_unobs_or_zero_occ_atoms.label_seq_id 
_pdbx_unobs_or_zero_occ_atoms.label_atom_id 
1  1 Y 1 A GLU 4   ? CG  ? A GLU 4   CG  
2  1 Y 1 A GLU 4   ? CD  ? A GLU 4   CD  
3  1 Y 1 A GLU 4   ? OE1 ? A GLU 4   OE1 
4  1 Y 1 A GLU 4   ? OE2 ? A GLU 4   OE2 
5  1 Y 1 A GLU 13  ? CG  ? A GLU 13  CG  
6  1 Y 1 A GLU 13  ? CD  ? A GLU 13  CD  
7  1 Y 1 A GLU 13  ? OE1 ? A GLU 13  OE1 
8  1 Y 1 A GLU 13  ? OE2 ? A GLU 13  OE2 
9  1 Y 1 A LYS 48  ? CG  ? A LYS 48  CG  
10 1 Y 1 A LYS 48  ? CD  ? A LYS 48  CD  
11 1 Y 1 A LYS 48  ? CE  ? A LYS 48  CE  
12 1 Y 1 A LYS 48  ? NZ  ? A LYS 48  NZ  
13 1 Y 1 A LYS 98  ? CG  ? A LYS 98  CG  
14 1 Y 1 A LYS 98  ? CD  ? A LYS 98  CD  
15 1 Y 1 A LYS 98  ? CE  ? A LYS 98  CE  
16 1 Y 1 A LYS 98  ? NZ  ? A LYS 98  NZ  
17 1 Y 1 A LYS 118 ? CG  ? A LYS 118 CG  
18 1 Y 1 A LYS 118 ? CD  ? A LYS 118 CD  
19 1 Y 1 A LYS 118 ? CE  ? A LYS 118 CE  
20 1 Y 1 A LYS 118 ? NZ  ? A LYS 118 NZ  
21 1 Y 1 A GLU 120 ? CG  ? A GLU 120 CG  
22 1 Y 1 A GLU 120 ? CD  ? A GLU 120 CD  
23 1 Y 1 A GLU 120 ? OE1 ? A GLU 120 OE1 
24 1 Y 1 A GLU 120 ? OE2 ? A GLU 120 OE2 
25 1 Y 1 A LYS 132 ? CG  ? A LYS 132 CG  
26 1 Y 1 A LYS 132 ? CD  ? A LYS 132 CD  
27 1 Y 1 A LYS 132 ? CE  ? A LYS 132 CE  
28 1 Y 1 A LYS 132 ? NZ  ? A LYS 132 NZ  
29 1 Y 1 A GLN 146 ? CG  ? A GLN 146 CG  
30 1 Y 1 A GLN 146 ? CD  ? A GLN 146 CD  
31 1 Y 1 A GLN 146 ? OE1 ? A GLN 146 OE1 
32 1 Y 1 A GLN 146 ? NE2 ? A GLN 146 NE2 
33 1 Y 1 A LYS 183 ? CG  ? A LYS 183 CG  
34 1 Y 1 A LYS 183 ? CD  ? A LYS 183 CD  
35 1 Y 1 A LYS 183 ? CE  ? A LYS 183 CE  
36 1 Y 1 A LYS 183 ? NZ  ? A LYS 183 NZ  
# 
loop_
_software.name 
_software.classification 
_software.version 
_software.citation_id 
_software.pdbx_ordinal 
DENZO     'data reduction' .   ? 1 
SCALEPACK 'data scaling'   .   ? 2 
X-PLOR    'model building' 3.1 ? 3 
X-PLOR    refinement       3.1 ? 4 
X-PLOR    phasing          3.1 ? 5 
# 
_cell.entry_id           1A2J 
_cell.length_a           38.520 
_cell.length_b           51.380 
_cell.length_c           42.500 
_cell.angle_alpha        90.00 
_cell.angle_beta         103.08 
_cell.angle_gamma        90.00 
_cell.Z_PDB              2 
_cell.pdbx_unique_axis   ? 
# 
_symmetry.entry_id                         1A2J 
_symmetry.space_group_name_H-M             'P 1 21 1' 
_symmetry.pdbx_full_space_group_name_H-M   ? 
_symmetry.cell_setting                     ? 
_symmetry.Int_Tables_number                4 
# 
_exptl.entry_id          1A2J 
_exptl.method            'X-RAY DIFFRACTION' 
_exptl.crystals_number   1 
# 
_exptl_crystal.id                    1 
_exptl_crystal.density_meas          ? 
_exptl_crystal.density_Matthews      1.94 
_exptl_crystal.density_percent_sol   37. 
_exptl_crystal.description           ? 
# 
_exptl_crystal_grow.crystal_id      1 
_exptl_crystal_grow.method          ? 
_exptl_crystal_grow.temp            ? 
_exptl_crystal_grow.temp_details    ? 
_exptl_crystal_grow.pH              5.0 
_exptl_crystal_grow.pdbx_pH_range   ? 
_exptl_crystal_grow.pdbx_details    '27% PEG 4K IN 0.1M ACETATE BUFFER PH 5.0' 
# 
_diffrn.id                     1 
_diffrn.ambient_temp           289 
_diffrn.ambient_temp_details   ? 
_diffrn.crystal_id             1 
# 
_diffrn_detector.diffrn_id              1 
_diffrn_detector.detector               'IMAGE PLATE' 
_diffrn_detector.type                   RIGAKU 
_diffrn_detector.pdbx_collection_date   1995-10-10 
_diffrn_detector.details                'YALE MIRRORS' 
# 
_diffrn_radiation.diffrn_id                        1 
_diffrn_radiation.wavelength_id                    1 
_diffrn_radiation.pdbx_monochromatic_or_laue_m_l   M 
_diffrn_radiation.monochromator                    'GRAPHITE(002)' 
_diffrn_radiation.pdbx_diffrn_protocol             ? 
_diffrn_radiation.pdbx_scattering_type             x-ray 
# 
_diffrn_radiation_wavelength.id           1 
_diffrn_radiation_wavelength.wavelength   1.5418 
_diffrn_radiation_wavelength.wt           1.0 
# 
_diffrn_source.diffrn_id                   1 
_diffrn_source.source                      'ROTATING ANODE' 
_diffrn_source.type                        'RIGAKU RUH2R' 
_diffrn_source.pdbx_synchrotron_site       ? 
_diffrn_source.pdbx_synchrotron_beamline   ? 
_diffrn_source.pdbx_wavelength             1.5418 
_diffrn_source.pdbx_wavelength_list        ? 
# 
_reflns.entry_id                     1A2J 
_reflns.observed_criterion_sigma_I   0.0 
_reflns.observed_criterion_sigma_F   ? 
_reflns.d_resolution_low             50.0 
_reflns.d_resolution_high            2.0 
_reflns.number_obs                   38303 
_reflns.number_all                   ? 
_reflns.percent_possible_obs         94.2 
_reflns.pdbx_Rmerge_I_obs            0.046 
_reflns.pdbx_Rsym_value              0.046 
_reflns.pdbx_netI_over_sigmaI        16.0 
_reflns.B_iso_Wilson_estimate        18.8 
_reflns.pdbx_redundancy              3.8 
_reflns.pdbx_diffrn_id               1 
_reflns.pdbx_ordinal                 1 
# 
_reflns_shell.d_res_high             2.0 
_reflns_shell.d_res_low              2.07 
_reflns_shell.percent_possible_all   81.60 
_reflns_shell.Rmerge_I_obs           0.153 
_reflns_shell.pdbx_Rsym_value        0.153 
_reflns_shell.meanI_over_sigI_obs    7.4 
_reflns_shell.pdbx_redundancy        3.4 
_reflns_shell.pdbx_diffrn_id         ? 
_reflns_shell.pdbx_ordinal           1 
# 
_refine.entry_id                                 1A2J 
_refine.ls_number_reflns_obs                     10332 
_refine.ls_number_reflns_all                     ? 
_refine.pdbx_ls_sigma_I                          ? 
_refine.pdbx_ls_sigma_F                          1.0 
_refine.pdbx_data_cutoff_high_absF               10000000. 
_refine.pdbx_data_cutoff_low_absF                0.001 
_refine.pdbx_data_cutoff_high_rms_absF           ? 
_refine.ls_d_res_low                             50.0 
_refine.ls_d_res_high                            2.0 
_refine.ls_percent_reflns_obs                    93.3 
_refine.ls_R_factor_obs                          0.182 
_refine.ls_R_factor_all                          ? 
_refine.ls_R_factor_R_work                       0.182 
_refine.ls_R_factor_R_free                       0.227 
_refine.ls_R_factor_R_free_error                 ? 
_refine.ls_R_factor_R_free_error_details         ? 
_refine.ls_percent_reflns_R_free                 10.0 
_refine.ls_number_reflns_R_free                  1069 
_refine.ls_number_parameters                     ? 
_refine.ls_number_restraints                     ? 
_refine.occupancy_min                            ? 
_refine.occupancy_max                            ? 
_refine.B_iso_mean                               23.6 
_refine.aniso_B[1][1]                            ? 
_refine.aniso_B[2][2]                            ? 
_refine.aniso_B[3][3]                            ? 
_refine.aniso_B[1][2]                            ? 
_refine.aniso_B[1][3]                            ? 
_refine.aniso_B[2][3]                            ? 
_refine.solvent_model_details                    ? 
_refine.solvent_model_param_ksol                 ? 
_refine.solvent_model_param_bsol                 ? 
_refine.pdbx_ls_cross_valid_method               ? 
_refine.details                                  
;EIGHT RESIDUES GLU 4, GLU 13, LYS 48, LYS 98, GLU 120,
LYS 132, GLN 146, AND LYS 183 WERE MODELLED AS ALANINE
BECAUSE OF POORLY DEFINED SIDE CHAIN DENSITY.  RESIDUES
GLU 85, SER 106, SER 133, AND SER 186 WERE MODELLED WITH
TWO ALTERNATE CONFORMATIONS, EACH OF HALF OCCUPANCY.  THE
SIDE CHAINS OF GLU 13, GLU 85, SER 106, SER 133, AND
SER 186 WERE MODELLED WITH TWO ALTERNATE CONFORMATIONS,
EACH OF HALF OCCUPANCY.
;
_refine.pdbx_starting_model                      'PDB ENTRY 1FVK' 
_refine.pdbx_method_to_determine_struct          'MOLECULAR REPLACEMENT' 
_refine.pdbx_isotropic_thermal_model             ? 
_refine.pdbx_stereochemistry_target_values       ? 
_refine.pdbx_stereochem_target_val_spec_case     ? 
_refine.pdbx_R_Free_selection_details            ? 
_refine.pdbx_overall_ESU_R                       ? 
_refine.pdbx_overall_ESU_R_Free                  ? 
_refine.overall_SU_ML                            ? 
_refine.overall_SU_B                             ? 
_refine.pdbx_refine_id                           'X-RAY DIFFRACTION' 
_refine.pdbx_diffrn_id                           1 
_refine.pdbx_TLS_residual_ADP_flag               ? 
_refine.correlation_coeff_Fo_to_Fc               ? 
_refine.correlation_coeff_Fo_to_Fc_free          ? 
_refine.pdbx_solvent_vdw_probe_radii             ? 
_refine.pdbx_solvent_ion_probe_radii             ? 
_refine.pdbx_solvent_shrinkage_radii             ? 
_refine.pdbx_overall_phase_error                 ? 
_refine.overall_SU_R_Cruickshank_DPI             ? 
_refine.pdbx_overall_SU_R_free_Cruickshank_DPI   ? 
_refine.pdbx_overall_SU_R_Blow_DPI               ? 
_refine.pdbx_overall_SU_R_free_Blow_DPI          ? 
# 
_refine_analyze.entry_id                        1A2J 
_refine_analyze.Luzzati_coordinate_error_obs    0.25 
_refine_analyze.Luzzati_sigma_a_obs             ? 
_refine_analyze.Luzzati_d_res_low_obs           50.0 
_refine_analyze.Luzzati_coordinate_error_free   0.30 
_refine_analyze.Luzzati_sigma_a_free            ? 
_refine_analyze.Luzzati_d_res_low_free          ? 
_refine_analyze.number_disordered_residues      ? 
_refine_analyze.occupancy_sum_hydrogen          ? 
_refine_analyze.occupancy_sum_non_hydrogen      ? 
_refine_analyze.pdbx_refine_id                  'X-RAY DIFFRACTION' 
# 
_refine_hist.pdbx_refine_id                   'X-RAY DIFFRACTION' 
_refine_hist.cycle_id                         LAST 
_refine_hist.pdbx_number_atoms_protein        1446 
_refine_hist.pdbx_number_atoms_nucleic_acid   0 
_refine_hist.pdbx_number_atoms_ligand         0 
_refine_hist.number_atoms_solvent             90 
_refine_hist.number_atoms_total               1536 
_refine_hist.d_res_high                       2.0 
_refine_hist.d_res_low                        50.0 
# 
loop_
_refine_ls_restr.type 
_refine_ls_restr.dev_ideal 
_refine_ls_restr.dev_ideal_target 
_refine_ls_restr.weight 
_refine_ls_restr.number 
_refine_ls_restr.pdbx_refine_id 
_refine_ls_restr.pdbx_restraint_function 
x_bond_d                0.005 ?    ? ? 'X-RAY DIFFRACTION' ? 
x_bond_d_na             ?     ?    ? ? 'X-RAY DIFFRACTION' ? 
x_bond_d_prot           ?     ?    ? ? 'X-RAY DIFFRACTION' ? 
x_angle_d               ?     ?    ? ? 'X-RAY DIFFRACTION' ? 
x_angle_d_na            ?     ?    ? ? 'X-RAY DIFFRACTION' ? 
x_angle_d_prot          ?     ?    ? ? 'X-RAY DIFFRACTION' ? 
x_angle_deg             1.00  ?    ? ? 'X-RAY DIFFRACTION' ? 
x_angle_deg_na          ?     ?    ? ? 'X-RAY DIFFRACTION' ? 
x_angle_deg_prot        ?     ?    ? ? 'X-RAY DIFFRACTION' ? 
x_dihedral_angle_d      22.4  ?    ? ? 'X-RAY DIFFRACTION' ? 
x_dihedral_angle_d_na   ?     ?    ? ? 'X-RAY DIFFRACTION' ? 
x_dihedral_angle_d_prot ?     ?    ? ? 'X-RAY DIFFRACTION' ? 
x_improper_angle_d      0.96  ?    ? ? 'X-RAY DIFFRACTION' ? 
x_improper_angle_d_na   ?     ?    ? ? 'X-RAY DIFFRACTION' ? 
x_improper_angle_d_prot ?     ?    ? ? 'X-RAY DIFFRACTION' ? 
x_mcbond_it             ?     1.50 ? ? 'X-RAY DIFFRACTION' ? 
x_mcangle_it            ?     2.00 ? ? 'X-RAY DIFFRACTION' ? 
x_scbond_it             ?     2.00 ? ? 'X-RAY DIFFRACTION' ? 
x_scangle_it            ?     2.50 ? ? 'X-RAY DIFFRACTION' ? 
# 
_refine_ls_shell.pdbx_total_number_of_bins_used   8 
_refine_ls_shell.d_res_high                       2.0 
_refine_ls_shell.d_res_low                        2.09 
_refine_ls_shell.number_reflns_R_work             963 
_refine_ls_shell.R_factor_R_work                  0.249 
_refine_ls_shell.percent_reflns_obs               79.0 
_refine_ls_shell.R_factor_R_free                  0.247 
_refine_ls_shell.R_factor_R_free_error            ? 
_refine_ls_shell.percent_reflns_R_free            9.16 
_refine_ls_shell.number_reflns_R_free             126 
_refine_ls_shell.pdbx_refine_id                   'X-RAY DIFFRACTION' 
_refine_ls_shell.number_reflns_all                ? 
_refine_ls_shell.R_factor_all                     ? 
# 
loop_
_pdbx_xplor_file.serial_no 
_pdbx_xplor_file.param_file 
_pdbx_xplor_file.topol_file 
_pdbx_xplor_file.pdbx_refine_id 
1 PARHCSDX.PRO TOPHCSDX.PRO 'X-RAY DIFFRACTION' 
2 ?            ?            'X-RAY DIFFRACTION' 
# 
_struct.entry_id                  1A2J 
_struct.title                     'OXIDIZED DSBA CRYSTAL FORM II' 
_struct.pdbx_model_details        ? 
_struct.pdbx_CASP_flag            ? 
_struct.pdbx_model_type_details   ? 
# 
_struct_keywords.entry_id        1A2J 
_struct_keywords.pdbx_keywords   OXIDOREDUCTASE 
_struct_keywords.text            'OXIDOREDUCTASE, PROTEIN DISULFIDE ISOMERASE, PROTEIN FOLDING, REDOX PROTEIN, REDOX-ACTIVE CENTER' 
# 
loop_
_struct_asym.id 
_struct_asym.pdbx_blank_PDB_chainid_flag 
_struct_asym.pdbx_modified 
_struct_asym.entity_id 
_struct_asym.details 
A N N 1 ? 
B N N 2 ? 
# 
_struct_ref.id                         1 
_struct_ref.db_name                    UNP 
_struct_ref.db_code                    DSBA_ECOLI 
_struct_ref.entity_id                  1 
_struct_ref.pdbx_db_accession          P24991 
_struct_ref.pdbx_align_begin           1 
_struct_ref.pdbx_seq_one_letter_code   
;MKKIWLALAGLVLAFSASAAQYEDGKQYTTLEKPVAGAPQVLEFFSFFCPHCYQFEEVLHISDNVKKKLPEGVKMTKYHV
NFMGGDLGKDLTQAWAVAMALGVEDKVTVPLFEGVQKTQTIRSASDIRDVFINAGIKGEEYDAAWNSFVVKSLVAQQEKA
AADVQLRGVPAMFVNGKYQLNPQGMDTSNMDVFVQQYADTVKYLSEKK
;
_struct_ref.pdbx_db_isoform            ? 
# 
_struct_ref_seq.align_id                      1 
_struct_ref_seq.ref_id                        1 
_struct_ref_seq.pdbx_PDB_id_code              1A2J 
_struct_ref_seq.pdbx_strand_id                A 
_struct_ref_seq.seq_align_beg                 1 
_struct_ref_seq.pdbx_seq_align_beg_ins_code   ? 
_struct_ref_seq.seq_align_end                 189 
_struct_ref_seq.pdbx_seq_align_end_ins_code   ? 
_struct_ref_seq.pdbx_db_accession             P24991 
_struct_ref_seq.db_align_beg                  20 
_struct_ref_seq.pdbx_db_align_beg_ins_code    ? 
_struct_ref_seq.db_align_end                  208 
_struct_ref_seq.pdbx_db_align_end_ins_code    ? 
_struct_ref_seq.pdbx_auth_seq_align_beg       1 
_struct_ref_seq.pdbx_auth_seq_align_end       189 
# 
_pdbx_struct_assembly.id                   1 
_pdbx_struct_assembly.details              author_defined_assembly 
_pdbx_struct_assembly.method_details       ? 
_pdbx_struct_assembly.oligomeric_details   monomeric 
_pdbx_struct_assembly.oligomeric_count     1 
# 
_pdbx_struct_assembly_gen.assembly_id       1 
_pdbx_struct_assembly_gen.oper_expression   1 
_pdbx_struct_assembly_gen.asym_id_list      A,B 
# 
_pdbx_struct_oper_list.id                   1 
_pdbx_struct_oper_list.type                 'identity operation' 
_pdbx_struct_oper_list.name                 1_555 
_pdbx_struct_oper_list.symmetry_operation   x,y,z 
_pdbx_struct_oper_list.matrix[1][1]         1.0000000000 
_pdbx_struct_oper_list.matrix[1][2]         0.0000000000 
_pdbx_struct_oper_list.matrix[1][3]         0.0000000000 
_pdbx_struct_oper_list.vector[1]            0.0000000000 
_pdbx_struct_oper_list.matrix[2][1]         0.0000000000 
_pdbx_struct_oper_list.matrix[2][2]         1.0000000000 
_pdbx_struct_oper_list.matrix[2][3]         0.0000000000 
_pdbx_struct_oper_list.vector[2]            0.0000000000 
_pdbx_struct_oper_list.matrix[3][1]         0.0000000000 
_pdbx_struct_oper_list.matrix[3][2]         0.0000000000 
_pdbx_struct_oper_list.matrix[3][3]         1.0000000000 
_pdbx_struct_oper_list.vector[3]            0.0000000000 
# 
_struct_biol.id   1 
# 
loop_
_struct_conf.conf_type_id 
_struct_conf.id 
_struct_conf.pdbx_PDB_helix_id 
_struct_conf.beg_label_comp_id 
_struct_conf.beg_label_asym_id 
_struct_conf.beg_label_seq_id 
_struct_conf.pdbx_beg_PDB_ins_code 
_struct_conf.end_label_comp_id 
_struct_conf.end_label_asym_id 
_struct_conf.end_label_seq_id 
_struct_conf.pdbx_end_PDB_ins_code 
_struct_conf.beg_auth_comp_id 
_struct_conf.beg_auth_asym_id 
_struct_conf.beg_auth_seq_id 
_struct_conf.end_auth_comp_id 
_struct_conf.end_auth_asym_id 
_struct_conf.end_auth_seq_id 
_struct_conf.pdbx_PDB_helix_class 
_struct_conf.details 
_struct_conf.pdbx_PDB_helix_length 
HELX_P HELX_P1 H1 PRO A 31  ? GLU A 38  ? PRO A 31  GLU A 38  1 ? 8  
HELX_P HELX_P2 H2 ILE A 42  ? LYS A 49  ? ILE A 42  LYS A 49  1 ? 8  
HELX_P HELX_P3 H3 GLY A 66  ? LEU A 82  ? GLY A 66  LEU A 82  1 ? 17 
HELX_P HELX_P4 H4 GLU A 85  ? GLN A 97  ? GLU A 85  GLN A 97  1 ? 13 
HELX_P HELX_P5 H5 ALA A 105 ? ASN A 114 ? ALA A 105 ASN A 114 1 ? 10 
HELX_P HELX_P6 H6 GLY A 119 ? ASN A 127 ? GLY A 119 ASN A 127 1 ? 9  
HELX_P HELX_P7 H7 PHE A 129 ? ASP A 144 ? PHE A 129 ASP A 144 1 ? 16 
HELX_P HELX_P8 H8 PRO A 163 ? GLY A 165 ? PRO A 163 GLY A 165 1 ? 3  
HELX_P HELX_P9 H9 MET A 171 ? SER A 186 ? MET A 171 SER A 186 1 ? 16 
# 
_struct_conf_type.id          HELX_P 
_struct_conf_type.criteria    ? 
_struct_conf_type.reference   ? 
# 
_struct_conn.id                            disulf1 
_struct_conn.conn_type_id                  disulf 
_struct_conn.pdbx_leaving_atom_flag        ? 
_struct_conn.pdbx_PDB_id                   ? 
_struct_conn.ptnr1_label_asym_id           A 
_struct_conn.ptnr1_label_comp_id           CYS 
_struct_conn.ptnr1_label_seq_id            30 
_struct_conn.ptnr1_label_atom_id           SG 
_struct_conn.pdbx_ptnr1_label_alt_id       ? 
_struct_conn.pdbx_ptnr1_PDB_ins_code       ? 
_struct_conn.pdbx_ptnr1_standard_comp_id   ? 
_struct_conn.ptnr1_symmetry                1_555 
_struct_conn.ptnr2_label_asym_id           A 
_struct_conn.ptnr2_label_comp_id           CYS 
_struct_conn.ptnr2_label_seq_id            33 
_struct_conn.ptnr2_label_atom_id           SG 
_struct_conn.pdbx_ptnr2_label_alt_id       ? 
_struct_conn.pdbx_ptnr2_PDB_ins_code       ? 
_struct_conn.ptnr1_auth_asym_id            A 
_struct_conn.ptnr1_auth_comp_id            CYS 
_struct_conn.ptnr1_auth_seq_id             30 
_struct_conn.ptnr2_auth_asym_id            A 
_struct_conn.ptnr2_auth_comp_id            CYS 
_struct_conn.ptnr2_auth_seq_id             33 
_struct_conn.ptnr2_symmetry                1_555 
_struct_conn.pdbx_ptnr3_label_atom_id      ? 
_struct_conn.pdbx_ptnr3_label_seq_id       ? 
_struct_conn.pdbx_ptnr3_label_comp_id      ? 
_struct_conn.pdbx_ptnr3_label_asym_id      ? 
_struct_conn.pdbx_ptnr3_label_alt_id       ? 
_struct_conn.pdbx_ptnr3_PDB_ins_code       ? 
_struct_conn.details                       ? 
_struct_conn.pdbx_dist_value               2.029 
_struct_conn.pdbx_value_order              ? 
_struct_conn.pdbx_role                     ? 
# 
_struct_conn_type.id          disulf 
_struct_conn_type.criteria    ? 
_struct_conn_type.reference   ? 
# 
_pdbx_modification_feature.ordinal                            1 
_pdbx_modification_feature.label_comp_id                      CYS 
_pdbx_modification_feature.label_asym_id                      A 
_pdbx_modification_feature.label_seq_id                       30 
_pdbx_modification_feature.label_alt_id                       ? 
_pdbx_modification_feature.modified_residue_label_comp_id     CYS 
_pdbx_modification_feature.modified_residue_label_asym_id     A 
_pdbx_modification_feature.modified_residue_label_seq_id      33 
_pdbx_modification_feature.modified_residue_label_alt_id      ? 
_pdbx_modification_feature.auth_comp_id                       CYS 
_pdbx_modification_feature.auth_asym_id                       A 
_pdbx_modification_feature.auth_seq_id                        30 
_pdbx_modification_feature.PDB_ins_code                       ? 
_pdbx_modification_feature.symmetry                           1_555 
_pdbx_modification_feature.modified_residue_auth_comp_id      CYS 
_pdbx_modification_feature.modified_residue_auth_asym_id      A 
_pdbx_modification_feature.modified_residue_auth_seq_id       33 
_pdbx_modification_feature.modified_residue_PDB_ins_code      ? 
_pdbx_modification_feature.modified_residue_symmetry          1_555 
_pdbx_modification_feature.comp_id_linking_atom               SG 
_pdbx_modification_feature.modified_residue_id_linking_atom   SG 
_pdbx_modification_feature.modified_residue_id                . 
_pdbx_modification_feature.ref_pcm_id                         . 
_pdbx_modification_feature.ref_comp_id                        . 
_pdbx_modification_feature.type                               None 
_pdbx_modification_feature.category                           'Disulfide bridge' 
# 
_struct_mon_prot_cis.pdbx_id                1 
_struct_mon_prot_cis.label_comp_id          VAL 
_struct_mon_prot_cis.label_seq_id           150 
_struct_mon_prot_cis.label_asym_id          A 
_struct_mon_prot_cis.label_alt_id           . 
_struct_mon_prot_cis.pdbx_PDB_ins_code      ? 
_struct_mon_prot_cis.auth_comp_id           VAL 
_struct_mon_prot_cis.auth_seq_id            150 
_struct_mon_prot_cis.auth_asym_id           A 
_struct_mon_prot_cis.pdbx_label_comp_id_2   PRO 
_struct_mon_prot_cis.pdbx_label_seq_id_2    151 
_struct_mon_prot_cis.pdbx_label_asym_id_2   A 
_struct_mon_prot_cis.pdbx_PDB_ins_code_2    ? 
_struct_mon_prot_cis.pdbx_auth_comp_id_2    PRO 
_struct_mon_prot_cis.pdbx_auth_seq_id_2     151 
_struct_mon_prot_cis.pdbx_auth_asym_id_2    A 
_struct_mon_prot_cis.pdbx_PDB_model_num     1 
_struct_mon_prot_cis.pdbx_omega_angle       0.19 
# 
_struct_sheet.id               S1 
_struct_sheet.type             ? 
_struct_sheet.number_strands   1 
_struct_sheet.details          ? 
# 
_struct_sheet_range.sheet_id                S1 
_struct_sheet_range.id                      1 
_struct_sheet_range.beg_label_comp_id       TYR 
_struct_sheet_range.beg_label_asym_id       A 
_struct_sheet_range.beg_label_seq_id        9 
_struct_sheet_range.pdbx_beg_PDB_ins_code   ? 
_struct_sheet_range.end_label_comp_id       THR 
_struct_sheet_range.end_label_asym_id       A 
_struct_sheet_range.end_label_seq_id        11 
_struct_sheet_range.pdbx_end_PDB_ins_code   ? 
_struct_sheet_range.beg_auth_comp_id        TYR 
_struct_sheet_range.beg_auth_asym_id        A 
_struct_sheet_range.beg_auth_seq_id         9 
_struct_sheet_range.end_auth_comp_id        THR 
_struct_sheet_range.end_auth_asym_id        A 
_struct_sheet_range.end_auth_seq_id         11 
# 
_struct_site.id                   CAA 
_struct_site.pdbx_evidence_code   Unknown 
_struct_site.pdbx_auth_asym_id    ? 
_struct_site.pdbx_auth_comp_id    ? 
_struct_site.pdbx_auth_seq_id     ? 
_struct_site.pdbx_auth_ins_code   ? 
_struct_site.pdbx_num_residues    4 
_struct_site.details              'THE ACTIVE SITE.' 
# 
loop_
_struct_site_gen.id 
_struct_site_gen.site_id 
_struct_site_gen.pdbx_num_res 
_struct_site_gen.label_comp_id 
_struct_site_gen.label_asym_id 
_struct_site_gen.label_seq_id 
_struct_site_gen.pdbx_auth_ins_code 
_struct_site_gen.auth_comp_id 
_struct_site_gen.auth_asym_id 
_struct_site_gen.auth_seq_id 
_struct_site_gen.label_atom_id 
_struct_site_gen.label_alt_id 
_struct_site_gen.symmetry 
_struct_site_gen.details 
1 CAA 4 CYS A 30 ? CYS A 30 . ? 1_555 ? 
2 CAA 4 PRO A 31 ? PRO A 31 . ? 1_555 ? 
3 CAA 4 HIS A 32 ? HIS A 32 . ? 1_555 ? 
4 CAA 4 CYS A 33 ? CYS A 33 . ? 1_555 ? 
# 
_pdbx_entry_details.entry_id                   1A2J 
_pdbx_entry_details.compound_details           ? 
_pdbx_entry_details.source_details             ? 
_pdbx_entry_details.nonpolymer_details         ? 
_pdbx_entry_details.sequence_details           ? 
_pdbx_entry_details.has_ligand_of_interest     ? 
_pdbx_entry_details.has_protein_modification   Y 
# 
loop_
_pdbx_validate_torsion.id 
_pdbx_validate_torsion.PDB_model_num 
_pdbx_validate_torsion.auth_comp_id 
_pdbx_validate_torsion.auth_asym_id 
_pdbx_validate_torsion.auth_seq_id 
_pdbx_validate_torsion.PDB_ins_code 
_pdbx_validate_torsion.label_alt_id 
_pdbx_validate_torsion.phi 
_pdbx_validate_torsion.psi 
1 1 LYS A 7  ? ? -87.98  -87.20 
2 1 PHE A 29 ? ? -100.96 41.63  
3 1 VAL A 39 ? ? -91.01  -69.89 
# 
_pdbx_unobs_or_zero_occ_residues.id               1 
_pdbx_unobs_or_zero_occ_residues.PDB_model_num    1 
_pdbx_unobs_or_zero_occ_residues.polymer_flag     Y 
_pdbx_unobs_or_zero_occ_residues.occupancy_flag   1 
_pdbx_unobs_or_zero_occ_residues.auth_asym_id     A 
_pdbx_unobs_or_zero_occ_residues.auth_comp_id     LYS 
_pdbx_unobs_or_zero_occ_residues.auth_seq_id      189 
_pdbx_unobs_or_zero_occ_residues.PDB_ins_code     ? 
_pdbx_unobs_or_zero_occ_residues.label_asym_id    A 
_pdbx_unobs_or_zero_occ_residues.label_comp_id    LYS 
_pdbx_unobs_or_zero_occ_residues.label_seq_id     189 
# 
loop_
_chem_comp_atom.comp_id 
_chem_comp_atom.atom_id 
_chem_comp_atom.type_symbol 
_chem_comp_atom.pdbx_aromatic_flag 
_chem_comp_atom.pdbx_stereo_config 
_chem_comp_atom.pdbx_ordinal 
ALA N    N N N 1   
ALA CA   C N S 2   
ALA C    C N N 3   
ALA O    O N N 4   
ALA CB   C N N 5   
ALA OXT  O N N 6   
ALA H    H N N 7   
ALA H2   H N N 8   
ALA HA   H N N 9   
ALA HB1  H N N 10  
ALA HB2  H N N 11  
ALA HB3  H N N 12  
ALA HXT  H N N 13  
ARG N    N N N 14  
ARG CA   C N S 15  
ARG C    C N N 16  
ARG O    O N N 17  
ARG CB   C N N 18  
ARG CG   C N N 19  
ARG CD   C N N 20  
ARG NE   N N N 21  
ARG CZ   C N N 22  
ARG NH1  N N N 23  
ARG NH2  N N N 24  
ARG OXT  O N N 25  
ARG H    H N N 26  
ARG H2   H N N 27  
ARG HA   H N N 28  
ARG HB2  H N N 29  
ARG HB3  H N N 30  
ARG HG2  H N N 31  
ARG HG3  H N N 32  
ARG HD2  H N N 33  
ARG HD3  H N N 34  
ARG HE   H N N 35  
ARG HH11 H N N 36  
ARG HH12 H N N 37  
ARG HH21 H N N 38  
ARG HH22 H N N 39  
ARG HXT  H N N 40  
ASN N    N N N 41  
ASN CA   C N S 42  
ASN C    C N N 43  
ASN O    O N N 44  
ASN CB   C N N 45  
ASN CG   C N N 46  
ASN OD1  O N N 47  
ASN ND2  N N N 48  
ASN OXT  O N N 49  
ASN H    H N N 50  
ASN H2   H N N 51  
ASN HA   H N N 52  
ASN HB2  H N N 53  
ASN HB3  H N N 54  
ASN HD21 H N N 55  
ASN HD22 H N N 56  
ASN HXT  H N N 57  
ASP N    N N N 58  
ASP CA   C N S 59  
ASP C    C N N 60  
ASP O    O N N 61  
ASP CB   C N N 62  
ASP CG   C N N 63  
ASP OD1  O N N 64  
ASP OD2  O N N 65  
ASP OXT  O N N 66  
ASP H    H N N 67  
ASP H2   H N N 68  
ASP HA   H N N 69  
ASP HB2  H N N 70  
ASP HB3  H N N 71  
ASP HD2  H N N 72  
ASP HXT  H N N 73  
CYS N    N N N 74  
CYS CA   C N R 75  
CYS C    C N N 76  
CYS O    O N N 77  
CYS CB   C N N 78  
CYS SG   S N N 79  
CYS OXT  O N N 80  
CYS H    H N N 81  
CYS H2   H N N 82  
CYS HA   H N N 83  
CYS HB2  H N N 84  
CYS HB3  H N N 85  
CYS HG   H N N 86  
CYS HXT  H N N 87  
GLN N    N N N 88  
GLN CA   C N S 89  
GLN C    C N N 90  
GLN O    O N N 91  
GLN CB   C N N 92  
GLN CG   C N N 93  
GLN CD   C N N 94  
GLN OE1  O N N 95  
GLN NE2  N N N 96  
GLN OXT  O N N 97  
GLN H    H N N 98  
GLN H2   H N N 99  
GLN HA   H N N 100 
GLN HB2  H N N 101 
GLN HB3  H N N 102 
GLN HG2  H N N 103 
GLN HG3  H N N 104 
GLN HE21 H N N 105 
GLN HE22 H N N 106 
GLN HXT  H N N 107 
GLU N    N N N 108 
GLU CA   C N S 109 
GLU C    C N N 110 
GLU O    O N N 111 
GLU CB   C N N 112 
GLU CG   C N N 113 
GLU CD   C N N 114 
GLU OE1  O N N 115 
GLU OE2  O N N 116 
GLU OXT  O N N 117 
GLU H    H N N 118 
GLU H2   H N N 119 
GLU HA   H N N 120 
GLU HB2  H N N 121 
GLU HB3  H N N 122 
GLU HG2  H N N 123 
GLU HG3  H N N 124 
GLU HE2  H N N 125 
GLU HXT  H N N 126 
GLY N    N N N 127 
GLY CA   C N N 128 
GLY C    C N N 129 
GLY O    O N N 130 
GLY OXT  O N N 131 
GLY H    H N N 132 
GLY H2   H N N 133 
GLY HA2  H N N 134 
GLY HA3  H N N 135 
GLY HXT  H N N 136 
HIS N    N N N 137 
HIS CA   C N S 138 
HIS C    C N N 139 
HIS O    O N N 140 
HIS CB   C N N 141 
HIS CG   C Y N 142 
HIS ND1  N Y N 143 
HIS CD2  C Y N 144 
HIS CE1  C Y N 145 
HIS NE2  N Y N 146 
HIS OXT  O N N 147 
HIS H    H N N 148 
HIS H2   H N N 149 
HIS HA   H N N 150 
HIS HB2  H N N 151 
HIS HB3  H N N 152 
HIS HD1  H N N 153 
HIS HD2  H N N 154 
HIS HE1  H N N 155 
HIS HE2  H N N 156 
HIS HXT  H N N 157 
HOH O    O N N 158 
HOH H1   H N N 159 
HOH H2   H N N 160 
ILE N    N N N 161 
ILE CA   C N S 162 
ILE C    C N N 163 
ILE O    O N N 164 
ILE CB   C N S 165 
ILE CG1  C N N 166 
ILE CG2  C N N 167 
ILE CD1  C N N 168 
ILE OXT  O N N 169 
ILE H    H N N 170 
ILE H2   H N N 171 
ILE HA   H N N 172 
ILE HB   H N N 173 
ILE HG12 H N N 174 
ILE HG13 H N N 175 
ILE HG21 H N N 176 
ILE HG22 H N N 177 
ILE HG23 H N N 178 
ILE HD11 H N N 179 
ILE HD12 H N N 180 
ILE HD13 H N N 181 
ILE HXT  H N N 182 
LEU N    N N N 183 
LEU CA   C N S 184 
LEU C    C N N 185 
LEU O    O N N 186 
LEU CB   C N N 187 
LEU CG   C N N 188 
LEU CD1  C N N 189 
LEU CD2  C N N 190 
LEU OXT  O N N 191 
LEU H    H N N 192 
LEU H2   H N N 193 
LEU HA   H N N 194 
LEU HB2  H N N 195 
LEU HB3  H N N 196 
LEU HG   H N N 197 
LEU HD11 H N N 198 
LEU HD12 H N N 199 
LEU HD13 H N N 200 
LEU HD21 H N N 201 
LEU HD22 H N N 202 
LEU HD23 H N N 203 
LEU HXT  H N N 204 
LYS N    N N N 205 
LYS CA   C N S 206 
LYS C    C N N 207 
LYS O    O N N 208 
LYS CB   C N N 209 
LYS CG   C N N 210 
LYS CD   C N N 211 
LYS CE   C N N 212 
LYS NZ   N N N 213 
LYS OXT  O N N 214 
LYS H    H N N 215 
LYS H2   H N N 216 
LYS HA   H N N 217 
LYS HB2  H N N 218 
LYS HB3  H N N 219 
LYS HG2  H N N 220 
LYS HG3  H N N 221 
LYS HD2  H N N 222 
LYS HD3  H N N 223 
LYS HE2  H N N 224 
LYS HE3  H N N 225 
LYS HZ1  H N N 226 
LYS HZ2  H N N 227 
LYS HZ3  H N N 228 
LYS HXT  H N N 229 
MET N    N N N 230 
MET CA   C N S 231 
MET C    C N N 232 
MET O    O N N 233 
MET CB   C N N 234 
MET CG   C N N 235 
MET SD   S N N 236 
MET CE   C N N 237 
MET OXT  O N N 238 
MET H    H N N 239 
MET H2   H N N 240 
MET HA   H N N 241 
MET HB2  H N N 242 
MET HB3  H N N 243 
MET HG2  H N N 244 
MET HG3  H N N 245 
MET HE1  H N N 246 
MET HE2  H N N 247 
MET HE3  H N N 248 
MET HXT  H N N 249 
PHE N    N N N 250 
PHE CA   C N S 251 
PHE C    C N N 252 
PHE O    O N N 253 
PHE CB   C N N 254 
PHE CG   C Y N 255 
PHE CD1  C Y N 256 
PHE CD2  C Y N 257 
PHE CE1  C Y N 258 
PHE CE2  C Y N 259 
PHE CZ   C Y N 260 
PHE OXT  O N N 261 
PHE H    H N N 262 
PHE H2   H N N 263 
PHE HA   H N N 264 
PHE HB2  H N N 265 
PHE HB3  H N N 266 
PHE HD1  H N N 267 
PHE HD2  H N N 268 
PHE HE1  H N N 269 
PHE HE2  H N N 270 
PHE HZ   H N N 271 
PHE HXT  H N N 272 
PRO N    N N N 273 
PRO CA   C N S 274 
PRO C    C N N 275 
PRO O    O N N 276 
PRO CB   C N N 277 
PRO CG   C N N 278 
PRO CD   C N N 279 
PRO OXT  O N N 280 
PRO H    H N N 281 
PRO HA   H N N 282 
PRO HB2  H N N 283 
PRO HB3  H N N 284 
PRO HG2  H N N 285 
PRO HG3  H N N 286 
PRO HD2  H N N 287 
PRO HD3  H N N 288 
PRO HXT  H N N 289 
SER N    N N N 290 
SER CA   C N S 291 
SER C    C N N 292 
SER O    O N N 293 
SER CB   C N N 294 
SER OG   O N N 295 
SER OXT  O N N 296 
SER H    H N N 297 
SER H2   H N N 298 
SER HA   H N N 299 
SER HB2  H N N 300 
SER HB3  H N N 301 
SER HG   H N N 302 
SER HXT  H N N 303 
THR N    N N N 304 
THR CA   C N S 305 
THR C    C N N 306 
THR O    O N N 307 
THR CB   C N R 308 
THR OG1  O N N 309 
THR CG2  C N N 310 
THR OXT  O N N 311 
THR H    H N N 312 
THR H2   H N N 313 
THR HA   H N N 314 
THR HB   H N N 315 
THR HG1  H N N 316 
THR HG21 H N N 317 
THR HG22 H N N 318 
THR HG23 H N N 319 
THR HXT  H N N 320 
TRP N    N N N 321 
TRP CA   C N S 322 
TRP C    C N N 323 
TRP O    O N N 324 
TRP CB   C N N 325 
TRP CG   C Y N 326 
TRP CD1  C Y N 327 
TRP CD2  C Y N 328 
TRP NE1  N Y N 329 
TRP CE2  C Y N 330 
TRP CE3  C Y N 331 
TRP CZ2  C Y N 332 
TRP CZ3  C Y N 333 
TRP CH2  C Y N 334 
TRP OXT  O N N 335 
TRP H    H N N 336 
TRP H2   H N N 337 
TRP HA   H N N 338 
TRP HB2  H N N 339 
TRP HB3  H N N 340 
TRP HD1  H N N 341 
TRP HE1  H N N 342 
TRP HE3  H N N 343 
TRP HZ2  H N N 344 
TRP HZ3  H N N 345 
TRP HH2  H N N 346 
TRP HXT  H N N 347 
TYR N    N N N 348 
TYR CA   C N S 349 
TYR C    C N N 350 
TYR O    O N N 351 
TYR CB   C N N 352 
TYR CG   C Y N 353 
TYR CD1  C Y N 354 
TYR CD2  C Y N 355 
TYR CE1  C Y N 356 
TYR CE2  C Y N 357 
TYR CZ   C Y N 358 
TYR OH   O N N 359 
TYR OXT  O N N 360 
TYR H    H N N 361 
TYR H2   H N N 362 
TYR HA   H N N 363 
TYR HB2  H N N 364 
TYR HB3  H N N 365 
TYR HD1  H N N 366 
TYR HD2  H N N 367 
TYR HE1  H N N 368 
TYR HE2  H N N 369 
TYR HH   H N N 370 
TYR HXT  H N N 371 
VAL N    N N N 372 
VAL CA   C N S 373 
VAL C    C N N 374 
VAL O    O N N 375 
VAL CB   C N N 376 
VAL CG1  C N N 377 
VAL CG2  C N N 378 
VAL OXT  O N N 379 
VAL H    H N N 380 
VAL H2   H N N 381 
VAL HA   H N N 382 
VAL HB   H N N 383 
VAL HG11 H N N 384 
VAL HG12 H N N 385 
VAL HG13 H N N 386 
VAL HG21 H N N 387 
VAL HG22 H N N 388 
VAL HG23 H N N 389 
VAL HXT  H N N 390 
# 
loop_
_chem_comp_bond.comp_id 
_chem_comp_bond.atom_id_1 
_chem_comp_bond.atom_id_2 
_chem_comp_bond.value_order 
_chem_comp_bond.pdbx_aromatic_flag 
_chem_comp_bond.pdbx_stereo_config 
_chem_comp_bond.pdbx_ordinal 
ALA N   CA   sing N N 1   
ALA N   H    sing N N 2   
ALA N   H2   sing N N 3   
ALA CA  C    sing N N 4   
ALA CA  CB   sing N N 5   
ALA CA  HA   sing N N 6   
ALA C   O    doub N N 7   
ALA C   OXT  sing N N 8   
ALA CB  HB1  sing N N 9   
ALA CB  HB2  sing N N 10  
ALA CB  HB3  sing N N 11  
ALA OXT HXT  sing N N 12  
ARG N   CA   sing N N 13  
ARG N   H    sing N N 14  
ARG N   H2   sing N N 15  
ARG CA  C    sing N N 16  
ARG CA  CB   sing N N 17  
ARG CA  HA   sing N N 18  
ARG C   O    doub N N 19  
ARG C   OXT  sing N N 20  
ARG CB  CG   sing N N 21  
ARG CB  HB2  sing N N 22  
ARG CB  HB3  sing N N 23  
ARG CG  CD   sing N N 24  
ARG CG  HG2  sing N N 25  
ARG CG  HG3  sing N N 26  
ARG CD  NE   sing N N 27  
ARG CD  HD2  sing N N 28  
ARG CD  HD3  sing N N 29  
ARG NE  CZ   sing N N 30  
ARG NE  HE   sing N N 31  
ARG CZ  NH1  sing N N 32  
ARG CZ  NH2  doub N N 33  
ARG NH1 HH11 sing N N 34  
ARG NH1 HH12 sing N N 35  
ARG NH2 HH21 sing N N 36  
ARG NH2 HH22 sing N N 37  
ARG OXT HXT  sing N N 38  
ASN N   CA   sing N N 39  
ASN N   H    sing N N 40  
ASN N   H2   sing N N 41  
ASN CA  C    sing N N 42  
ASN CA  CB   sing N N 43  
ASN CA  HA   sing N N 44  
ASN C   O    doub N N 45  
ASN C   OXT  sing N N 46  
ASN CB  CG   sing N N 47  
ASN CB  HB2  sing N N 48  
ASN CB  HB3  sing N N 49  
ASN CG  OD1  doub N N 50  
ASN CG  ND2  sing N N 51  
ASN ND2 HD21 sing N N 52  
ASN ND2 HD22 sing N N 53  
ASN OXT HXT  sing N N 54  
ASP N   CA   sing N N 55  
ASP N   H    sing N N 56  
ASP N   H2   sing N N 57  
ASP CA  C    sing N N 58  
ASP CA  CB   sing N N 59  
ASP CA  HA   sing N N 60  
ASP C   O    doub N N 61  
ASP C   OXT  sing N N 62  
ASP CB  CG   sing N N 63  
ASP CB  HB2  sing N N 64  
ASP CB  HB3  sing N N 65  
ASP CG  OD1  doub N N 66  
ASP CG  OD2  sing N N 67  
ASP OD2 HD2  sing N N 68  
ASP OXT HXT  sing N N 69  
CYS N   CA   sing N N 70  
CYS N   H    sing N N 71  
CYS N   H2   sing N N 72  
CYS CA  C    sing N N 73  
CYS CA  CB   sing N N 74  
CYS CA  HA   sing N N 75  
CYS C   O    doub N N 76  
CYS C   OXT  sing N N 77  
CYS CB  SG   sing N N 78  
CYS CB  HB2  sing N N 79  
CYS CB  HB3  sing N N 80  
CYS SG  HG   sing N N 81  
CYS OXT HXT  sing N N 82  
GLN N   CA   sing N N 83  
GLN N   H    sing N N 84  
GLN N   H2   sing N N 85  
GLN CA  C    sing N N 86  
GLN CA  CB   sing N N 87  
GLN CA  HA   sing N N 88  
GLN C   O    doub N N 89  
GLN C   OXT  sing N N 90  
GLN CB  CG   sing N N 91  
GLN CB  HB2  sing N N 92  
GLN CB  HB3  sing N N 93  
GLN CG  CD   sing N N 94  
GLN CG  HG2  sing N N 95  
GLN CG  HG3  sing N N 96  
GLN CD  OE1  doub N N 97  
GLN CD  NE2  sing N N 98  
GLN NE2 HE21 sing N N 99  
GLN NE2 HE22 sing N N 100 
GLN OXT HXT  sing N N 101 
GLU N   CA   sing N N 102 
GLU N   H    sing N N 103 
GLU N   H2   sing N N 104 
GLU CA  C    sing N N 105 
GLU CA  CB   sing N N 106 
GLU CA  HA   sing N N 107 
GLU C   O    doub N N 108 
GLU C   OXT  sing N N 109 
GLU CB  CG   sing N N 110 
GLU CB  HB2  sing N N 111 
GLU CB  HB3  sing N N 112 
GLU CG  CD   sing N N 113 
GLU CG  HG2  sing N N 114 
GLU CG  HG3  sing N N 115 
GLU CD  OE1  doub N N 116 
GLU CD  OE2  sing N N 117 
GLU OE2 HE2  sing N N 118 
GLU OXT HXT  sing N N 119 
GLY N   CA   sing N N 120 
GLY N   H    sing N N 121 
GLY N   H2   sing N N 122 
GLY CA  C    sing N N 123 
GLY CA  HA2  sing N N 124 
GLY CA  HA3  sing N N 125 
GLY C   O    doub N N 126 
GLY C   OXT  sing N N 127 
GLY OXT HXT  sing N N 128 
HIS N   CA   sing N N 129 
HIS N   H    sing N N 130 
HIS N   H2   sing N N 131 
HIS CA  C    sing N N 132 
HIS CA  CB   sing N N 133 
HIS CA  HA   sing N N 134 
HIS C   O    doub N N 135 
HIS C   OXT  sing N N 136 
HIS CB  CG   sing N N 137 
HIS CB  HB2  sing N N 138 
HIS CB  HB3  sing N N 139 
HIS CG  ND1  sing Y N 140 
HIS CG  CD2  doub Y N 141 
HIS ND1 CE1  doub Y N 142 
HIS ND1 HD1  sing N N 143 
HIS CD2 NE2  sing Y N 144 
HIS CD2 HD2  sing N N 145 
HIS CE1 NE2  sing Y N 146 
HIS CE1 HE1  sing N N 147 
HIS NE2 HE2  sing N N 148 
HIS OXT HXT  sing N N 149 
HOH O   H1   sing N N 150 
HOH O   H2   sing N N 151 
ILE N   CA   sing N N 152 
ILE N   H    sing N N 153 
ILE N   H2   sing N N 154 
ILE CA  C    sing N N 155 
ILE CA  CB   sing N N 156 
ILE CA  HA   sing N N 157 
ILE C   O    doub N N 158 
ILE C   OXT  sing N N 159 
ILE CB  CG1  sing N N 160 
ILE CB  CG2  sing N N 161 
ILE CB  HB   sing N N 162 
ILE CG1 CD1  sing N N 163 
ILE CG1 HG12 sing N N 164 
ILE CG1 HG13 sing N N 165 
ILE CG2 HG21 sing N N 166 
ILE CG2 HG22 sing N N 167 
ILE CG2 HG23 sing N N 168 
ILE CD1 HD11 sing N N 169 
ILE CD1 HD12 sing N N 170 
ILE CD1 HD13 sing N N 171 
ILE OXT HXT  sing N N 172 
LEU N   CA   sing N N 173 
LEU N   H    sing N N 174 
LEU N   H2   sing N N 175 
LEU CA  C    sing N N 176 
LEU CA  CB   sing N N 177 
LEU CA  HA   sing N N 178 
LEU C   O    doub N N 179 
LEU C   OXT  sing N N 180 
LEU CB  CG   sing N N 181 
LEU CB  HB2  sing N N 182 
LEU CB  HB3  sing N N 183 
LEU CG  CD1  sing N N 184 
LEU CG  CD2  sing N N 185 
LEU CG  HG   sing N N 186 
LEU CD1 HD11 sing N N 187 
LEU CD1 HD12 sing N N 188 
LEU CD1 HD13 sing N N 189 
LEU CD2 HD21 sing N N 190 
LEU CD2 HD22 sing N N 191 
LEU CD2 HD23 sing N N 192 
LEU OXT HXT  sing N N 193 
LYS N   CA   sing N N 194 
LYS N   H    sing N N 195 
LYS N   H2   sing N N 196 
LYS CA  C    sing N N 197 
LYS CA  CB   sing N N 198 
LYS CA  HA   sing N N 199 
LYS C   O    doub N N 200 
LYS C   OXT  sing N N 201 
LYS CB  CG   sing N N 202 
LYS CB  HB2  sing N N 203 
LYS CB  HB3  sing N N 204 
LYS CG  CD   sing N N 205 
LYS CG  HG2  sing N N 206 
LYS CG  HG3  sing N N 207 
LYS CD  CE   sing N N 208 
LYS CD  HD2  sing N N 209 
LYS CD  HD3  sing N N 210 
LYS CE  NZ   sing N N 211 
LYS CE  HE2  sing N N 212 
LYS CE  HE3  sing N N 213 
LYS NZ  HZ1  sing N N 214 
LYS NZ  HZ2  sing N N 215 
LYS NZ  HZ3  sing N N 216 
LYS OXT HXT  sing N N 217 
MET N   CA   sing N N 218 
MET N   H    sing N N 219 
MET N   H2   sing N N 220 
MET CA  C    sing N N 221 
MET CA  CB   sing N N 222 
MET CA  HA   sing N N 223 
MET C   O    doub N N 224 
MET C   OXT  sing N N 225 
MET CB  CG   sing N N 226 
MET CB  HB2  sing N N 227 
MET CB  HB3  sing N N 228 
MET CG  SD   sing N N 229 
MET CG  HG2  sing N N 230 
MET CG  HG3  sing N N 231 
MET SD  CE   sing N N 232 
MET CE  HE1  sing N N 233 
MET CE  HE2  sing N N 234 
MET CE  HE3  sing N N 235 
MET OXT HXT  sing N N 236 
PHE N   CA   sing N N 237 
PHE N   H    sing N N 238 
PHE N   H2   sing N N 239 
PHE CA  C    sing N N 240 
PHE CA  CB   sing N N 241 
PHE CA  HA   sing N N 242 
PHE C   O    doub N N 243 
PHE C   OXT  sing N N 244 
PHE CB  CG   sing N N 245 
PHE CB  HB2  sing N N 246 
PHE CB  HB3  sing N N 247 
PHE CG  CD1  doub Y N 248 
PHE CG  CD2  sing Y N 249 
PHE CD1 CE1  sing Y N 250 
PHE CD1 HD1  sing N N 251 
PHE CD2 CE2  doub Y N 252 
PHE CD2 HD2  sing N N 253 
PHE CE1 CZ   doub Y N 254 
PHE CE1 HE1  sing N N 255 
PHE CE2 CZ   sing Y N 256 
PHE CE2 HE2  sing N N 257 
PHE CZ  HZ   sing N N 258 
PHE OXT HXT  sing N N 259 
PRO N   CA   sing N N 260 
PRO N   CD   sing N N 261 
PRO N   H    sing N N 262 
PRO CA  C    sing N N 263 
PRO CA  CB   sing N N 264 
PRO CA  HA   sing N N 265 
PRO C   O    doub N N 266 
PRO C   OXT  sing N N 267 
PRO CB  CG   sing N N 268 
PRO CB  HB2  sing N N 269 
PRO CB  HB3  sing N N 270 
PRO CG  CD   sing N N 271 
PRO CG  HG2  sing N N 272 
PRO CG  HG3  sing N N 273 
PRO CD  HD2  sing N N 274 
PRO CD  HD3  sing N N 275 
PRO OXT HXT  sing N N 276 
SER N   CA   sing N N 277 
SER N   H    sing N N 278 
SER N   H2   sing N N 279 
SER CA  C    sing N N 280 
SER CA  CB   sing N N 281 
SER CA  HA   sing N N 282 
SER C   O    doub N N 283 
SER C   OXT  sing N N 284 
SER CB  OG   sing N N 285 
SER CB  HB2  sing N N 286 
SER CB  HB3  sing N N 287 
SER OG  HG   sing N N 288 
SER OXT HXT  sing N N 289 
THR N   CA   sing N N 290 
THR N   H    sing N N 291 
THR N   H2   sing N N 292 
THR CA  C    sing N N 293 
THR CA  CB   sing N N 294 
THR CA  HA   sing N N 295 
THR C   O    doub N N 296 
THR C   OXT  sing N N 297 
THR CB  OG1  sing N N 298 
THR CB  CG2  sing N N 299 
THR CB  HB   sing N N 300 
THR OG1 HG1  sing N N 301 
THR CG2 HG21 sing N N 302 
THR CG2 HG22 sing N N 303 
THR CG2 HG23 sing N N 304 
THR OXT HXT  sing N N 305 
TRP N   CA   sing N N 306 
TRP N   H    sing N N 307 
TRP N   H2   sing N N 308 
TRP CA  C    sing N N 309 
TRP CA  CB   sing N N 310 
TRP CA  HA   sing N N 311 
TRP C   O    doub N N 312 
TRP C   OXT  sing N N 313 
TRP CB  CG   sing N N 314 
TRP CB  HB2  sing N N 315 
TRP CB  HB3  sing N N 316 
TRP CG  CD1  doub Y N 317 
TRP CG  CD2  sing Y N 318 
TRP CD1 NE1  sing Y N 319 
TRP CD1 HD1  sing N N 320 
TRP CD2 CE2  doub Y N 321 
TRP CD2 CE3  sing Y N 322 
TRP NE1 CE2  sing Y N 323 
TRP NE1 HE1  sing N N 324 
TRP CE2 CZ2  sing Y N 325 
TRP CE3 CZ3  doub Y N 326 
TRP CE3 HE3  sing N N 327 
TRP CZ2 CH2  doub Y N 328 
TRP CZ2 HZ2  sing N N 329 
TRP CZ3 CH2  sing Y N 330 
TRP CZ3 HZ3  sing N N 331 
TRP CH2 HH2  sing N N 332 
TRP OXT HXT  sing N N 333 
TYR N   CA   sing N N 334 
TYR N   H    sing N N 335 
TYR N   H2   sing N N 336 
TYR CA  C    sing N N 337 
TYR CA  CB   sing N N 338 
TYR CA  HA   sing N N 339 
TYR C   O    doub N N 340 
TYR C   OXT  sing N N 341 
TYR CB  CG   sing N N 342 
TYR CB  HB2  sing N N 343 
TYR CB  HB3  sing N N 344 
TYR CG  CD1  doub Y N 345 
TYR CG  CD2  sing Y N 346 
TYR CD1 CE1  sing Y N 347 
TYR CD1 HD1  sing N N 348 
TYR CD2 CE2  doub Y N 349 
TYR CD2 HD2  sing N N 350 
TYR CE1 CZ   doub Y N 351 
TYR CE1 HE1  sing N N 352 
TYR CE2 CZ   sing Y N 353 
TYR CE2 HE2  sing N N 354 
TYR CZ  OH   sing N N 355 
TYR OH  HH   sing N N 356 
TYR OXT HXT  sing N N 357 
VAL N   CA   sing N N 358 
VAL N   H    sing N N 359 
VAL N   H2   sing N N 360 
VAL CA  C    sing N N 361 
VAL CA  CB   sing N N 362 
VAL CA  HA   sing N N 363 
VAL C   O    doub N N 364 
VAL C   OXT  sing N N 365 
VAL CB  CG1  sing N N 366 
VAL CB  CG2  sing N N 367 
VAL CB  HB   sing N N 368 
VAL CG1 HG11 sing N N 369 
VAL CG1 HG12 sing N N 370 
VAL CG1 HG13 sing N N 371 
VAL CG2 HG21 sing N N 372 
VAL CG2 HG22 sing N N 373 
VAL CG2 HG23 sing N N 374 
VAL OXT HXT  sing N N 375 
# 
_pdbx_initial_refinement_model.id               1 
_pdbx_initial_refinement_model.entity_id_list   ? 
_pdbx_initial_refinement_model.type             'experimental model' 
_pdbx_initial_refinement_model.source_name      PDB 
_pdbx_initial_refinement_model.accession_code   1FVK 
_pdbx_initial_refinement_model.details          'PDB ENTRY 1FVK' 
# 
_atom_sites.entry_id                    1A2J 
_atom_sites.fract_transf_matrix[1][1]   0.01073639 
_atom_sites.fract_transf_matrix[1][2]   0.02413947 
_atom_sites.fract_transf_matrix[1][3]   0.00351772 
_atom_sites.fract_transf_matrix[2][1]   0.00151123 
_atom_sites.fract_transf_matrix[2][2]   0.00213832 
_atom_sites.fract_transf_matrix[2][3]   -0.01928606 
_atom_sites.fract_transf_matrix[3][1]   -0.01925584 
_atom_sites.fract_transf_matrix[3][2]   0.01458469 
_atom_sites.fract_transf_matrix[3][3]   0.00010819 
_atom_sites.fract_transf_vector[1]      1.434064 
_atom_sites.fract_transf_vector[2]      -0.108163 
_atom_sites.fract_transf_vector[3]      1.245270 
# 
loop_
_atom_type.symbol 
C 
N 
O 
S 
# 
loop_
_atom_site.group_PDB 
_atom_site.id 
_atom_site.type_symbol 
_atom_site.label_atom_id 
_atom_site.label_alt_id 
_atom_site.label_comp_id 
_atom_site.label_asym_id 
_atom_site.label_entity_id 
_atom_site.label_seq_id 
_atom_site.pdbx_PDB_ins_code 
_atom_site.Cartn_x 
_atom_site.Cartn_y 
_atom_site.Cartn_z 
_atom_site.occupancy 
_atom_site.B_iso_or_equiv 
_atom_site.pdbx_formal_charge 
_atom_site.auth_seq_id 
_atom_site.auth_comp_id 
_atom_site.auth_asym_id 
_atom_site.auth_atom_id 
_atom_site.pdbx_PDB_model_num 
ATOM   1    N N   . ALA A 1 1   ? 7.004   -27.041 -9.841  1.00 50.96 ? 1   ALA A N   1 
ATOM   2    C CA  . ALA A 1 1   ? 7.311   -26.586 -8.455  1.00 50.43 ? 1   ALA A CA  1 
ATOM   3    C C   . ALA A 1 1   ? 6.010   -26.221 -7.747  1.00 48.83 ? 1   ALA A C   1 
ATOM   4    O O   . ALA A 1 1   ? 4.941   -26.242 -8.362  1.00 49.41 ? 1   ALA A O   1 
ATOM   5    C CB  . ALA A 1 1   ? 8.253   -25.384 -8.494  1.00 47.80 ? 1   ALA A CB  1 
ATOM   6    N N   . GLN A 1 2   ? 6.106   -25.915 -6.455  1.00 45.37 ? 2   GLN A N   1 
ATOM   7    C CA  . GLN A 1 2   ? 4.944   -25.540 -5.655  1.00 41.77 ? 2   GLN A CA  1 
ATOM   8    C C   . GLN A 1 2   ? 4.450   -24.172 -6.120  1.00 39.97 ? 2   GLN A C   1 
ATOM   9    O O   . GLN A 1 2   ? 3.248   -23.929 -6.217  1.00 39.33 ? 2   GLN A O   1 
ATOM   10   C CB  . GLN A 1 2   ? 5.334   -25.503 -4.174  1.00 40.32 ? 2   GLN A CB  1 
ATOM   11   C CG  . GLN A 1 2   ? 4.166   -25.394 -3.205  1.00 38.56 ? 2   GLN A CG  1 
ATOM   12   C CD  . GLN A 1 2   ? 4.574   -25.697 -1.774  1.00 37.80 ? 2   GLN A CD  1 
ATOM   13   O OE1 . GLN A 1 2   ? 5.721   -26.067 -1.507  1.00 37.01 ? 2   GLN A OE1 1 
ATOM   14   N NE2 . GLN A 1 2   ? 3.637   -25.565 -0.847  1.00 35.57 ? 2   GLN A NE2 1 
ATOM   15   N N   . TYR A 1 3   ? 5.396   -23.281 -6.394  1.00 38.67 ? 3   TYR A N   1 
ATOM   16   C CA  . TYR A 1 3   ? 5.095   -21.939 -6.879  1.00 37.73 ? 3   TYR A CA  1 
ATOM   17   C C   . TYR A 1 3   ? 5.739   -21.855 -8.250  1.00 37.29 ? 3   TYR A C   1 
ATOM   18   O O   . TYR A 1 3   ? 6.890   -22.263 -8.425  1.00 38.60 ? 3   TYR A O   1 
ATOM   19   C CB  . TYR A 1 3   ? 5.701   -20.876 -5.959  1.00 35.27 ? 3   TYR A CB  1 
ATOM   20   C CG  . TYR A 1 3   ? 5.260   -20.988 -4.521  1.00 34.03 ? 3   TYR A CG  1 
ATOM   21   C CD1 . TYR A 1 3   ? 4.060   -20.425 -4.094  1.00 31.75 ? 3   TYR A CD1 1 
ATOM   22   C CD2 . TYR A 1 3   ? 6.033   -21.680 -3.589  1.00 34.72 ? 3   TYR A CD2 1 
ATOM   23   C CE1 . TYR A 1 3   ? 3.636   -20.554 -2.776  1.00 33.27 ? 3   TYR A CE1 1 
ATOM   24   C CE2 . TYR A 1 3   ? 5.619   -21.813 -2.267  1.00 32.60 ? 3   TYR A CE2 1 
ATOM   25   C CZ  . TYR A 1 3   ? 4.420   -21.249 -1.871  1.00 31.44 ? 3   TYR A CZ  1 
ATOM   26   O OH  . TYR A 1 3   ? 3.993   -21.401 -0.575  1.00 33.85 ? 3   TYR A OH  1 
ATOM   27   N N   . GLU A 1 4   ? 4.997   -21.353 -9.226  1.00 36.58 ? 4   GLU A N   1 
ATOM   28   C CA  . GLU A 1 4   ? 5.520   -21.244 -10.579 1.00 36.73 ? 4   GLU A CA  1 
ATOM   29   C C   . GLU A 1 4   ? 5.103   -19.930 -11.212 1.00 36.25 ? 4   GLU A C   1 
ATOM   30   O O   . GLU A 1 4   ? 4.054   -19.367 -10.869 1.00 35.60 ? 4   GLU A O   1 
ATOM   31   C CB  . GLU A 1 4   ? 5.029   -22.419 -11.428 1.00 36.47 ? 4   GLU A CB  1 
ATOM   32   N N   . ASP A 1 5   ? 5.944   -19.423 -12.108 1.00 35.58 ? 5   ASP A N   1 
ATOM   33   C CA  . ASP A 1 5   ? 5.638   -18.183 -12.801 1.00 36.95 ? 5   ASP A CA  1 
ATOM   34   C C   . ASP A 1 5   ? 4.406   -18.446 -13.656 1.00 35.28 ? 5   ASP A C   1 
ATOM   35   O O   . ASP A 1 5   ? 4.311   -19.479 -14.324 1.00 34.65 ? 5   ASP A O   1 
ATOM   36   C CB  . ASP A 1 5   ? 6.810   -17.735 -13.678 1.00 40.86 ? 5   ASP A CB  1 
ATOM   37   C CG  . ASP A 1 5   ? 6.522   -16.434 -14.408 1.00 45.58 ? 5   ASP A CG  1 
ATOM   38   O OD1 . ASP A 1 5   ? 6.547   -15.368 -13.760 1.00 47.48 ? 5   ASP A OD1 1 
ATOM   39   O OD2 . ASP A 1 5   ? 6.248   -16.477 -15.628 1.00 49.18 ? 5   ASP A OD2 1 
ATOM   40   N N   . GLY A 1 6   ? 3.458   -17.519 -13.611 1.00 32.84 ? 6   GLY A N   1 
ATOM   41   C CA  . GLY A 1 6   ? 2.230   -17.674 -14.364 1.00 32.73 ? 6   GLY A CA  1 
ATOM   42   C C   . GLY A 1 6   ? 1.088   -18.026 -13.431 1.00 32.15 ? 6   GLY A C   1 
ATOM   43   O O   . GLY A 1 6   ? -0.042  -17.581 -13.633 1.00 34.72 ? 6   GLY A O   1 
ATOM   44   N N   . LYS A 1 7   ? 1.380   -18.793 -12.383 1.00 32.29 ? 7   LYS A N   1 
ATOM   45   C CA  . LYS A 1 7   ? 0.344   -19.184 -11.435 1.00 32.93 ? 7   LYS A CA  1 
ATOM   46   C C   . LYS A 1 7   ? 0.165   -18.157 -10.311 1.00 30.52 ? 7   LYS A C   1 
ATOM   47   O O   . LYS A 1 7   ? -0.648  -17.238 -10.437 1.00 30.41 ? 7   LYS A O   1 
ATOM   48   C CB  . LYS A 1 7   ? 0.621   -20.578 -10.853 1.00 35.79 ? 7   LYS A CB  1 
ATOM   49   C CG  . LYS A 1 7   ? -0.644  -21.314 -10.408 1.00 40.85 ? 7   LYS A CG  1 
ATOM   50   C CD  . LYS A 1 7   ? -0.377  -22.437 -9.400  1.00 45.77 ? 7   LYS A CD  1 
ATOM   51   C CE  . LYS A 1 7   ? 0.531   -23.538 -9.943  1.00 50.96 ? 7   LYS A CE  1 
ATOM   52   N NZ  . LYS A 1 7   ? 1.979   -23.171 -9.939  1.00 55.78 ? 7   LYS A NZ  1 
ATOM   53   N N   . GLN A 1 8   ? 0.945   -18.285 -9.238  1.00 26.70 ? 8   GLN A N   1 
ATOM   54   C CA  . GLN A 1 8   ? 0.832   -17.369 -8.102  1.00 25.39 ? 8   GLN A CA  1 
ATOM   55   C C   . GLN A 1 8   ? 1.439   -15.983 -8.321  1.00 22.28 ? 8   GLN A C   1 
ATOM   56   O O   . GLN A 1 8   ? 1.145   -15.055 -7.571  1.00 20.44 ? 8   GLN A O   1 
ATOM   57   C CB  . GLN A 1 8   ? 1.429   -17.988 -6.832  1.00 25.35 ? 8   GLN A CB  1 
ATOM   58   C CG  . GLN A 1 8   ? 0.810   -19.309 -6.403  1.00 27.30 ? 8   GLN A CG  1 
ATOM   59   C CD  . GLN A 1 8   ? 1.512   -20.507 -7.013  1.00 28.99 ? 8   GLN A CD  1 
ATOM   60   O OE1 . GLN A 1 8   ? 2.343   -20.367 -7.913  1.00 31.70 ? 8   GLN A OE1 1 
ATOM   61   N NE2 . GLN A 1 8   ? 1.193   -21.693 -6.516  1.00 33.72 ? 8   GLN A NE2 1 
ATOM   62   N N   . TYR A 1 9   ? 2.291   -15.842 -9.331  1.00 19.83 ? 9   TYR A N   1 
ATOM   63   C CA  . TYR A 1 9   ? 2.931   -14.559 -9.613  1.00 22.06 ? 9   TYR A CA  1 
ATOM   64   C C   . TYR A 1 9   ? 3.407   -14.501 -11.059 1.00 22.79 ? 9   TYR A C   1 
ATOM   65   O O   . TYR A 1 9   ? 3.594   -15.537 -11.697 1.00 23.50 ? 9   TYR A O   1 
ATOM   66   C CB  . TYR A 1 9   ? 4.143   -14.361 -8.695  1.00 18.90 ? 9   TYR A CB  1 
ATOM   67   C CG  . TYR A 1 9   ? 5.276   -15.326 -8.982  1.00 19.13 ? 9   TYR A CG  1 
ATOM   68   C CD1 . TYR A 1 9   ? 5.247   -16.631 -8.489  1.00 19.89 ? 9   TYR A CD1 1 
ATOM   69   C CD2 . TYR A 1 9   ? 6.351   -14.948 -9.786  1.00 20.87 ? 9   TYR A CD2 1 
ATOM   70   C CE1 . TYR A 1 9   ? 6.257   -17.536 -8.791  1.00 21.75 ? 9   TYR A CE1 1 
ATOM   71   C CE2 . TYR A 1 9   ? 7.368   -15.848 -10.097 1.00 22.40 ? 9   TYR A CE2 1 
ATOM   72   C CZ  . TYR A 1 9   ? 7.313   -17.141 -9.598  1.00 24.63 ? 9   TYR A CZ  1 
ATOM   73   O OH  . TYR A 1 9   ? 8.299   -18.047 -9.917  1.00 26.45 ? 9   TYR A OH  1 
ATOM   74   N N   . THR A 1 10  ? 3.604   -13.289 -11.567 1.00 25.02 ? 10  THR A N   1 
ATOM   75   C CA  . THR A 1 10  ? 4.102   -13.089 -12.924 1.00 23.14 ? 10  THR A CA  1 
ATOM   76   C C   . THR A 1 10  ? 5.388   -12.272 -12.830 1.00 24.97 ? 10  THR A C   1 
ATOM   77   O O   . THR A 1 10  ? 5.636   -11.615 -11.818 1.00 27.27 ? 10  THR A O   1 
ATOM   78   C CB  . THR A 1 10  ? 3.084   -12.352 -13.812 1.00 21.40 ? 10  THR A CB  1 
ATOM   79   O OG1 . THR A 1 10  ? 2.653   -11.152 -13.159 1.00 24.39 ? 10  THR A OG1 1 
ATOM   80   C CG2 . THR A 1 10  ? 1.884   -13.241 -14.089 1.00 24.55 ? 10  THR A CG2 1 
ATOM   81   N N   . THR A 1 11  ? 6.229   -12.361 -13.851 1.00 25.56 ? 11  THR A N   1 
ATOM   82   C CA  . THR A 1 11  ? 7.483   -11.624 -13.866 1.00 27.63 ? 11  THR A CA  1 
ATOM   83   C C   . THR A 1 11  ? 7.350   -10.389 -14.752 1.00 31.28 ? 11  THR A C   1 
ATOM   84   O O   . THR A 1 11  ? 6.789   -10.459 -15.851 1.00 32.74 ? 11  THR A O   1 
ATOM   85   C CB  . THR A 1 11  ? 8.633   -12.508 -14.384 1.00 27.84 ? 11  THR A CB  1 
ATOM   86   O OG1 . THR A 1 11  ? 8.764   -13.659 -13.540 1.00 27.97 ? 11  THR A OG1 1 
ATOM   87   C CG2 . THR A 1 11  ? 9.949   -11.746 -14.382 1.00 30.19 ? 11  THR A CG2 1 
ATOM   88   N N   . LEU A 1 12  ? 7.836   -9.256  -14.251 1.00 30.44 ? 12  LEU A N   1 
ATOM   89   C CA  . LEU A 1 12  ? 7.792   -7.999  -14.991 1.00 29.36 ? 12  LEU A CA  1 
ATOM   90   C C   . LEU A 1 12  ? 8.762   -8.056  -16.165 1.00 30.75 ? 12  LEU A C   1 
ATOM   91   O O   . LEU A 1 12  ? 9.888   -8.541  -16.022 1.00 30.49 ? 12  LEU A O   1 
ATOM   92   C CB  . LEU A 1 12  ? 8.175   -6.833  -14.079 1.00 26.21 ? 12  LEU A CB  1 
ATOM   93   C CG  . LEU A 1 12  ? 7.244   -6.522  -12.910 1.00 27.36 ? 12  LEU A CG  1 
ATOM   94   C CD1 . LEU A 1 12  ? 7.877   -5.465  -12.017 1.00 28.22 ? 12  LEU A CD1 1 
ATOM   95   C CD2 . LEU A 1 12  ? 5.899   -6.053  -13.438 1.00 25.88 ? 12  LEU A CD2 1 
ATOM   96   N N   . GLU A 1 13  ? 8.321   -7.555  -17.318 1.00 31.95 ? 13  GLU A N   1 
ATOM   97   C CA  . GLU A 1 13  ? 9.147   -7.534  -18.525 1.00 33.33 ? 13  GLU A CA  1 
ATOM   98   C C   . GLU A 1 13  ? 10.441  -6.760  -18.277 1.00 35.57 ? 13  GLU A C   1 
ATOM   99   O O   . GLU A 1 13  ? 11.510  -7.158  -18.736 1.00 37.27 ? 13  GLU A O   1 
ATOM   100  C CB  . GLU A 1 13  ? 8.374   -6.908  -19.685 1.00 29.55 ? 13  GLU A CB  1 
ATOM   101  N N   . LYS A 1 14  ? 10.331  -5.666  -17.527 1.00 36.97 ? 14  LYS A N   1 
ATOM   102  C CA  . LYS A 1 14  ? 11.472  -4.818  -17.200 1.00 37.19 ? 14  LYS A CA  1 
ATOM   103  C C   . LYS A 1 14  ? 11.612  -4.682  -15.684 1.00 36.11 ? 14  LYS A C   1 
ATOM   104  O O   . LYS A 1 14  ? 10.811  -4.001  -15.042 1.00 36.91 ? 14  LYS A O   1 
ATOM   105  C CB  . LYS A 1 14  ? 11.277  -3.428  -17.812 1.00 39.81 ? 14  LYS A CB  1 
ATOM   106  C CG  . LYS A 1 14  ? 11.152  -3.408  -19.328 1.00 43.72 ? 14  LYS A CG  1 
ATOM   107  C CD  . LYS A 1 14  ? 12.481  -3.710  -19.996 1.00 49.75 ? 14  LYS A CD  1 
ATOM   108  C CE  . LYS A 1 14  ? 12.377  -3.587  -21.506 1.00 52.90 ? 14  LYS A CE  1 
ATOM   109  N NZ  . LYS A 1 14  ? 13.701  -3.778  -22.156 1.00 55.93 ? 14  LYS A NZ  1 
ATOM   110  N N   . PRO A 1 15  ? 12.605  -5.363  -15.087 1.00 35.44 ? 15  PRO A N   1 
ATOM   111  C CA  . PRO A 1 15  ? 12.826  -5.297  -13.637 1.00 34.41 ? 15  PRO A CA  1 
ATOM   112  C C   . PRO A 1 15  ? 13.184  -3.883  -13.175 1.00 34.62 ? 15  PRO A C   1 
ATOM   113  O O   . PRO A 1 15  ? 13.960  -3.181  -13.831 1.00 32.91 ? 15  PRO A O   1 
ATOM   114  C CB  . PRO A 1 15  ? 13.996  -6.261  -13.430 1.00 35.22 ? 15  PRO A CB  1 
ATOM   115  C CG  . PRO A 1 15  ? 13.815  -7.259  -14.533 1.00 37.40 ? 15  PRO A CG  1 
ATOM   116  C CD  . PRO A 1 15  ? 13.491  -6.362  -15.705 1.00 36.38 ? 15  PRO A CD  1 
ATOM   117  N N   . VAL A 1 16  ? 12.602  -3.469  -12.054 1.00 33.51 ? 16  VAL A N   1 
ATOM   118  C CA  . VAL A 1 16  ? 12.844  -2.148  -11.482 1.00 31.92 ? 16  VAL A CA  1 
ATOM   119  C C   . VAL A 1 16  ? 14.015  -2.223  -10.500 1.00 33.75 ? 16  VAL A C   1 
ATOM   120  O O   . VAL A 1 16  ? 13.918  -2.861  -9.450  1.00 35.00 ? 16  VAL A O   1 
ATOM   121  C CB  . VAL A 1 16  ? 11.586  -1.622  -10.744 1.00 29.20 ? 16  VAL A CB  1 
ATOM   122  C CG1 . VAL A 1 16  ? 11.802  -0.186  -10.276 1.00 25.09 ? 16  VAL A CG1 1 
ATOM   123  C CG2 . VAL A 1 16  ? 10.367  -1.717  -11.648 1.00 27.84 ? 16  VAL A CG2 1 
ATOM   124  N N   . ALA A 1 17  ? 15.125  -1.584  -10.851 1.00 33.90 ? 17  ALA A N   1 
ATOM   125  C CA  . ALA A 1 17  ? 16.306  -1.585  -9.995  1.00 34.01 ? 17  ALA A CA  1 
ATOM   126  C C   . ALA A 1 17  ? 16.113  -0.677  -8.782  1.00 34.19 ? 17  ALA A C   1 
ATOM   127  O O   . ALA A 1 17  ? 15.491  0.382   -8.884  1.00 35.67 ? 17  ALA A O   1 
ATOM   128  C CB  . ALA A 1 17  ? 17.530  -1.147  -10.790 1.00 34.59 ? 17  ALA A CB  1 
ATOM   129  N N   . GLY A 1 18  ? 16.619  -1.115  -7.634  1.00 33.48 ? 18  GLY A N   1 
ATOM   130  C CA  . GLY A 1 18  ? 16.516  -0.329  -6.415  1.00 32.56 ? 18  GLY A CA  1 
ATOM   131  C C   . GLY A 1 18  ? 15.124  -0.143  -5.838  1.00 33.39 ? 18  GLY A C   1 
ATOM   132  O O   . GLY A 1 18  ? 14.903  0.761   -5.028  1.00 34.25 ? 18  GLY A O   1 
ATOM   133  N N   . ALA A 1 19  ? 14.179  -0.983  -6.248  1.00 31.40 ? 19  ALA A N   1 
ATOM   134  C CA  . ALA A 1 19  ? 12.814  -0.891  -5.736  1.00 27.45 ? 19  ALA A CA  1 
ATOM   135  C C   . ALA A 1 19  ? 12.761  -1.537  -4.354  1.00 24.14 ? 19  ALA A C   1 
ATOM   136  O O   . ALA A 1 19  ? 13.620  -2.357  -4.014  1.00 24.32 ? 19  ALA A O   1 
ATOM   137  C CB  . ALA A 1 19  ? 11.846  -1.592  -6.687  1.00 24.87 ? 19  ALA A CB  1 
ATOM   138  N N   . PRO A 1 20  ? 11.785  -1.143  -3.518  1.00 22.16 ? 20  PRO A N   1 
ATOM   139  C CA  . PRO A 1 20  ? 11.660  -1.721  -2.174  1.00 20.80 ? 20  PRO A CA  1 
ATOM   140  C C   . PRO A 1 20  ? 11.465  -3.239  -2.282  1.00 20.66 ? 20  PRO A C   1 
ATOM   141  O O   . PRO A 1 20  ? 10.832  -3.717  -3.226  1.00 20.06 ? 20  PRO A O   1 
ATOM   142  C CB  . PRO A 1 20  ? 10.410  -1.033  -1.626  1.00 20.24 ? 20  PRO A CB  1 
ATOM   143  C CG  . PRO A 1 20  ? 10.425  0.300   -2.316  1.00 21.66 ? 20  PRO A CG  1 
ATOM   144  C CD  . PRO A 1 20  ? 10.783  -0.082  -3.730  1.00 19.60 ? 20  PRO A CD  1 
ATOM   145  N N   . GLN A 1 21  ? 12.018  -3.985  -1.326  1.00 22.08 ? 21  GLN A N   1 
ATOM   146  C CA  . GLN A 1 21  ? 11.932  -5.452  -1.312  1.00 24.33 ? 21  GLN A CA  1 
ATOM   147  C C   . GLN A 1 21  ? 10.517  -5.981  -1.533  1.00 21.38 ? 21  GLN A C   1 
ATOM   148  O O   . GLN A 1 21  ? 10.312  -6.928  -2.288  1.00 20.05 ? 21  GLN A O   1 
ATOM   149  C CB  . GLN A 1 21  ? 12.474  -6.006  0.005   1.00 24.90 ? 21  GLN A CB  1 
ATOM   150  C CG  . GLN A 1 21  ? 13.952  -5.750  0.232   1.00 29.55 ? 21  GLN A CG  1 
ATOM   151  C CD  . GLN A 1 21  ? 14.338  -5.903  1.688   1.00 31.17 ? 21  GLN A CD  1 
ATOM   152  O OE1 . GLN A 1 21  ? 13.804  -5.212  2.558   1.00 32.29 ? 21  GLN A OE1 1 
ATOM   153  N NE2 . GLN A 1 21  ? 15.263  -6.809  1.964   1.00 31.37 ? 21  GLN A NE2 1 
ATOM   154  N N   . VAL A 1 22  ? 9.557   -5.401  -0.822  1.00 18.63 ? 22  VAL A N   1 
ATOM   155  C CA  . VAL A 1 22  ? 8.157   -5.791  -0.942  1.00 18.01 ? 22  VAL A CA  1 
ATOM   156  C C   . VAL A 1 22  ? 7.375   -4.487  -1.003  1.00 15.86 ? 22  VAL A C   1 
ATOM   157  O O   . VAL A 1 22  ? 7.340   -3.729  -0.031  1.00 17.98 ? 22  VAL A O   1 
ATOM   158  C CB  . VAL A 1 22  ? 7.690   -6.647  0.273   1.00 16.80 ? 22  VAL A CB  1 
ATOM   159  C CG1 . VAL A 1 22  ? 6.219   -7.021  0.128   1.00 17.19 ? 22  VAL A CG1 1 
ATOM   160  C CG2 . VAL A 1 22  ? 8.540   -7.906  0.391   1.00 13.02 ? 22  VAL A CG2 1 
ATOM   161  N N   . LEU A 1 23  ? 6.793   -4.200  -2.161  1.00 11.43 ? 23  LEU A N   1 
ATOM   162  C CA  . LEU A 1 23  ? 6.045   -2.969  -2.349  1.00 12.19 ? 23  LEU A CA  1 
ATOM   163  C C   . LEU A 1 23  ? 4.565   -3.265  -2.564  1.00 14.02 ? 23  LEU A C   1 
ATOM   164  O O   . LEU A 1 23  ? 4.204   -4.087  -3.409  1.00 13.06 ? 23  LEU A O   1 
ATOM   165  C CB  . LEU A 1 23  ? 6.587   -2.223  -3.574  1.00 14.03 ? 23  LEU A CB  1 
ATOM   166  C CG  . LEU A 1 23  ? 6.670   -0.690  -3.586  1.00 18.51 ? 23  LEU A CG  1 
ATOM   167  C CD1 . LEU A 1 23  ? 6.947   -0.238  -5.009  1.00 16.11 ? 23  LEU A CD1 1 
ATOM   168  C CD2 . LEU A 1 23  ? 5.404   -0.044  -3.073  1.00 16.85 ? 23  LEU A CD2 1 
ATOM   169  N N   . GLU A 1 24  ? 3.710   -2.580  -1.819  1.00 12.45 ? 24  GLU A N   1 
ATOM   170  C CA  . GLU A 1 24  ? 2.279   -2.759  -1.966  1.00 11.64 ? 24  GLU A CA  1 
ATOM   171  C C   . GLU A 1 24  ? 1.672   -1.437  -2.387  1.00 13.00 ? 24  GLU A C   1 
ATOM   172  O O   . GLU A 1 24  ? 2.047   -0.390  -1.859  1.00 15.34 ? 24  GLU A O   1 
ATOM   173  C CB  . GLU A 1 24  ? 1.644   -3.189  -0.651  1.00 12.08 ? 24  GLU A CB  1 
ATOM   174  C CG  . GLU A 1 24  ? 0.139   -3.355  -0.765  1.00 14.49 ? 24  GLU A CG  1 
ATOM   175  C CD  . GLU A 1 24  ? -0.554  -3.374  0.572   1.00 15.35 ? 24  GLU A CD  1 
ATOM   176  O OE1 . GLU A 1 24  ? -0.049  -4.041  1.496   1.00 16.83 ? 24  GLU A OE1 1 
ATOM   177  O OE2 . GLU A 1 24  ? -1.606  -2.717  0.696   1.00 21.22 ? 24  GLU A OE2 1 
ATOM   178  N N   . PHE A 1 25  ? 0.759   -1.477  -3.353  1.00 9.56  ? 25  PHE A N   1 
ATOM   179  C CA  . PHE A 1 25  ? 0.080   -0.272  -3.819  1.00 9.43  ? 25  PHE A CA  1 
ATOM   180  C C   . PHE A 1 25  ? -1.381  -0.351  -3.408  1.00 12.01 ? 25  PHE A C   1 
ATOM   181  O O   . PHE A 1 25  ? -2.014  -1.405  -3.532  1.00 8.78  ? 25  PHE A O   1 
ATOM   182  C CB  . PHE A 1 25  ? 0.172   -0.132  -5.341  1.00 8.20  ? 25  PHE A CB  1 
ATOM   183  C CG  . PHE A 1 25  ? 1.540   0.247   -5.841  1.00 8.28  ? 25  PHE A CG  1 
ATOM   184  C CD1 . PHE A 1 25  ? 1.918   1.585   -5.922  1.00 7.33  ? 25  PHE A CD1 1 
ATOM   185  C CD2 . PHE A 1 25  ? 2.441   -0.731  -6.253  1.00 6.97  ? 25  PHE A CD2 1 
ATOM   186  C CE1 . PHE A 1 25  ? 3.177   1.943   -6.411  1.00 5.55  ? 25  PHE A CE1 1 
ATOM   187  C CE2 . PHE A 1 25  ? 3.703   -0.383  -6.745  1.00 10.21 ? 25  PHE A CE2 1 
ATOM   188  C CZ  . PHE A 1 25  ? 4.069   0.960   -6.824  1.00 5.84  ? 25  PHE A CZ  1 
ATOM   189  N N   . PHE A 1 26  ? -1.923  0.766   -2.943  1.00 11.29 ? 26  PHE A N   1 
ATOM   190  C CA  . PHE A 1 26  ? -3.312  0.800   -2.524  1.00 11.91 ? 26  PHE A CA  1 
ATOM   191  C C   . PHE A 1 26  ? -3.851  2.215   -2.599  1.00 11.75 ? 26  PHE A C   1 
ATOM   192  O O   . PHE A 1 26  ? -3.138  3.156   -2.948  1.00 10.53 ? 26  PHE A O   1 
ATOM   193  C CB  . PHE A 1 26  ? -3.435  0.304   -1.077  1.00 12.52 ? 26  PHE A CB  1 
ATOM   194  C CG  . PHE A 1 26  ? -2.975  1.309   -0.053  1.00 14.50 ? 26  PHE A CG  1 
ATOM   195  C CD1 . PHE A 1 26  ? -1.618  1.529   0.168   1.00 12.66 ? 26  PHE A CD1 1 
ATOM   196  C CD2 . PHE A 1 26  ? -3.904  2.051   0.678   1.00 15.43 ? 26  PHE A CD2 1 
ATOM   197  C CE1 . PHE A 1 26  ? -1.194  2.471   1.096   1.00 13.50 ? 26  PHE A CE1 1 
ATOM   198  C CE2 . PHE A 1 26  ? -3.490  2.998   1.609   1.00 12.21 ? 26  PHE A CE2 1 
ATOM   199  C CZ  . PHE A 1 26  ? -2.131  3.208   1.818   1.00 11.10 ? 26  PHE A CZ  1 
ATOM   200  N N   . SER A 1 27  ? -5.116  2.354   -2.227  1.00 10.96 ? 27  SER A N   1 
ATOM   201  C CA  . SER A 1 27  ? -5.795  3.636   -2.187  1.00 11.67 ? 27  SER A CA  1 
ATOM   202  C C   . SER A 1 27  ? -6.919  3.514   -1.164  1.00 14.60 ? 27  SER A C   1 
ATOM   203  O O   . SER A 1 27  ? -7.539  2.457   -1.037  1.00 12.06 ? 27  SER A O   1 
ATOM   204  C CB  . SER A 1 27  ? -6.380  4.003   -3.548  1.00 10.96 ? 27  SER A CB  1 
ATOM   205  O OG  . SER A 1 27  ? -7.164  5.178   -3.432  1.00 12.48 ? 27  SER A OG  1 
ATOM   206  N N   . PHE A 1 28  ? -7.147  4.581   -0.406  1.00 12.76 ? 28  PHE A N   1 
ATOM   207  C CA  . PHE A 1 28  ? -8.211  4.587   0.589   1.00 14.33 ? 28  PHE A CA  1 
ATOM   208  C C   . PHE A 1 28  ? -9.562  4.667   -0.116  1.00 14.01 ? 28  PHE A C   1 
ATOM   209  O O   . PHE A 1 28  ? -10.603 4.435   0.489   1.00 15.75 ? 28  PHE A O   1 
ATOM   210  C CB  . PHE A 1 28  ? -8.039  5.770   1.548   1.00 11.71 ? 28  PHE A CB  1 
ATOM   211  C CG  . PHE A 1 28  ? -6.844  5.647   2.443   1.00 13.37 ? 28  PHE A CG  1 
ATOM   212  C CD1 . PHE A 1 28  ? -6.838  4.728   3.489   1.00 11.59 ? 28  PHE A CD1 1 
ATOM   213  C CD2 . PHE A 1 28  ? -5.716  6.433   2.234   1.00 12.44 ? 28  PHE A CD2 1 
ATOM   214  C CE1 . PHE A 1 28  ? -5.727  4.589   4.318   1.00 12.54 ? 28  PHE A CE1 1 
ATOM   215  C CE2 . PHE A 1 28  ? -4.595  6.306   3.058   1.00 15.49 ? 28  PHE A CE2 1 
ATOM   216  C CZ  . PHE A 1 28  ? -4.601  5.381   4.104   1.00 13.57 ? 28  PHE A CZ  1 
ATOM   217  N N   . PHE A 1 29  ? -9.530  5.015   -1.397  1.00 15.21 ? 29  PHE A N   1 
ATOM   218  C CA  . PHE A 1 29  ? -10.734 5.127   -2.212  1.00 21.82 ? 29  PHE A CA  1 
ATOM   219  C C   . PHE A 1 29  ? -10.841 3.861   -3.061  1.00 22.55 ? 29  PHE A C   1 
ATOM   220  O O   . PHE A 1 29  ? -11.189 3.916   -4.240  1.00 28.51 ? 29  PHE A O   1 
ATOM   221  C CB  . PHE A 1 29  ? -10.616 6.349   -3.123  1.00 24.90 ? 29  PHE A CB  1 
ATOM   222  C CG  . PHE A 1 29  ? -11.675 7.374   -2.899  1.00 29.85 ? 29  PHE A CG  1 
ATOM   223  C CD1 . PHE A 1 29  ? -12.974 7.152   -3.336  1.00 34.50 ? 29  PHE A CD1 1 
ATOM   224  C CD2 . PHE A 1 29  ? -11.375 8.569   -2.255  1.00 35.91 ? 29  PHE A CD2 1 
ATOM   225  C CE1 . PHE A 1 29  ? -13.967 8.104   -3.138  1.00 39.29 ? 29  PHE A CE1 1 
ATOM   226  C CE2 . PHE A 1 29  ? -12.358 9.534   -2.047  1.00 38.70 ? 29  PHE A CE2 1 
ATOM   227  C CZ  . PHE A 1 29  ? -13.658 9.301   -2.491  1.00 43.15 ? 29  PHE A CZ  1 
ATOM   228  N N   . CYS A 1 30  ? -10.550 2.719   -2.450  1.00 19.40 ? 30  CYS A N   1 
ATOM   229  C CA  . CYS A 1 30  ? -10.567 1.448   -3.152  1.00 19.31 ? 30  CYS A CA  1 
ATOM   230  C C   . CYS A 1 30  ? -11.165 0.337   -2.278  1.00 21.39 ? 30  CYS A C   1 
ATOM   231  O O   . CYS A 1 30  ? -10.526 -0.152  -1.344  1.00 20.93 ? 30  CYS A O   1 
ATOM   232  C CB  . CYS A 1 30  ? -9.138  1.131   -3.604  1.00 13.78 ? 30  CYS A CB  1 
ATOM   233  S SG  . CYS A 1 30  ? -8.735  -0.603  -3.940  1.00 16.10 ? 30  CYS A SG  1 
ATOM   234  N N   . PRO A 1 31  ? -12.413 -0.076  -2.580  1.00 22.87 ? 31  PRO A N   1 
ATOM   235  C CA  . PRO A 1 31  ? -13.156 -1.117  -1.857  1.00 19.20 ? 31  PRO A CA  1 
ATOM   236  C C   . PRO A 1 31  ? -12.382 -2.406  -1.619  1.00 16.72 ? 31  PRO A C   1 
ATOM   237  O O   . PRO A 1 31  ? -12.346 -2.917  -0.501  1.00 15.80 ? 31  PRO A O   1 
ATOM   238  C CB  . PRO A 1 31  ? -14.374 -1.348  -2.756  1.00 22.82 ? 31  PRO A CB  1 
ATOM   239  C CG  . PRO A 1 31  ? -14.625 0.019   -3.315  1.00 25.54 ? 31  PRO A CG  1 
ATOM   240  C CD  . PRO A 1 31  ? -13.221 0.453   -3.697  1.00 22.22 ? 31  PRO A CD  1 
ATOM   241  N N   . HIS A 1 32  ? -11.758 -2.926  -2.668  1.00 16.91 ? 32  HIS A N   1 
ATOM   242  C CA  . HIS A 1 32  ? -10.989 -4.160  -2.549  1.00 20.35 ? 32  HIS A CA  1 
ATOM   243  C C   . HIS A 1 32  ? -9.767  -3.967  -1.660  1.00 18.44 ? 32  HIS A C   1 
ATOM   244  O O   . HIS A 1 32  ? -9.294  -4.911  -1.028  1.00 17.20 ? 32  HIS A O   1 
ATOM   245  C CB  . HIS A 1 32  ? -10.594 -4.679  -3.932  1.00 28.50 ? 32  HIS A CB  1 
ATOM   246  C CG  . HIS A 1 32  ? -11.767 -5.095  -4.765  1.00 40.26 ? 32  HIS A CG  1 
ATOM   247  N ND1 . HIS A 1 32  ? -12.058 -6.416  -5.039  1.00 44.68 ? 32  HIS A ND1 1 
ATOM   248  C CD2 . HIS A 1 32  ? -12.754 -4.368  -5.342  1.00 42.87 ? 32  HIS A CD2 1 
ATOM   249  C CE1 . HIS A 1 32  ? -13.174 -6.484  -5.742  1.00 46.73 ? 32  HIS A CE1 1 
ATOM   250  N NE2 . HIS A 1 32  ? -13.616 -5.255  -5.939  1.00 46.23 ? 32  HIS A NE2 1 
ATOM   251  N N   . CYS A 1 33  ? -9.276  -2.732  -1.600  1.00 16.22 ? 33  CYS A N   1 
ATOM   252  C CA  . CYS A 1 33  ? -8.127  -2.395  -0.767  1.00 14.37 ? 33  CYS A CA  1 
ATOM   253  C C   . CYS A 1 33  ? -8.577  -2.410  0.691   1.00 13.18 ? 33  CYS A C   1 
ATOM   254  O O   . CYS A 1 33  ? -7.838  -2.851  1.571   1.00 14.28 ? 33  CYS A O   1 
ATOM   255  C CB  . CYS A 1 33  ? -7.584  -1.020  -1.151  1.00 13.22 ? 33  CYS A CB  1 
ATOM   256  S SG  . CYS A 1 33  ? -7.027  -0.908  -2.886  1.00 15.65 ? 33  CYS A SG  1 
ATOM   257  N N   . TYR A 1 34  ? -9.798  -1.944  0.942   1.00 12.21 ? 34  TYR A N   1 
ATOM   258  C CA  . TYR A 1 34  ? -10.346 -1.946  2.293   1.00 17.65 ? 34  TYR A CA  1 
ATOM   259  C C   . TYR A 1 34  ? -10.390 -3.392  2.786   1.00 17.71 ? 34  TYR A C   1 
ATOM   260  O O   . TYR A 1 34  ? -9.901  -3.701  3.869   1.00 18.97 ? 34  TYR A O   1 
ATOM   261  C CB  . TYR A 1 34  ? -11.757 -1.350  2.308   1.00 17.21 ? 34  TYR A CB  1 
ATOM   262  C CG  . TYR A 1 34  ? -12.396 -1.340  3.679   1.00 25.39 ? 34  TYR A CG  1 
ATOM   263  C CD1 . TYR A 1 34  ? -13.078 -2.456  4.158   1.00 25.06 ? 34  TYR A CD1 1 
ATOM   264  C CD2 . TYR A 1 34  ? -12.307 -0.220  4.507   1.00 27.26 ? 34  TYR A CD2 1 
ATOM   265  C CE1 . TYR A 1 34  ? -13.653 -2.463  5.421   1.00 27.07 ? 34  TYR A CE1 1 
ATOM   266  C CE2 . TYR A 1 34  ? -12.884 -0.216  5.778   1.00 29.06 ? 34  TYR A CE2 1 
ATOM   267  C CZ  . TYR A 1 34  ? -13.555 -1.345  6.226   1.00 28.22 ? 34  TYR A CZ  1 
ATOM   268  O OH  . TYR A 1 34  ? -14.132 -1.367  7.474   1.00 27.50 ? 34  TYR A OH  1 
ATOM   269  N N   . GLN A 1 35  ? -10.976 -4.276  1.982   1.00 21.47 ? 35  GLN A N   1 
ATOM   270  C CA  . GLN A 1 35  ? -11.070 -5.689  2.339   1.00 21.49 ? 35  GLN A CA  1 
ATOM   271  C C   . GLN A 1 35  ? -9.683  -6.273  2.538   1.00 20.72 ? 35  GLN A C   1 
ATOM   272  O O   . GLN A 1 35  ? -9.421  -6.943  3.535   1.00 21.39 ? 35  GLN A O   1 
ATOM   273  C CB  . GLN A 1 35  ? -11.806 -6.484  1.259   1.00 27.13 ? 35  GLN A CB  1 
ATOM   274  C CG  . GLN A 1 35  ? -13.299 -6.204  1.177   1.00 32.55 ? 35  GLN A CG  1 
ATOM   275  C CD  . GLN A 1 35  ? -14.071 -7.377  0.598   1.00 36.48 ? 35  GLN A CD  1 
ATOM   276  O OE1 . GLN A 1 35  ? -13.661 -8.530  0.734   1.00 41.26 ? 35  GLN A OE1 1 
ATOM   277  N NE2 . GLN A 1 35  ? -15.195 -7.090  -0.047  1.00 35.71 ? 35  GLN A NE2 1 
ATOM   278  N N   . PHE A 1 36  ? -8.798  -5.986  1.590   1.00 18.62 ? 36  PHE A N   1 
ATOM   279  C CA  . PHE A 1 36  ? -7.412  -6.449  1.606   1.00 20.45 ? 36  PHE A CA  1 
ATOM   280  C C   . PHE A 1 36  ? -6.724  -6.114  2.939   1.00 18.58 ? 36  PHE A C   1 
ATOM   281  O O   . PHE A 1 36  ? -6.063  -6.962  3.542   1.00 21.46 ? 36  PHE A O   1 
ATOM   282  C CB  . PHE A 1 36  ? -6.671  -5.776  0.442   1.00 21.93 ? 36  PHE A CB  1 
ATOM   283  C CG  . PHE A 1 36  ? -5.334  -6.376  0.116   1.00 21.67 ? 36  PHE A CG  1 
ATOM   284  C CD1 . PHE A 1 36  ? -5.232  -7.421  -0.797  1.00 22.44 ? 36  PHE A CD1 1 
ATOM   285  C CD2 . PHE A 1 36  ? -4.165  -5.837  0.653   1.00 23.75 ? 36  PHE A CD2 1 
ATOM   286  C CE1 . PHE A 1 36  ? -3.986  -7.919  -1.180  1.00 25.35 ? 36  PHE A CE1 1 
ATOM   287  C CE2 . PHE A 1 36  ? -2.914  -6.327  0.279   1.00 21.75 ? 36  PHE A CE2 1 
ATOM   288  C CZ  . PHE A 1 36  ? -2.824  -7.368  -0.641  1.00 25.75 ? 36  PHE A CZ  1 
ATOM   289  N N   . GLU A 1 37  ? -6.924  -4.887  3.410   1.00 20.47 ? 37  GLU A N   1 
ATOM   290  C CA  . GLU A 1 37  ? -6.316  -4.409  4.650   1.00 19.96 ? 37  GLU A CA  1 
ATOM   291  C C   . GLU A 1 37  ? -7.112  -4.672  5.916   1.00 18.06 ? 37  GLU A C   1 
ATOM   292  O O   . GLU A 1 37  ? -6.664  -5.390  6.810   1.00 21.87 ? 37  GLU A O   1 
ATOM   293  C CB  . GLU A 1 37  ? -6.087  -2.897  4.569   1.00 18.48 ? 37  GLU A CB  1 
ATOM   294  C CG  . GLU A 1 37  ? -5.095  -2.457  3.519   1.00 28.00 ? 37  GLU A CG  1 
ATOM   295  C CD  . GLU A 1 37  ? -3.690  -2.913  3.827   1.00 30.54 ? 37  GLU A CD  1 
ATOM   296  O OE1 . GLU A 1 37  ? -3.234  -2.748  4.980   1.00 27.81 ? 37  GLU A OE1 1 
ATOM   297  O OE2 . GLU A 1 37  ? -3.044  -3.443  2.906   1.00 36.82 ? 37  GLU A OE2 1 
ATOM   298  N N   . GLU A 1 38  ? -8.269  -4.028  5.999   1.00 19.97 ? 38  GLU A N   1 
ATOM   299  C CA  . GLU A 1 38  ? -9.148  -4.096  7.157   1.00 21.29 ? 38  GLU A CA  1 
ATOM   300  C C   . GLU A 1 38  ? -9.896  -5.400  7.404   1.00 24.01 ? 38  GLU A C   1 
ATOM   301  O O   . GLU A 1 38  ? -10.112 -5.774  8.558   1.00 26.83 ? 38  GLU A O   1 
ATOM   302  C CB  . GLU A 1 38  ? -10.133 -2.927  7.119   1.00 24.31 ? 38  GLU A CB  1 
ATOM   303  C CG  . GLU A 1 38  ? -9.469  -1.559  6.964   1.00 27.37 ? 38  GLU A CG  1 
ATOM   304  C CD  . GLU A 1 38  ? -8.438  -1.283  8.047   1.00 29.93 ? 38  GLU A CD  1 
ATOM   305  O OE1 . GLU A 1 38  ? -8.842  -1.013  9.197   1.00 32.41 ? 38  GLU A OE1 1 
ATOM   306  O OE2 . GLU A 1 38  ? -7.225  -1.345  7.748   1.00 28.61 ? 38  GLU A OE2 1 
ATOM   307  N N   . VAL A 1 39  ? -10.305 -6.087  6.343   1.00 24.51 ? 39  VAL A N   1 
ATOM   308  C CA  . VAL A 1 39  ? -11.036 -7.338  6.517   1.00 23.72 ? 39  VAL A CA  1 
ATOM   309  C C   . VAL A 1 39  ? -10.105 -8.550  6.553   1.00 24.47 ? 39  VAL A C   1 
ATOM   310  O O   . VAL A 1 39  ? -9.908  -9.159  7.607   1.00 27.11 ? 39  VAL A O   1 
ATOM   311  C CB  . VAL A 1 39  ? -12.128 -7.518  5.426   1.00 22.34 ? 39  VAL A CB  1 
ATOM   312  C CG1 . VAL A 1 39  ? -12.923 -8.794  5.676   1.00 26.11 ? 39  VAL A CG1 1 
ATOM   313  C CG2 . VAL A 1 39  ? -13.071 -6.320  5.423   1.00 23.98 ? 39  VAL A CG2 1 
ATOM   314  N N   . LEU A 1 40  ? -9.509  -8.877  5.411   1.00 23.09 ? 40  LEU A N   1 
ATOM   315  C CA  . LEU A 1 40  ? -8.612  -10.022 5.300   1.00 20.30 ? 40  LEU A CA  1 
ATOM   316  C C   . LEU A 1 40  ? -7.253  -9.854  5.978   1.00 20.27 ? 40  LEU A C   1 
ATOM   317  O O   . LEU A 1 40  ? -6.598  -10.845 6.302   1.00 18.81 ? 40  LEU A O   1 
ATOM   318  C CB  . LEU A 1 40  ? -8.416  -10.403 3.830   1.00 24.17 ? 40  LEU A CB  1 
ATOM   319  C CG  . LEU A 1 40  ? -9.564  -11.124 3.110   1.00 26.38 ? 40  LEU A CG  1 
ATOM   320  C CD1 . LEU A 1 40  ? -10.760 -10.208 2.934   1.00 30.36 ? 40  LEU A CD1 1 
ATOM   321  C CD2 . LEU A 1 40  ? -9.081  -11.604 1.758   1.00 28.31 ? 40  LEU A CD2 1 
ATOM   322  N N   . HIS A 1 41  ? -6.813  -8.611  6.160   1.00 21.07 ? 41  HIS A N   1 
ATOM   323  C CA  . HIS A 1 41  ? -5.527  -8.328  6.803   1.00 21.73 ? 41  HIS A CA  1 
ATOM   324  C C   . HIS A 1 41  ? -4.350  -8.976  6.079   1.00 19.23 ? 41  HIS A C   1 
ATOM   325  O O   . HIS A 1 41  ? -3.416  -9.473  6.715   1.00 17.41 ? 41  HIS A O   1 
ATOM   326  C CB  . HIS A 1 41  ? -5.548  -8.801  8.260   1.00 27.96 ? 41  HIS A CB  1 
ATOM   327  C CG  . HIS A 1 41  ? -6.587  -8.129  9.096   1.00 34.54 ? 41  HIS A CG  1 
ATOM   328  N ND1 . HIS A 1 41  ? -6.622  -6.762  9.286   1.00 38.17 ? 41  HIS A ND1 1 
ATOM   329  C CD2 . HIS A 1 41  ? -7.637  -8.629  9.790   1.00 38.77 ? 41  HIS A CD2 1 
ATOM   330  C CE1 . HIS A 1 41  ? -7.645  -6.451  10.060  1.00 38.52 ? 41  HIS A CE1 1 
ATOM   331  N NE2 . HIS A 1 41  ? -8.279  -7.567  10.380  1.00 40.54 ? 41  HIS A NE2 1 
ATOM   332  N N   . ILE A 1 42  ? -4.372  -8.931  4.750   1.00 18.63 ? 42  ILE A N   1 
ATOM   333  C CA  . ILE A 1 42  ? -3.312  -9.527  3.944   1.00 18.90 ? 42  ILE A CA  1 
ATOM   334  C C   . ILE A 1 42  ? -1.927  -8.990  4.303   1.00 18.55 ? 42  ILE A C   1 
ATOM   335  O O   . ILE A 1 42  ? -0.987  -9.765  4.460   1.00 18.07 ? 42  ILE A O   1 
ATOM   336  C CB  . ILE A 1 42  ? -3.554  -9.315  2.432   1.00 17.63 ? 42  ILE A CB  1 
ATOM   337  C CG1 . ILE A 1 42  ? -4.955  -9.793  2.043   1.00 20.77 ? 42  ILE A CG1 1 
ATOM   338  C CG2 . ILE A 1 42  ? -2.515  -10.086 1.627   1.00 13.72 ? 42  ILE A CG2 1 
ATOM   339  C CD1 . ILE A 1 42  ? -5.144  -11.289 2.137   1.00 24.06 ? 42  ILE A CD1 1 
ATOM   340  N N   . SER A 1 43  ? -1.813  -7.672  4.459   1.00 22.05 ? 43  SER A N   1 
ATOM   341  C CA  . SER A 1 43  ? -0.539  -7.031  4.800   1.00 23.61 ? 43  SER A CA  1 
ATOM   342  C C   . SER A 1 43  ? 0.089   -7.596  6.064   1.00 21.31 ? 43  SER A C   1 
ATOM   343  O O   . SER A 1 43  ? 1.228   -8.058  6.045   1.00 22.09 ? 43  SER A O   1 
ATOM   344  C CB  . SER A 1 43  ? -0.724  -5.527  4.982   1.00 26.25 ? 43  SER A CB  1 
ATOM   345  O OG  . SER A 1 43  ? -1.178  -4.932  3.789   1.00 33.81 ? 43  SER A OG  1 
ATOM   346  N N   . ASP A 1 44  ? -0.658  -7.548  7.163   1.00 20.99 ? 44  ASP A N   1 
ATOM   347  C CA  . ASP A 1 44  ? -0.174  -8.053  8.441   1.00 23.54 ? 44  ASP A CA  1 
ATOM   348  C C   . ASP A 1 44  ? 0.271   -9.507  8.322   1.00 23.85 ? 44  ASP A C   1 
ATOM   349  O O   . ASP A 1 44  ? 1.309   -9.894  8.862   1.00 27.68 ? 44  ASP A O   1 
ATOM   350  C CB  . ASP A 1 44  ? -1.256  -7.912  9.511   1.00 26.50 ? 44  ASP A CB  1 
ATOM   351  C CG  . ASP A 1 44  ? -1.695  -6.477  9.707   1.00 30.62 ? 44  ASP A CG  1 
ATOM   352  O OD1 . ASP A 1 44  ? -0.819  -5.605  9.892   1.00 36.02 ? 44  ASP A OD1 1 
ATOM   353  O OD2 . ASP A 1 44  ? -2.917  -6.215  9.668   1.00 37.10 ? 44  ASP A OD2 1 
ATOM   354  N N   . ASN A 1 45  ? -0.498  -10.304 7.586   1.00 24.08 ? 45  ASN A N   1 
ATOM   355  C CA  . ASN A 1 45  ? -0.165  -11.711 7.387   1.00 22.41 ? 45  ASN A CA  1 
ATOM   356  C C   . ASN A 1 45  ? 1.121   -11.873 6.588   1.00 22.00 ? 45  ASN A C   1 
ATOM   357  O O   . ASN A 1 45  ? 1.940   -12.745 6.887   1.00 22.68 ? 45  ASN A O   1 
ATOM   358  C CB  . ASN A 1 45  ? -1.316  -12.447 6.705   1.00 23.52 ? 45  ASN A CB  1 
ATOM   359  C CG  . ASN A 1 45  ? -2.386  -12.885 7.689   1.00 28.27 ? 45  ASN A CG  1 
ATOM   360  O OD1 . ASN A 1 45  ? -2.248  -13.915 8.348   1.00 32.45 ? 45  ASN A OD1 1 
ATOM   361  N ND2 . ASN A 1 45  ? -3.454  -12.105 7.796   1.00 24.16 ? 45  ASN A ND2 1 
ATOM   362  N N   . VAL A 1 46  ? 1.301   -11.029 5.577   1.00 20.91 ? 46  VAL A N   1 
ATOM   363  C CA  . VAL A 1 46  ? 2.501   -11.075 4.752   1.00 19.75 ? 46  VAL A CA  1 
ATOM   364  C C   . VAL A 1 46  ? 3.709   -10.703 5.611   1.00 19.45 ? 46  VAL A C   1 
ATOM   365  O O   . VAL A 1 46  ? 4.702   -11.432 5.643   1.00 21.25 ? 46  VAL A O   1 
ATOM   366  C CB  . VAL A 1 46  ? 2.389   -10.125 3.536   1.00 18.42 ? 46  VAL A CB  1 
ATOM   367  C CG1 . VAL A 1 46  ? 3.750   -9.949  2.864   1.00 17.53 ? 46  VAL A CG1 1 
ATOM   368  C CG2 . VAL A 1 46  ? 1.383   -10.683 2.530   1.00 15.30 ? 46  VAL A CG2 1 
ATOM   369  N N   . LYS A 1 47  ? 3.593   -9.596  6.341   1.00 21.70 ? 47  LYS A N   1 
ATOM   370  C CA  . LYS A 1 47  ? 4.663   -9.119  7.216   1.00 25.57 ? 47  LYS A CA  1 
ATOM   371  C C   . LYS A 1 47  ? 5.103   -10.181 8.214   1.00 25.65 ? 47  LYS A C   1 
ATOM   372  O O   . LYS A 1 47  ? 6.299   -10.389 8.422   1.00 26.55 ? 47  LYS A O   1 
ATOM   373  C CB  . LYS A 1 47  ? 4.221   -7.864  7.976   1.00 27.58 ? 47  LYS A CB  1 
ATOM   374  C CG  . LYS A 1 47  ? 4.450   -6.564  7.224   1.00 33.89 ? 47  LYS A CG  1 
ATOM   375  C CD  . LYS A 1 47  ? 3.915   -5.361  7.995   1.00 37.29 ? 47  LYS A CD  1 
ATOM   376  C CE  . LYS A 1 47  ? 2.392   -5.373  8.046   1.00 44.71 ? 47  LYS A CE  1 
ATOM   377  N NZ  . LYS A 1 47  ? 1.821   -4.174  8.722   1.00 47.88 ? 47  LYS A NZ  1 
ATOM   378  N N   . LYS A 1 48  ? 4.131   -10.874 8.799   1.00 25.24 ? 48  LYS A N   1 
ATOM   379  C CA  . LYS A 1 48  ? 4.405   -11.918 9.783   1.00 24.92 ? 48  LYS A CA  1 
ATOM   380  C C   . LYS A 1 48  ? 5.267   -13.063 9.247   1.00 24.17 ? 48  LYS A C   1 
ATOM   381  O O   . LYS A 1 48  ? 6.004   -13.695 10.007  1.00 26.53 ? 48  LYS A O   1 
ATOM   382  C CB  . LYS A 1 48  ? 3.095   -12.459 10.352  1.00 25.11 ? 48  LYS A CB  1 
ATOM   383  N N   . LYS A 1 49  ? 5.189   -13.321 7.945   1.00 24.10 ? 49  LYS A N   1 
ATOM   384  C CA  . LYS A 1 49  ? 5.959   -14.404 7.343   1.00 22.99 ? 49  LYS A CA  1 
ATOM   385  C C   . LYS A 1 49  ? 7.203   -13.981 6.563   1.00 23.68 ? 49  LYS A C   1 
ATOM   386  O O   . LYS A 1 49  ? 7.935   -14.838 6.054   1.00 20.86 ? 49  LYS A O   1 
ATOM   387  C CB  . LYS A 1 49  ? 5.059   -15.269 6.458   1.00 25.31 ? 49  LYS A CB  1 
ATOM   388  C CG  . LYS A 1 49  ? 4.034   -16.069 7.236   1.00 28.64 ? 49  LYS A CG  1 
ATOM   389  C CD  . LYS A 1 49  ? 3.320   -17.055 6.340   1.00 35.20 ? 49  LYS A CD  1 
ATOM   390  C CE  . LYS A 1 49  ? 2.443   -17.988 7.148   1.00 36.59 ? 49  LYS A CE  1 
ATOM   391  N NZ  . LYS A 1 49  ? 1.819   -19.027 6.286   1.00 41.22 ? 49  LYS A NZ  1 
ATOM   392  N N   . LEU A 1 50  ? 7.452   -12.677 6.473   1.00 22.38 ? 50  LEU A N   1 
ATOM   393  C CA  . LEU A 1 50  ? 8.623   -12.179 5.748   1.00 24.55 ? 50  LEU A CA  1 
ATOM   394  C C   . LEU A 1 50  ? 9.932   -12.628 6.390   1.00 23.61 ? 50  LEU A C   1 
ATOM   395  O O   . LEU A 1 50  ? 10.048  -12.688 7.615   1.00 24.49 ? 50  LEU A O   1 
ATOM   396  C CB  . LEU A 1 50  ? 8.595   -10.651 5.654   1.00 22.28 ? 50  LEU A CB  1 
ATOM   397  C CG  . LEU A 1 50  ? 7.549   -10.044 4.719   1.00 22.72 ? 50  LEU A CG  1 
ATOM   398  C CD1 . LEU A 1 50  ? 7.594   -8.525  4.796   1.00 21.21 ? 50  LEU A CD1 1 
ATOM   399  C CD2 . LEU A 1 50  ? 7.799   -10.524 3.297   1.00 24.81 ? 50  LEU A CD2 1 
ATOM   400  N N   . PRO A 1 51  ? 10.931  -12.978 5.562   1.00 24.40 ? 51  PRO A N   1 
ATOM   401  C CA  . PRO A 1 51  ? 12.234  -13.419 6.072   1.00 23.59 ? 51  PRO A CA  1 
ATOM   402  C C   . PRO A 1 51  ? 12.913  -12.290 6.848   1.00 22.82 ? 51  PRO A C   1 
ATOM   403  O O   . PRO A 1 51  ? 12.496  -11.129 6.767   1.00 19.81 ? 51  PRO A O   1 
ATOM   404  C CB  . PRO A 1 51  ? 13.010  -13.740 4.791   1.00 23.70 ? 51  PRO A CB  1 
ATOM   405  C CG  . PRO A 1 51  ? 11.931  -14.096 3.807   1.00 22.93 ? 51  PRO A CG  1 
ATOM   406  C CD  . PRO A 1 51  ? 10.893  -13.049 4.092   1.00 23.88 ? 51  PRO A CD  1 
ATOM   407  N N   . GLU A 1 52  ? 13.967  -12.627 7.586   1.00 24.13 ? 52  GLU A N   1 
ATOM   408  C CA  . GLU A 1 52  ? 14.713  -11.638 8.365   1.00 26.59 ? 52  GLU A CA  1 
ATOM   409  C C   . GLU A 1 52  ? 15.330  -10.589 7.449   1.00 23.44 ? 52  GLU A C   1 
ATOM   410  O O   . GLU A 1 52  ? 15.900  -10.923 6.412   1.00 25.33 ? 52  GLU A O   1 
ATOM   411  C CB  . GLU A 1 52  ? 15.844  -12.307 9.145   1.00 24.85 ? 52  GLU A CB  1 
ATOM   412  C CG  . GLU A 1 52  ? 15.401  -13.372 10.113  1.00 27.13 ? 52  GLU A CG  1 
ATOM   413  C CD  . GLU A 1 52  ? 16.557  -13.952 10.894  1.00 28.13 ? 52  GLU A CD  1 
ATOM   414  O OE1 . GLU A 1 52  ? 17.696  -13.941 10.383  1.00 28.60 ? 52  GLU A OE1 1 
ATOM   415  O OE2 . GLU A 1 52  ? 16.326  -14.419 12.027  1.00 34.07 ? 52  GLU A OE2 1 
ATOM   416  N N   . GLY A 1 53  ? 15.213  -9.326  7.838   1.00 25.50 ? 53  GLY A N   1 
ATOM   417  C CA  . GLY A 1 53  ? 15.789  -8.258  7.041   1.00 25.08 ? 53  GLY A CA  1 
ATOM   418  C C   . GLY A 1 53  ? 14.964  -7.821  5.849   1.00 26.96 ? 53  GLY A C   1 
ATOM   419  O O   . GLY A 1 53  ? 15.416  -6.989  5.059   1.00 29.81 ? 53  GLY A O   1 
ATOM   420  N N   . VAL A 1 54  ? 13.774  -8.390  5.686   1.00 22.45 ? 54  VAL A N   1 
ATOM   421  C CA  . VAL A 1 54  ? 12.907  -8.015  4.577   1.00 20.53 ? 54  VAL A CA  1 
ATOM   422  C C   . VAL A 1 54  ? 11.832  -7.074  5.110   1.00 22.75 ? 54  VAL A C   1 
ATOM   423  O O   . VAL A 1 54  ? 11.098  -7.419  6.037   1.00 23.61 ? 54  VAL A O   1 
ATOM   424  C CB  . VAL A 1 54  ? 12.241  -9.244  3.925   1.00 20.49 ? 54  VAL A CB  1 
ATOM   425  C CG1 . VAL A 1 54  ? 11.353  -8.808  2.769   1.00 16.82 ? 54  VAL A CG1 1 
ATOM   426  C CG2 . VAL A 1 54  ? 13.302  -10.217 3.433   1.00 18.58 ? 54  VAL A CG2 1 
ATOM   427  N N   . LYS A 1 55  ? 11.771  -5.873  4.548   1.00 23.05 ? 55  LYS A N   1 
ATOM   428  C CA  . LYS A 1 55  ? 10.799  -4.871  4.967   1.00 22.85 ? 55  LYS A CA  1 
ATOM   429  C C   . LYS A 1 55  ? 9.731   -4.659  3.902   1.00 20.84 ? 55  LYS A C   1 
ATOM   430  O O   . LYS A 1 55  ? 9.975   -4.874  2.712   1.00 18.49 ? 55  LYS A O   1 
ATOM   431  C CB  . LYS A 1 55  ? 11.503  -3.539  5.246   1.00 27.68 ? 55  LYS A CB  1 
ATOM   432  C CG  . LYS A 1 55  ? 12.494  -3.572  6.404   1.00 32.41 ? 55  LYS A CG  1 
ATOM   433  C CD  . LYS A 1 55  ? 11.779  -3.672  7.741   1.00 35.39 ? 55  LYS A CD  1 
ATOM   434  C CE  . LYS A 1 55  ? 12.764  -3.608  8.901   1.00 38.01 ? 55  LYS A CE  1 
ATOM   435  N NZ  . LYS A 1 55  ? 12.064  -3.374  10.193  1.00 36.14 ? 55  LYS A NZ  1 
ATOM   436  N N   . MET A 1 56  ? 8.552   -4.234  4.339   1.00 18.75 ? 56  MET A N   1 
ATOM   437  C CA  . MET A 1 56  ? 7.445   -3.981  3.430   1.00 21.83 ? 56  MET A CA  1 
ATOM   438  C C   . MET A 1 56  ? 7.174   -2.485  3.341   1.00 19.24 ? 56  MET A C   1 
ATOM   439  O O   . MET A 1 56  ? 7.240   -1.775  4.344   1.00 18.93 ? 56  MET A O   1 
ATOM   440  C CB  . MET A 1 56  ? 6.185   -4.706  3.903   1.00 24.09 ? 56  MET A CB  1 
ATOM   441  C CG  . MET A 1 56  ? 5.037   -4.625  2.918   1.00 31.51 ? 56  MET A CG  1 
ATOM   442  S SD  . MET A 1 56  ? 3.599   -5.542  3.455   1.00 39.07 ? 56  MET A SD  1 
ATOM   443  C CE  . MET A 1 56  ? 2.591   -4.216  4.067   1.00 35.40 ? 56  MET A CE  1 
ATOM   444  N N   . THR A 1 57  ? 6.857   -2.019  2.140   1.00 14.73 ? 57  THR A N   1 
ATOM   445  C CA  . THR A 1 57  ? 6.572   -0.613  1.896   1.00 12.98 ? 57  THR A CA  1 
ATOM   446  C C   . THR A 1 57  ? 5.201   -0.506  1.231   1.00 12.04 ? 57  THR A C   1 
ATOM   447  O O   . THR A 1 57  ? 4.846   -1.337  0.398   1.00 13.66 ? 57  THR A O   1 
ATOM   448  C CB  . THR A 1 57  ? 7.637   0.004   0.951   1.00 16.14 ? 57  THR A CB  1 
ATOM   449  O OG1 . THR A 1 57  ? 8.947   -0.197  1.497   1.00 18.29 ? 57  THR A OG1 1 
ATOM   450  C CG2 . THR A 1 57  ? 7.398   1.491   0.765   1.00 16.42 ? 57  THR A CG2 1 
ATOM   451  N N   . LYS A 1 58  ? 4.428   0.504   1.613   1.00 11.23 ? 58  LYS A N   1 
ATOM   452  C CA  . LYS A 1 58  ? 3.107   0.717   1.033   1.00 14.20 ? 58  LYS A CA  1 
ATOM   453  C C   . LYS A 1 58  ? 3.003   2.113   0.433   1.00 11.73 ? 58  LYS A C   1 
ATOM   454  O O   . LYS A 1 58  ? 3.284   3.099   1.111   1.00 12.48 ? 58  LYS A O   1 
ATOM   455  C CB  . LYS A 1 58  ? 2.013   0.521   2.089   1.00 17.62 ? 58  LYS A CB  1 
ATOM   456  C CG  . LYS A 1 58  ? 1.982   -0.880  2.674   1.00 22.56 ? 58  LYS A CG  1 
ATOM   457  C CD  . LYS A 1 58  ? 0.662   -1.200  3.349   1.00 29.53 ? 58  LYS A CD  1 
ATOM   458  C CE  . LYS A 1 58  ? 0.516   -0.530  4.694   1.00 33.48 ? 58  LYS A CE  1 
ATOM   459  N NZ  . LYS A 1 58  ? -0.721  -1.021  5.374   1.00 39.31 ? 58  LYS A NZ  1 
ATOM   460  N N   . TYR A 1 59  ? 2.643   2.181   -0.847  1.00 10.39 ? 59  TYR A N   1 
ATOM   461  C CA  . TYR A 1 59  ? 2.477   3.448   -1.561  1.00 6.51  ? 59  TYR A CA  1 
ATOM   462  C C   . TYR A 1 59  ? 1.014   3.630   -1.943  1.00 10.13 ? 59  TYR A C   1 
ATOM   463  O O   . TYR A 1 59  ? 0.320   2.664   -2.286  1.00 11.20 ? 59  TYR A O   1 
ATOM   464  C CB  . TYR A 1 59  ? 3.316   3.475   -2.844  1.00 8.21  ? 59  TYR A CB  1 
ATOM   465  C CG  . TYR A 1 59  ? 4.805   3.696   -2.658  1.00 8.36  ? 59  TYR A CG  1 
ATOM   466  C CD1 . TYR A 1 59  ? 5.349   3.977   -1.404  1.00 11.01 ? 59  TYR A CD1 1 
ATOM   467  C CD2 . TYR A 1 59  ? 5.672   3.627   -3.751  1.00 12.47 ? 59  TYR A CD2 1 
ATOM   468  C CE1 . TYR A 1 59  ? 6.718   4.183   -1.243  1.00 13.96 ? 59  TYR A CE1 1 
ATOM   469  C CE2 . TYR A 1 59  ? 7.040   3.832   -3.601  1.00 14.77 ? 59  TYR A CE2 1 
ATOM   470  C CZ  . TYR A 1 59  ? 7.556   4.107   -2.347  1.00 15.18 ? 59  TYR A CZ  1 
ATOM   471  O OH  . TYR A 1 59  ? 8.910   4.290   -2.197  1.00 20.19 ? 59  TYR A OH  1 
ATOM   472  N N   . HIS A 1 60  ? 0.556   4.874   -1.897  1.00 6.24  ? 60  HIS A N   1 
ATOM   473  C CA  . HIS A 1 60  ? -0.815  5.220   -2.237  1.00 7.89  ? 60  HIS A CA  1 
ATOM   474  C C   . HIS A 1 60  ? -0.835  5.722   -3.687  1.00 13.07 ? 60  HIS A C   1 
ATOM   475  O O   . HIS A 1 60  ? 0.082   6.422   -4.115  1.00 12.41 ? 60  HIS A O   1 
ATOM   476  C CB  . HIS A 1 60  ? -1.315  6.311   -1.281  1.00 7.47  ? 60  HIS A CB  1 
ATOM   477  C CG  . HIS A 1 60  ? -2.777  6.595   -1.382  1.00 9.02  ? 60  HIS A CG  1 
ATOM   478  N ND1 . HIS A 1 60  ? -3.301  7.530   -2.251  1.00 10.54 ? 60  HIS A ND1 1 
ATOM   479  C CD2 . HIS A 1 60  ? -3.840  6.072   -0.718  1.00 8.26  ? 60  HIS A CD2 1 
ATOM   480  C CE1 . HIS A 1 60  ? -4.611  7.571   -2.121  1.00 10.48 ? 60  HIS A CE1 1 
ATOM   481  N NE2 . HIS A 1 60  ? -4.964  6.694   -1.200  1.00 8.89  ? 60  HIS A NE2 1 
ATOM   482  N N   . VAL A 1 61  ? -1.857  5.326   -4.447  1.00 10.87 ? 61  VAL A N   1 
ATOM   483  C CA  . VAL A 1 61  ? -1.993  5.748   -5.841  1.00 9.69  ? 61  VAL A CA  1 
ATOM   484  C C   . VAL A 1 61  ? -2.895  6.981   -5.918  1.00 10.94 ? 61  VAL A C   1 
ATOM   485  O O   . VAL A 1 61  ? -3.780  7.170   -5.075  1.00 12.65 ? 61  VAL A O   1 
ATOM   486  C CB  . VAL A 1 61  ? -2.532  4.611   -6.744  1.00 7.73  ? 61  VAL A CB  1 
ATOM   487  C CG1 . VAL A 1 61  ? -1.602  3.411   -6.676  1.00 9.17  ? 61  VAL A CG1 1 
ATOM   488  C CG2 . VAL A 1 61  ? -3.934  4.214   -6.332  1.00 10.61 ? 61  VAL A CG2 1 
ATOM   489  N N   . ASN A 1 62  ? -2.687  7.808   -6.934  1.00 12.99 ? 62  ASN A N   1 
ATOM   490  C CA  . ASN A 1 62  ? -3.451  9.040   -7.077  1.00 13.59 ? 62  ASN A CA  1 
ATOM   491  C C   . ASN A 1 62  ? -4.499  9.052   -8.191  1.00 14.18 ? 62  ASN A C   1 
ATOM   492  O O   . ASN A 1 62  ? -5.169  10.067  -8.395  1.00 15.07 ? 62  ASN A O   1 
ATOM   493  C CB  . ASN A 1 62  ? -2.490  10.215  -7.295  1.00 15.23 ? 62  ASN A CB  1 
ATOM   494  C CG  . ASN A 1 62  ? -1.660  10.076  -8.565  1.00 22.44 ? 62  ASN A CG  1 
ATOM   495  O OD1 . ASN A 1 62  ? -1.883  9.181   -9.378  1.00 26.10 ? 62  ASN A OD1 1 
ATOM   496  N ND2 . ASN A 1 62  ? -0.682  10.960  -8.729  1.00 20.82 ? 62  ASN A ND2 1 
ATOM   497  N N   . PHE A 1 63  ? -4.654  7.943   -8.907  1.00 16.60 ? 63  PHE A N   1 
ATOM   498  C CA  . PHE A 1 63  ? -5.626  7.904   -10.000 1.00 17.16 ? 63  PHE A CA  1 
ATOM   499  C C   . PHE A 1 63  ? -7.051  7.508   -9.618  1.00 18.41 ? 63  PHE A C   1 
ATOM   500  O O   . PHE A 1 63  ? -7.895  7.295   -10.489 1.00 23.98 ? 63  PHE A O   1 
ATOM   501  C CB  . PHE A 1 63  ? -5.105  7.065   -11.174 1.00 14.78 ? 63  PHE A CB  1 
ATOM   502  C CG  . PHE A 1 63  ? -4.633  5.682   -10.797 1.00 15.99 ? 63  PHE A CG  1 
ATOM   503  C CD1 . PHE A 1 63  ? -5.543  4.656   -10.571 1.00 16.95 ? 63  PHE A CD1 1 
ATOM   504  C CD2 . PHE A 1 63  ? -3.272  5.396   -10.722 1.00 15.36 ? 63  PHE A CD2 1 
ATOM   505  C CE1 . PHE A 1 63  ? -5.107  3.360   -10.280 1.00 16.79 ? 63  PHE A CE1 1 
ATOM   506  C CE2 . PHE A 1 63  ? -2.825  4.105   -10.434 1.00 19.37 ? 63  PHE A CE2 1 
ATOM   507  C CZ  . PHE A 1 63  ? -3.748  3.084   -10.212 1.00 18.21 ? 63  PHE A CZ  1 
ATOM   508  N N   . MET A 1 64  ? -7.325  7.434   -8.322  1.00 17.18 ? 64  MET A N   1 
ATOM   509  C CA  . MET A 1 64  ? -8.656  7.077   -7.837  1.00 15.26 ? 64  MET A CA  1 
ATOM   510  C C   . MET A 1 64  ? -9.146  8.118   -6.846  1.00 15.90 ? 64  MET A C   1 
ATOM   511  O O   . MET A 1 64  ? -8.360  8.653   -6.064  1.00 19.16 ? 64  MET A O   1 
ATOM   512  C CB  . MET A 1 64  ? -8.633  5.713   -7.145  1.00 15.42 ? 64  MET A CB  1 
ATOM   513  C CG  . MET A 1 64  ? -8.273  4.552   -8.045  1.00 17.49 ? 64  MET A CG  1 
ATOM   514  S SD  . MET A 1 64  ? -8.311  2.993   -7.158  1.00 18.42 ? 64  MET A SD  1 
ATOM   515  C CE  . MET A 1 64  ? -10.069 2.677   -7.141  1.00 17.43 ? 64  MET A CE  1 
ATOM   516  N N   . GLY A 1 65  ? -10.440 8.411   -6.887  1.00 13.81 ? 65  GLY A N   1 
ATOM   517  C CA  . GLY A 1 65  ? -11.015 9.374   -5.963  1.00 18.32 ? 65  GLY A CA  1 
ATOM   518  C C   . GLY A 1 65  ? -10.921 10.837  -6.355  1.00 20.01 ? 65  GLY A C   1 
ATOM   519  O O   . GLY A 1 65  ? -11.164 11.714  -5.523  1.00 21.85 ? 65  GLY A O   1 
ATOM   520  N N   . GLY A 1 66  ? -10.581 11.106  -7.613  1.00 20.77 ? 66  GLY A N   1 
ATOM   521  C CA  . GLY A 1 66  ? -10.473 12.480  -8.084  1.00 23.83 ? 66  GLY A CA  1 
ATOM   522  C C   . GLY A 1 66  ? -9.452  13.307  -7.321  1.00 23.10 ? 66  GLY A C   1 
ATOM   523  O O   . GLY A 1 66  ? -8.388  12.803  -6.957  1.00 23.35 ? 66  GLY A O   1 
ATOM   524  N N   . ASP A 1 67  ? -9.783  14.571  -7.058  1.00 21.56 ? 67  ASP A N   1 
ATOM   525  C CA  . ASP A 1 67  ? -8.881  15.462  -6.331  1.00 23.03 ? 67  ASP A CA  1 
ATOM   526  C C   . ASP A 1 67  ? -8.561  14.969  -4.925  1.00 20.69 ? 67  ASP A C   1 
ATOM   527  O O   . ASP A 1 67  ? -7.427  15.106  -4.460  1.00 19.94 ? 67  ASP A O   1 
ATOM   528  C CB  . ASP A 1 67  ? -9.447  16.887  -6.275  1.00 28.79 ? 67  ASP A CB  1 
ATOM   529  C CG  . ASP A 1 67  ? -9.149  17.692  -7.534  1.00 32.91 ? 67  ASP A CG  1 
ATOM   530  O OD1 . ASP A 1 67  ? -8.529  17.152  -8.479  1.00 35.55 ? 67  ASP A OD1 1 
ATOM   531  O OD2 . ASP A 1 67  ? -9.534  18.879  -7.576  1.00 36.96 ? 67  ASP A OD2 1 
ATOM   532  N N   . LEU A 1 68  ? -9.549  14.389  -4.251  1.00 18.51 ? 68  LEU A N   1 
ATOM   533  C CA  . LEU A 1 68  ? -9.329  13.877  -2.905  1.00 17.42 ? 68  LEU A CA  1 
ATOM   534  C C   . LEU A 1 68  ? -8.282  12.771  -2.973  1.00 16.38 ? 68  LEU A C   1 
ATOM   535  O O   . LEU A 1 68  ? -7.499  12.593  -2.039  1.00 17.84 ? 68  LEU A O   1 
ATOM   536  C CB  . LEU A 1 68  ? -10.623 13.324  -2.303  1.00 21.82 ? 68  LEU A CB  1 
ATOM   537  C CG  . LEU A 1 68  ? -10.946 13.699  -0.851  1.00 22.62 ? 68  LEU A CG  1 
ATOM   538  C CD1 . LEU A 1 68  ? -11.646 12.526  -0.182  1.00 22.46 ? 68  LEU A CD1 1 
ATOM   539  C CD2 . LEU A 1 68  ? -9.688  14.064  -0.075  1.00 22.35 ? 68  LEU A CD2 1 
ATOM   540  N N   . GLY A 1 69  ? -8.266  12.043  -4.087  1.00 14.27 ? 69  GLY A N   1 
ATOM   541  C CA  . GLY A 1 69  ? -7.296  10.975  -4.269  1.00 12.08 ? 69  GLY A CA  1 
ATOM   542  C C   . GLY A 1 69  ? -5.890  11.548  -4.270  1.00 13.40 ? 69  GLY A C   1 
ATOM   543  O O   . GLY A 1 69  ? -4.947  10.925  -3.758  1.00 10.67 ? 69  GLY A O   1 
ATOM   544  N N   . LYS A 1 70  ? -5.750  12.735  -4.859  1.00 13.08 ? 70  LYS A N   1 
ATOM   545  C CA  . LYS A 1 70  ? -4.464  13.428  -4.908  1.00 18.10 ? 70  LYS A CA  1 
ATOM   546  C C   . LYS A 1 70  ? -4.067  13.827  -3.483  1.00 15.71 ? 70  LYS A C   1 
ATOM   547  O O   . LYS A 1 70  ? -2.955  13.538  -3.034  1.00 18.55 ? 70  LYS A O   1 
ATOM   548  C CB  . LYS A 1 70  ? -4.563  14.686  -5.780  1.00 21.12 ? 70  LYS A CB  1 
ATOM   549  C CG  . LYS A 1 70  ? -3.900  14.588  -7.144  1.00 28.20 ? 70  LYS A CG  1 
ATOM   550  C CD  . LYS A 1 70  ? -4.576  13.568  -8.039  1.00 38.51 ? 70  LYS A CD  1 
ATOM   551  C CE  . LYS A 1 70  ? -3.957  13.571  -9.431  1.00 43.53 ? 70  LYS A CE  1 
ATOM   552  N NZ  . LYS A 1 70  ? -4.424  12.425  -10.266 1.00 45.40 ? 70  LYS A NZ  1 
ATOM   553  N N   . ASP A 1 71  ? -5.001  14.447  -2.765  1.00 14.40 ? 71  ASP A N   1 
ATOM   554  C CA  . ASP A 1 71  ? -4.754  14.884  -1.394  1.00 13.83 ? 71  ASP A CA  1 
ATOM   555  C C   . ASP A 1 71  ? -4.407  13.724  -0.471  1.00 15.48 ? 71  ASP A C   1 
ATOM   556  O O   . ASP A 1 71  ? -3.519  13.842  0.372   1.00 15.11 ? 71  ASP A O   1 
ATOM   557  C CB  . ASP A 1 71  ? -5.951  15.673  -0.850  1.00 13.22 ? 71  ASP A CB  1 
ATOM   558  C CG  . ASP A 1 71  ? -6.105  17.037  -1.513  1.00 17.06 ? 71  ASP A CG  1 
ATOM   559  O OD1 . ASP A 1 71  ? -5.077  17.654  -1.858  1.00 19.28 ? 71  ASP A OD1 1 
ATOM   560  O OD2 . ASP A 1 71  ? -7.252  17.497  -1.687  1.00 22.13 ? 71  ASP A OD2 1 
ATOM   561  N N   . LEU A 1 72  ? -5.077  12.590  -0.655  1.00 16.83 ? 72  LEU A N   1 
ATOM   562  C CA  . LEU A 1 72  ? -4.818  11.408  0.164   1.00 15.51 ? 72  LEU A CA  1 
ATOM   563  C C   . LEU A 1 72  ? -3.430  10.846  -0.102  1.00 13.66 ? 72  LEU A C   1 
ATOM   564  O O   . LEU A 1 72  ? -2.827  10.227  0.771   1.00 13.41 ? 72  LEU A O   1 
ATOM   565  C CB  . LEU A 1 72  ? -5.874  10.323  -0.083  1.00 15.19 ? 72  LEU A CB  1 
ATOM   566  C CG  . LEU A 1 72  ? -7.265  10.542  0.523   1.00 16.17 ? 72  LEU A CG  1 
ATOM   567  C CD1 . LEU A 1 72  ? -8.262  9.554   -0.071  1.00 20.53 ? 72  LEU A CD1 1 
ATOM   568  C CD2 . LEU A 1 72  ? -7.201  10.396  2.037   1.00 15.06 ? 72  LEU A CD2 1 
ATOM   569  N N   . THR A 1 73  ? -2.931  11.028  -1.319  1.00 13.97 ? 73  THR A N   1 
ATOM   570  C CA  . THR A 1 73  ? -1.600  10.534  -1.663  1.00 13.69 ? 73  THR A CA  1 
ATOM   571  C C   . THR A 1 73  ? -0.541  11.372  -0.936  1.00 11.93 ? 73  THR A C   1 
ATOM   572  O O   . THR A 1 73  ? 0.431   10.832  -0.403  1.00 12.23 ? 73  THR A O   1 
ATOM   573  C CB  . THR A 1 73  ? -1.378  10.549  -3.191  1.00 14.87 ? 73  THR A CB  1 
ATOM   574  O OG1 . THR A 1 73  ? -2.352  9.694   -3.811  1.00 13.17 ? 73  THR A OG1 1 
ATOM   575  C CG2 . THR A 1 73  ? 0.022   10.060  -3.548  1.00 13.71 ? 73  THR A CG2 1 
ATOM   576  N N   . GLN A 1 74  ? -0.763  12.681  -0.868  1.00 14.07 ? 74  GLN A N   1 
ATOM   577  C CA  . GLN A 1 74  ? 0.165   13.571  -0.177  1.00 13.22 ? 74  GLN A CA  1 
ATOM   578  C C   . GLN A 1 74  ? 0.047   13.357  1.334   1.00 13.75 ? 74  GLN A C   1 
ATOM   579  O O   . GLN A 1 74  ? 1.052   13.335  2.049   1.00 14.84 ? 74  GLN A O   1 
ATOM   580  C CB  . GLN A 1 74  ? -0.105  15.033  -0.539  1.00 14.66 ? 74  GLN A CB  1 
ATOM   581  C CG  . GLN A 1 74  ? 0.931   15.996  0.046   1.00 21.21 ? 74  GLN A CG  1 
ATOM   582  C CD  . GLN A 1 74  ? 0.944   17.358  -0.627  1.00 25.27 ? 74  GLN A CD  1 
ATOM   583  O OE1 . GLN A 1 74  ? 0.232   17.598  -1.605  1.00 24.53 ? 74  GLN A OE1 1 
ATOM   584  N NE2 . GLN A 1 74  ? 1.767   18.260  -0.106  1.00 26.71 ? 74  GLN A NE2 1 
ATOM   585  N N   . ALA A 1 75  ? -1.177  13.163  1.814   1.00 12.94 ? 75  ALA A N   1 
ATOM   586  C CA  . ALA A 1 75  ? -1.401  12.924  3.232   1.00 8.23  ? 75  ALA A CA  1 
ATOM   587  C C   . ALA A 1 75  ? -0.711  11.623  3.648   1.00 9.58  ? 75  ALA A C   1 
ATOM   588  O O   . ALA A 1 75  ? -0.200  11.513  4.763   1.00 13.59 ? 75  ALA A O   1 
ATOM   589  C CB  . ALA A 1 75  ? -2.888  12.869  3.530   1.00 9.08  ? 75  ALA A CB  1 
ATOM   590  N N   . TRP A 1 76  ? -0.663  10.651  2.739   1.00 6.49  ? 76  TRP A N   1 
ATOM   591  C CA  . TRP A 1 76  ? -0.006  9.381   3.022   1.00 6.08  ? 76  TRP A CA  1 
ATOM   592  C C   . TRP A 1 76  ? 1.499   9.621   3.083   1.00 7.50  ? 76  TRP A C   1 
ATOM   593  O O   . TRP A 1 76  ? 2.212   8.972   3.852   1.00 8.14  ? 76  TRP A O   1 
ATOM   594  C CB  . TRP A 1 76  ? -0.329  8.337   1.944   1.00 5.55  ? 76  TRP A CB  1 
ATOM   595  C CG  . TRP A 1 76  ? 0.242   6.977   2.246   1.00 4.40  ? 76  TRP A CG  1 
ATOM   596  C CD1 . TRP A 1 76  ? 1.197   6.312   1.533   1.00 3.67  ? 76  TRP A CD1 1 
ATOM   597  C CD2 . TRP A 1 76  ? -0.069  6.142   3.376   1.00 7.26  ? 76  TRP A CD2 1 
ATOM   598  N NE1 . TRP A 1 76  ? 1.507   5.126   2.149   1.00 7.92  ? 76  TRP A NE1 1 
ATOM   599  C CE2 . TRP A 1 76  ? 0.747   4.995   3.279   1.00 6.56  ? 76  TRP A CE2 1 
ATOM   600  C CE3 . TRP A 1 76  ? -0.954  6.256   4.457   1.00 10.65 ? 76  TRP A CE3 1 
ATOM   601  C CZ2 . TRP A 1 76  ? 0.705   3.964   4.230   1.00 8.67  ? 76  TRP A CZ2 1 
ATOM   602  C CZ3 . TRP A 1 76  ? -0.996  5.229   5.402   1.00 6.55  ? 76  TRP A CZ3 1 
ATOM   603  C CH2 . TRP A 1 76  ? -0.169  4.101   5.280   1.00 7.30  ? 76  TRP A CH2 1 
ATOM   604  N N   . ALA A 1 77  ? 1.977   10.544  2.252   1.00 8.52  ? 77  ALA A N   1 
ATOM   605  C CA  . ALA A 1 77  ? 3.393   10.896  2.219   1.00 12.75 ? 77  ALA A CA  1 
ATOM   606  C C   . ALA A 1 77  ? 3.757   11.490  3.587   1.00 12.13 ? 77  ALA A C   1 
ATOM   607  O O   . ALA A 1 77  ? 4.792   11.158  4.167   1.00 13.83 ? 77  ALA A O   1 
ATOM   608  C CB  . ALA A 1 77  ? 3.663   11.900  1.102   1.00 11.57 ? 77  ALA A CB  1 
ATOM   609  N N   . VAL A 1 78  ? 2.878   12.342  4.109   1.00 12.44 ? 78  VAL A N   1 
ATOM   610  C CA  . VAL A 1 78  ? 3.080   12.952  5.420   1.00 14.95 ? 78  VAL A CA  1 
ATOM   611  C C   . VAL A 1 78  ? 3.168   11.840  6.467   1.00 18.60 ? 78  VAL A C   1 
ATOM   612  O O   . VAL A 1 78  ? 4.085   11.826  7.292   1.00 20.49 ? 78  VAL A O   1 
ATOM   613  C CB  . VAL A 1 78  ? 1.921   13.913  5.779   1.00 12.49 ? 78  VAL A CB  1 
ATOM   614  C CG1 . VAL A 1 78  ? 1.985   14.318  7.245   1.00 12.15 ? 78  VAL A CG1 1 
ATOM   615  C CG2 . VAL A 1 78  ? 1.978   15.149  4.905   1.00 12.47 ? 78  VAL A CG2 1 
ATOM   616  N N   . ALA A 1 79  ? 2.246   10.880  6.391   1.00 17.62 ? 79  ALA A N   1 
ATOM   617  C CA  . ALA A 1 79  ? 2.213   9.757   7.327   1.00 15.65 ? 79  ALA A CA  1 
ATOM   618  C C   . ALA A 1 79  ? 3.526   8.983   7.328   1.00 14.73 ? 79  ALA A C   1 
ATOM   619  O O   . ALA A 1 79  ? 4.016   8.583   8.385   1.00 15.55 ? 79  ALA A O   1 
ATOM   620  C CB  . ALA A 1 79  ? 1.041   8.821   7.005   1.00 14.34 ? 79  ALA A CB  1 
ATOM   621  N N   . MET A 1 80  ? 4.090   8.759   6.146   1.00 15.39 ? 80  MET A N   1 
ATOM   622  C CA  . MET A 1 80  ? 5.354   8.043   6.043   1.00 17.52 ? 80  MET A CA  1 
ATOM   623  C C   . MET A 1 80  ? 6.494   8.908   6.580   1.00 18.96 ? 80  MET A C   1 
ATOM   624  O O   . MET A 1 80  ? 7.321   8.445   7.369   1.00 18.83 ? 80  MET A O   1 
ATOM   625  C CB  . MET A 1 80  ? 5.644   7.647   4.594   1.00 17.51 ? 80  MET A CB  1 
ATOM   626  C CG  . MET A 1 80  ? 4.690   6.618   4.025   1.00 16.23 ? 80  MET A CG  1 
ATOM   627  S SD  . MET A 1 80  ? 5.249   6.011   2.433   1.00 18.99 ? 80  MET A SD  1 
ATOM   628  C CE  . MET A 1 80  ? 4.581   7.259   1.380   1.00 12.32 ? 80  MET A CE  1 
ATOM   629  N N   . ALA A 1 81  ? 6.496   10.176  6.184   1.00 21.09 ? 81  ALA A N   1 
ATOM   630  C CA  . ALA A 1 81  ? 7.516   11.128  6.607   1.00 21.08 ? 81  ALA A CA  1 
ATOM   631  C C   . ALA A 1 81  ? 7.592   11.230  8.126   1.00 20.18 ? 81  ALA A C   1 
ATOM   632  O O   . ALA A 1 81  ? 8.684   11.272  8.694   1.00 22.29 ? 81  ALA A O   1 
ATOM   633  C CB  . ALA A 1 81  ? 7.236   12.495  6.001   1.00 20.69 ? 81  ALA A CB  1 
ATOM   634  N N   . LEU A 1 82  ? 6.430   11.251  8.776   1.00 21.46 ? 82  LEU A N   1 
ATOM   635  C CA  . LEU A 1 82  ? 6.354   11.355  10.232  1.00 19.52 ? 82  LEU A CA  1 
ATOM   636  C C   . LEU A 1 82  ? 6.331   10.004  10.947  1.00 20.40 ? 82  LEU A C   1 
ATOM   637  O O   . LEU A 1 82  ? 6.304   9.951   12.177  1.00 24.20 ? 82  LEU A O   1 
ATOM   638  C CB  . LEU A 1 82  ? 5.133   12.184  10.639  1.00 20.11 ? 82  LEU A CB  1 
ATOM   639  C CG  . LEU A 1 82  ? 5.063   13.622  10.108  1.00 24.22 ? 82  LEU A CG  1 
ATOM   640  C CD1 . LEU A 1 82  ? 3.796   14.291  10.615  1.00 22.57 ? 82  LEU A CD1 1 
ATOM   641  C CD2 . LEU A 1 82  ? 6.290   14.418  10.543  1.00 24.57 ? 82  LEU A CD2 1 
ATOM   642  N N   . GLY A 1 83  ? 6.325   8.920   10.179  1.00 22.02 ? 83  GLY A N   1 
ATOM   643  C CA  . GLY A 1 83  ? 6.314   7.587   10.763  1.00 20.20 ? 83  GLY A CA  1 
ATOM   644  C C   . GLY A 1 83  ? 5.060   7.233   11.545  1.00 22.95 ? 83  GLY A C   1 
ATOM   645  O O   . GLY A 1 83  ? 5.114   6.439   12.487  1.00 25.65 ? 83  GLY A O   1 
ATOM   646  N N   . VAL A 1 84  ? 3.917   7.754   11.115  1.00 22.65 ? 84  VAL A N   1 
ATOM   647  C CA  . VAL A 1 84  ? 2.651   7.497   11.796  1.00 22.01 ? 84  VAL A CA  1 
ATOM   648  C C   . VAL A 1 84  ? 1.651   6.697   10.959  1.00 23.00 ? 84  VAL A C   1 
ATOM   649  O O   . VAL A 1 84  ? 0.439   6.792   11.166  1.00 21.88 ? 84  VAL A O   1 
ATOM   650  C CB  . VAL A 1 84  ? 1.988   8.819   12.218  1.00 23.17 ? 84  VAL A CB  1 
ATOM   651  C CG1 . VAL A 1 84  ? 2.834   9.521   13.271  1.00 23.50 ? 84  VAL A CG1 1 
ATOM   652  C CG2 . VAL A 1 84  ? 1.797   9.713   10.999  1.00 21.58 ? 84  VAL A CG2 1 
ATOM   653  N N   . GLU A 1 85  ? 2.159   5.864   10.057  1.00 24.70 ? 85  GLU A N   1 
ATOM   654  C CA  . GLU A 1 85  ? 1.303   5.059   9.188   1.00 25.07 ? 85  GLU A CA  1 
ATOM   655  C C   . GLU A 1 85  ? 0.261   4.231   9.944   1.00 26.79 ? 85  GLU A C   1 
ATOM   656  O O   . GLU A 1 85  ? -0.933  4.297   9.650   1.00 25.20 ? 85  GLU A O   1 
ATOM   657  C CB  A GLU A 1 85  ? 2.143   4.148   8.287   0.50 20.75 ? 85  GLU A CB  1 
ATOM   658  C CB  B GLU A 1 85  ? 2.161   4.119   8.337   0.50 25.37 ? 85  GLU A CB  1 
ATOM   659  C CG  A GLU A 1 85  ? 3.089   4.892   7.354   0.50 16.82 ? 85  GLU A CG  1 
ATOM   660  C CG  B GLU A 1 85  ? 3.092   4.814   7.352   0.50 27.69 ? 85  GLU A CG  1 
ATOM   661  C CD  A GLU A 1 85  ? 4.520   4.906   7.859   0.50 15.41 ? 85  GLU A CD  1 
ATOM   662  C CD  B GLU A 1 85  ? 4.020   3.847   6.631   0.50 31.38 ? 85  GLU A CD  1 
ATOM   663  O OE1 A GLU A 1 85  ? 4.766   5.443   8.957   0.50 13.16 ? 85  GLU A OE1 1 
ATOM   664  O OE1 B GLU A 1 85  ? 3.612   2.694   6.368   0.50 30.70 ? 85  GLU A OE1 1 
ATOM   665  O OE2 A GLU A 1 85  ? 5.404   4.374   7.155   0.50 18.41 ? 85  GLU A OE2 1 
ATOM   666  O OE2 B GLU A 1 85  ? 5.163   4.243   6.322   0.50 34.59 ? 85  GLU A OE2 1 
ATOM   667  N N   . ASP A 1 86  ? 0.710   3.495   10.954  1.00 29.06 ? 86  ASP A N   1 
ATOM   668  C CA  . ASP A 1 86  ? -0.182  2.639   11.725  1.00 31.79 ? 86  ASP A CA  1 
ATOM   669  C C   . ASP A 1 86  ? -1.135  3.333   12.691  1.00 29.01 ? 86  ASP A C   1 
ATOM   670  O O   . ASP A 1 86  ? -1.903  2.672   13.383  1.00 32.93 ? 86  ASP A O   1 
ATOM   671  C CB  . ASP A 1 86  ? 0.616   1.543   12.432  1.00 36.76 ? 86  ASP A CB  1 
ATOM   672  C CG  . ASP A 1 86  ? 1.238   0.556   11.451  1.00 45.44 ? 86  ASP A CG  1 
ATOM   673  O OD1 . ASP A 1 86  ? 0.496   -0.008  10.612  1.00 46.95 ? 86  ASP A OD1 1 
ATOM   674  O OD2 . ASP A 1 86  ? 2.471   0.349   11.510  1.00 49.18 ? 86  ASP A OD2 1 
ATOM   675  N N   . LYS A 1 87  ? -1.090  4.659   12.739  1.00 26.05 ? 87  LYS A N   1 
ATOM   676  C CA  . LYS A 1 87  ? -1.984  5.414   13.609  1.00 22.76 ? 87  LYS A CA  1 
ATOM   677  C C   . LYS A 1 87  ? -3.118  6.020   12.790  1.00 21.46 ? 87  LYS A C   1 
ATOM   678  O O   . LYS A 1 87  ? -4.200  6.286   13.312  1.00 21.35 ? 87  LYS A O   1 
ATOM   679  C CB  . LYS A 1 87  ? -1.222  6.523   14.331  1.00 26.74 ? 87  LYS A CB  1 
ATOM   680  C CG  . LYS A 1 87  ? -0.198  6.022   15.334  1.00 35.46 ? 87  LYS A CG  1 
ATOM   681  C CD  . LYS A 1 87  ? 0.669   7.158   15.857  1.00 43.47 ? 87  LYS A CD  1 
ATOM   682  C CE  . LYS A 1 87  ? -0.158  8.209   16.575  1.00 47.13 ? 87  LYS A CE  1 
ATOM   683  N NZ  . LYS A 1 87  ? 0.654   9.415   16.912  1.00 53.65 ? 87  LYS A NZ  1 
ATOM   684  N N   . VAL A 1 88  ? -2.889  6.191   11.493  1.00 18.27 ? 88  VAL A N   1 
ATOM   685  C CA  . VAL A 1 88  ? -3.896  6.792   10.631  1.00 15.91 ? 88  VAL A CA  1 
ATOM   686  C C   . VAL A 1 88  ? -4.565  5.863   9.616   1.00 15.00 ? 88  VAL A C   1 
ATOM   687  O O   . VAL A 1 88  ? -5.617  6.205   9.074   1.00 15.39 ? 88  VAL A O   1 
ATOM   688  C CB  . VAL A 1 88  ? -3.322  8.020   9.894   1.00 13.32 ? 88  VAL A CB  1 
ATOM   689  C CG1 . VAL A 1 88  ? -2.918  9.085   10.899  1.00 13.92 ? 88  VAL A CG1 1 
ATOM   690  C CG2 . VAL A 1 88  ? -2.129  7.615   9.045   1.00 11.38 ? 88  VAL A CG2 1 
ATOM   691  N N   . THR A 1 89  ? -3.990  4.689   9.375   1.00 13.57 ? 89  THR A N   1 
ATOM   692  C CA  . THR A 1 89  ? -4.565  3.756   8.399   1.00 17.12 ? 89  THR A CA  1 
ATOM   693  C C   . THR A 1 89  ? -6.047  3.435   8.636   1.00 15.97 ? 89  THR A C   1 
ATOM   694  O O   . THR A 1 89  ? -6.870  3.569   7.726   1.00 14.04 ? 89  THR A O   1 
ATOM   695  C CB  . THR A 1 89  ? -3.758  2.441   8.324   1.00 16.30 ? 89  THR A CB  1 
ATOM   696  O OG1 . THR A 1 89  ? -2.429  2.721   7.866   1.00 20.98 ? 89  THR A OG1 1 
ATOM   697  C CG2 . THR A 1 89  ? -4.411  1.464   7.357   1.00 20.41 ? 89  THR A CG2 1 
ATOM   698  N N   . VAL A 1 90  ? -6.382  3.038   9.860   1.00 15.69 ? 90  VAL A N   1 
ATOM   699  C CA  . VAL A 1 90  ? -7.760  2.694   10.209  1.00 15.08 ? 90  VAL A CA  1 
ATOM   700  C C   . VAL A 1 90  ? -8.743  3.861   10.084  1.00 14.01 ? 90  VAL A C   1 
ATOM   701  O O   . VAL A 1 90  ? -9.737  3.750   9.364   1.00 15.17 ? 90  VAL A O   1 
ATOM   702  C CB  . VAL A 1 90  ? -7.846  2.054   11.619  1.00 14.84 ? 90  VAL A CB  1 
ATOM   703  C CG1 . VAL A 1 90  ? -9.303  1.860   12.034  1.00 18.55 ? 90  VAL A CG1 1 
ATOM   704  C CG2 . VAL A 1 90  ? -7.117  0.716   11.621  1.00 13.84 ? 90  VAL A CG2 1 
ATOM   705  N N   . PRO A 1 91  ? -8.480  4.998   10.762  1.00 13.56 ? 91  PRO A N   1 
ATOM   706  C CA  . PRO A 1 91  ? -9.422  6.118   10.641  1.00 10.75 ? 91  PRO A CA  1 
ATOM   707  C C   . PRO A 1 91  ? -9.596  6.634   9.216   1.00 11.69 ? 91  PRO A C   1 
ATOM   708  O O   . PRO A 1 91  ? -10.683 7.087   8.849   1.00 12.90 ? 91  PRO A O   1 
ATOM   709  C CB  . PRO A 1 91  ? -8.831  7.179   11.578  1.00 10.43 ? 91  PRO A CB  1 
ATOM   710  C CG  . PRO A 1 91  ? -7.387  6.834   11.644  1.00 12.70 ? 91  PRO A CG  1 
ATOM   711  C CD  . PRO A 1 91  ? -7.401  5.331   11.708  1.00 15.00 ? 91  PRO A CD  1 
ATOM   712  N N   . LEU A 1 92  ? -8.539  6.563   8.409   1.00 8.50  ? 92  LEU A N   1 
ATOM   713  C CA  . LEU A 1 92  ? -8.633  7.016   7.025   1.00 11.25 ? 92  LEU A CA  1 
ATOM   714  C C   . LEU A 1 92  ? -9.532  6.078   6.216   1.00 9.20  ? 92  LEU A C   1 
ATOM   715  O O   . LEU A 1 92  ? -10.445 6.532   5.528   1.00 11.66 ? 92  LEU A O   1 
ATOM   716  C CB  . LEU A 1 92  ? -7.244  7.143   6.387   1.00 11.06 ? 92  LEU A CB  1 
ATOM   717  C CG  . LEU A 1 92  ? -6.420  8.356   6.852   1.00 9.85  ? 92  LEU A CG  1 
ATOM   718  C CD1 . LEU A 1 92  ? -5.024  8.316   6.249   1.00 10.37 ? 92  LEU A CD1 1 
ATOM   719  C CD2 . LEU A 1 92  ? -7.126  9.650   6.473   1.00 6.76  ? 92  LEU A CD2 1 
ATOM   720  N N   . PHE A 1 93  ? -9.311  4.772   6.343   1.00 11.23 ? 93  PHE A N   1 
ATOM   721  C CA  . PHE A 1 93  ? -10.127 3.791   5.630   1.00 12.53 ? 93  PHE A CA  1 
ATOM   722  C C   . PHE A 1 93  ? -11.598 3.897   6.034   1.00 15.01 ? 93  PHE A C   1 
ATOM   723  O O   . PHE A 1 93  ? -12.482 4.001   5.177   1.00 16.69 ? 93  PHE A O   1 
ATOM   724  C CB  . PHE A 1 93  ? -9.617  2.372   5.884   1.00 11.38 ? 93  PHE A CB  1 
ATOM   725  C CG  . PHE A 1 93  ? -8.762  1.826   4.775   1.00 14.23 ? 93  PHE A CG  1 
ATOM   726  C CD1 . PHE A 1 93  ? -9.243  1.781   3.468   1.00 12.13 ? 93  PHE A CD1 1 
ATOM   727  C CD2 . PHE A 1 93  ? -7.482  1.346   5.033   1.00 10.48 ? 93  PHE A CD2 1 
ATOM   728  C CE1 . PHE A 1 93  ? -8.460  1.266   2.437   1.00 13.24 ? 93  PHE A CE1 1 
ATOM   729  C CE2 . PHE A 1 93  ? -6.692  0.828   4.006   1.00 13.37 ? 93  PHE A CE2 1 
ATOM   730  C CZ  . PHE A 1 93  ? -7.183  0.789   2.706   1.00 7.94  ? 93  PHE A CZ  1 
ATOM   731  N N   . GLU A 1 94  ? -11.855 3.895   7.340   1.00 16.97 ? 94  GLU A N   1 
ATOM   732  C CA  . GLU A 1 94  ? -13.220 3.989   7.857   1.00 13.51 ? 94  GLU A CA  1 
ATOM   733  C C   . GLU A 1 94  ? -13.875 5.295   7.433   1.00 14.90 ? 94  GLU A C   1 
ATOM   734  O O   . GLU A 1 94  ? -14.993 5.300   6.918   1.00 11.83 ? 94  GLU A O   1 
ATOM   735  C CB  . GLU A 1 94  ? -13.232 3.908   9.388   1.00 16.78 ? 94  GLU A CB  1 
ATOM   736  C CG  . GLU A 1 94  ? -12.628 2.642   9.979   1.00 24.22 ? 94  GLU A CG  1 
ATOM   737  C CD  . GLU A 1 94  ? -13.293 1.372   9.480   1.00 30.39 ? 94  GLU A CD  1 
ATOM   738  O OE1 . GLU A 1 94  ? -14.539 1.282   9.534   1.00 35.58 ? 94  GLU A OE1 1 
ATOM   739  O OE2 . GLU A 1 94  ? -12.565 0.459   9.039   1.00 35.78 ? 94  GLU A OE2 1 
ATOM   740  N N   . GLY A 1 95  ? -13.169 6.399   7.644   1.00 15.36 ? 95  GLY A N   1 
ATOM   741  C CA  . GLY A 1 95  ? -13.699 7.703   7.302   1.00 12.11 ? 95  GLY A CA  1 
ATOM   742  C C   . GLY A 1 95  ? -14.005 7.892   5.833   1.00 12.60 ? 95  GLY A C   1 
ATOM   743  O O   . GLY A 1 95  ? -14.960 8.588   5.481   1.00 13.87 ? 95  GLY A O   1 
ATOM   744  N N   . VAL A 1 96  ? -13.188 7.300   4.970   1.00 14.93 ? 96  VAL A N   1 
ATOM   745  C CA  . VAL A 1 96  ? -13.396 7.436   3.534   1.00 16.93 ? 96  VAL A CA  1 
ATOM   746  C C   . VAL A 1 96  ? -14.474 6.489   3.005   1.00 19.38 ? 96  VAL A C   1 
ATOM   747  O O   . VAL A 1 96  ? -15.433 6.925   2.371   1.00 20.06 ? 96  VAL A O   1 
ATOM   748  C CB  . VAL A 1 96  ? -12.074 7.217   2.744   1.00 16.87 ? 96  VAL A CB  1 
ATOM   749  C CG1 . VAL A 1 96  ? -12.321 7.304   1.244   1.00 19.00 ? 96  VAL A CG1 1 
ATOM   750  C CG2 . VAL A 1 96  ? -11.049 8.258   3.146   1.00 14.24 ? 96  VAL A CG2 1 
ATOM   751  N N   . GLN A 1 97  ? -14.360 5.208   3.340   1.00 21.57 ? 97  GLN A N   1 
ATOM   752  C CA  . GLN A 1 97  ? -15.303 4.211   2.843   1.00 25.58 ? 97  GLN A CA  1 
ATOM   753  C C   . GLN A 1 97  ? -16.500 3.802   3.700   1.00 24.36 ? 97  GLN A C   1 
ATOM   754  O O   . GLN A 1 97  ? -17.558 3.482   3.162   1.00 24.85 ? 97  GLN A O   1 
ATOM   755  C CB  . GLN A 1 97  ? -14.543 2.960   2.414   1.00 26.19 ? 97  GLN A CB  1 
ATOM   756  C CG  . GLN A 1 97  ? -13.459 3.243   1.405   1.00 30.02 ? 97  GLN A CG  1 
ATOM   757  C CD  . GLN A 1 97  ? -13.028 2.005   0.673   1.00 34.91 ? 97  GLN A CD  1 
ATOM   758  O OE1 . GLN A 1 97  ? -13.841 1.341   0.034   1.00 41.57 ? 97  GLN A OE1 1 
ATOM   759  N NE2 . GLN A 1 97  ? -11.745 1.685   0.752   1.00 38.61 ? 97  GLN A NE2 1 
ATOM   760  N N   . LYS A 1 98  ? -16.336 3.781   5.018   1.00 22.62 ? 98  LYS A N   1 
ATOM   761  C CA  . LYS A 1 98  ? -17.426 3.371   5.896   1.00 19.89 ? 98  LYS A CA  1 
ATOM   762  C C   . LYS A 1 98  ? -18.353 4.493   6.361   1.00 20.27 ? 98  LYS A C   1 
ATOM   763  O O   . LYS A 1 98  ? -19.537 4.504   6.029   1.00 23.79 ? 98  LYS A O   1 
ATOM   764  C CB  . LYS A 1 98  ? -16.875 2.604   7.095   1.00 18.85 ? 98  LYS A CB  1 
ATOM   765  N N   . THR A 1 99  ? -17.819 5.434   7.132   1.00 17.81 ? 99  THR A N   1 
ATOM   766  C CA  . THR A 1 99  ? -18.618 6.534   7.664   1.00 16.32 ? 99  THR A CA  1 
ATOM   767  C C   . THR A 1 99  ? -18.791 7.739   6.733   1.00 16.34 ? 99  THR A C   1 
ATOM   768  O O   . THR A 1 99  ? -19.680 8.571   6.944   1.00 13.88 ? 99  THR A O   1 
ATOM   769  C CB  . THR A 1 99  ? -18.046 7.003   9.015   1.00 15.48 ? 99  THR A CB  1 
ATOM   770  O OG1 . THR A 1 99  ? -16.662 7.336   8.855   1.00 15.51 ? 99  THR A OG1 1 
ATOM   771  C CG2 . THR A 1 99  ? -18.167 5.895   10.052  1.00 16.25 ? 99  THR A CG2 1 
ATOM   772  N N   . GLN A 1 100 ? -17.934 7.835   5.718   1.00 17.08 ? 100 GLN A N   1 
ATOM   773  C CA  . GLN A 1 100 ? -17.972 8.929   4.745   1.00 17.33 ? 100 GLN A CA  1 
ATOM   774  C C   . GLN A 1 100 ? -17.808 10.308  5.392   1.00 16.92 ? 100 GLN A C   1 
ATOM   775  O O   . GLN A 1 100 ? -18.439 11.282  4.989   1.00 13.53 ? 100 GLN A O   1 
ATOM   776  C CB  . GLN A 1 100 ? -19.257 8.854   3.912   1.00 20.41 ? 100 GLN A CB  1 
ATOM   777  C CG  . GLN A 1 100 ? -19.331 7.592   3.061   1.00 28.70 ? 100 GLN A CG  1 
ATOM   778  C CD  . GLN A 1 100 ? -20.614 7.483   2.267   1.00 35.78 ? 100 GLN A CD  1 
ATOM   779  O OE1 . GLN A 1 100 ? -20.787 8.144   1.241   1.00 37.23 ? 100 GLN A OE1 1 
ATOM   780  N NE2 . GLN A 1 100 ? -21.525 6.639   2.734   1.00 37.83 ? 100 GLN A NE2 1 
ATOM   781  N N   . THR A 1 101 ? -16.910 10.387  6.368   1.00 17.11 ? 101 THR A N   1 
ATOM   782  C CA  . THR A 1 101 ? -16.651 11.633  7.083   1.00 19.90 ? 101 THR A CA  1 
ATOM   783  C C   . THR A 1 101 ? -15.536 12.478  6.456   1.00 19.10 ? 101 THR A C   1 
ATOM   784  O O   . THR A 1 101 ? -15.458 13.686  6.684   1.00 22.22 ? 101 THR A O   1 
ATOM   785  C CB  . THR A 1 101 ? -16.294 11.339  8.549   1.00 17.94 ? 101 THR A CB  1 
ATOM   786  O OG1 . THR A 1 101 ? -15.238 10.370  8.592   1.00 20.69 ? 101 THR A OG1 1 
ATOM   787  C CG2 . THR A 1 101 ? -17.504 10.788  9.289   1.00 17.26 ? 101 THR A CG2 1 
ATOM   788  N N   . ILE A 1 102 ? -14.662 11.836  5.688   1.00 17.68 ? 102 ILE A N   1 
ATOM   789  C CA  . ILE A 1 102 ? -13.545 12.522  5.044   1.00 17.14 ? 102 ILE A CA  1 
ATOM   790  C C   . ILE A 1 102 ? -13.911 12.905  3.613   1.00 19.08 ? 102 ILE A C   1 
ATOM   791  O O   . ILE A 1 102 ? -13.968 12.053  2.726   1.00 19.26 ? 102 ILE A O   1 
ATOM   792  C CB  . ILE A 1 102 ? -12.286 11.636  5.044   1.00 16.75 ? 102 ILE A CB  1 
ATOM   793  C CG1 . ILE A 1 102 ? -11.914 11.274  6.486   1.00 13.94 ? 102 ILE A CG1 1 
ATOM   794  C CG2 . ILE A 1 102 ? -11.134 12.351  4.347   1.00 18.26 ? 102 ILE A CG2 1 
ATOM   795  C CD1 . ILE A 1 102 ? -10.824 10.234  6.603   1.00 15.51 ? 102 ILE A CD1 1 
ATOM   796  N N   . ARG A 1 103 ? -14.135 14.196  3.395   1.00 18.51 ? 103 ARG A N   1 
ATOM   797  C CA  . ARG A 1 103 ? -14.525 14.698  2.081   1.00 22.37 ? 103 ARG A CA  1 
ATOM   798  C C   . ARG A 1 103 ? -13.596 15.784  1.526   1.00 25.18 ? 103 ARG A C   1 
ATOM   799  O O   . ARG A 1 103 ? -13.774 16.228  0.394   1.00 29.63 ? 103 ARG A O   1 
ATOM   800  C CB  . ARG A 1 103 ? -15.962 15.230  2.145   1.00 26.17 ? 103 ARG A CB  1 
ATOM   801  C CG  . ARG A 1 103 ? -16.942 14.246  2.772   1.00 34.85 ? 103 ARG A CG  1 
ATOM   802  C CD  . ARG A 1 103 ? -18.332 14.825  2.980   1.00 42.62 ? 103 ARG A CD  1 
ATOM   803  N NE  . ARG A 1 103 ? -19.160 13.913  3.773   1.00 50.00 ? 103 ARG A NE  1 
ATOM   804  C CZ  . ARG A 1 103 ? -20.216 13.246  3.311   1.00 54.98 ? 103 ARG A CZ  1 
ATOM   805  N NH1 . ARG A 1 103 ? -20.601 13.378  2.046   1.00 57.54 ? 103 ARG A NH1 1 
ATOM   806  N NH2 . ARG A 1 103 ? -20.867 12.407  4.109   1.00 57.39 ? 103 ARG A NH2 1 
ATOM   807  N N   . SER A 1 104 ? -12.608 16.208  2.311   1.00 21.99 ? 104 SER A N   1 
ATOM   808  C CA  . SER A 1 104 ? -11.680 17.244  1.862   1.00 20.51 ? 104 SER A CA  1 
ATOM   809  C C   . SER A 1 104 ? -10.334 17.143  2.569   1.00 19.37 ? 104 SER A C   1 
ATOM   810  O O   . SER A 1 104 ? -10.180 16.380  3.527   1.00 18.22 ? 104 SER A O   1 
ATOM   811  C CB  . SER A 1 104 ? -12.283 18.636  2.087   1.00 22.43 ? 104 SER A CB  1 
ATOM   812  O OG  . SER A 1 104 ? -12.375 18.941  3.469   1.00 22.38 ? 104 SER A OG  1 
ATOM   813  N N   . ALA A 1 105 ? -9.381  17.958  2.119   1.00 18.22 ? 105 ALA A N   1 
ATOM   814  C CA  . ALA A 1 105 ? -8.027  17.986  2.671   1.00 15.50 ? 105 ALA A CA  1 
ATOM   815  C C   . ALA A 1 105 ? -8.020  18.334  4.152   1.00 13.77 ? 105 ALA A C   1 
ATOM   816  O O   . ALA A 1 105 ? -7.265  17.763  4.945   1.00 14.59 ? 105 ALA A O   1 
ATOM   817  C CB  . ALA A 1 105 ? -7.184  18.981  1.903   1.00 15.25 ? 105 ALA A CB  1 
ATOM   818  N N   . SER A 1 106 ? -8.884  19.264  4.531   1.00 15.46 ? 106 SER A N   1 
ATOM   819  C CA  . SER A 1 106 ? -8.962  19.691  5.917   1.00 18.36 ? 106 SER A CA  1 
ATOM   820  C C   . SER A 1 106 ? -9.534  18.569  6.797   1.00 17.13 ? 106 SER A C   1 
ATOM   821  O O   . SER A 1 106 ? -9.103  18.404  7.935   1.00 16.73 ? 106 SER A O   1 
ATOM   822  C CB  A SER A 1 106 ? -9.822  20.945  6.015   0.40 17.54 ? 106 SER A CB  1 
ATOM   823  C CB  B SER A 1 106 ? -9.707  21.033  6.045   0.60 17.63 ? 106 SER A CB  1 
ATOM   824  O OG  A SER A 1 106 ? -9.993  21.349  7.360   0.40 15.58 ? 106 SER A OG  1 
ATOM   825  O OG  B SER A 1 106 ? -11.106 20.928  5.877   0.60 18.82 ? 106 SER A OG  1 
ATOM   826  N N   . ASP A 1 107 ? -10.438 17.757  6.245   1.00 16.75 ? 107 ASP A N   1 
ATOM   827  C CA  . ASP A 1 107 ? -11.004 16.623  6.982   1.00 14.49 ? 107 ASP A CA  1 
ATOM   828  C C   . ASP A 1 107 ? -9.886  15.621  7.266   1.00 12.07 ? 107 ASP A C   1 
ATOM   829  O O   . ASP A 1 107 ? -9.837  15.014  8.335   1.00 14.95 ? 107 ASP A O   1 
ATOM   830  C CB  . ASP A 1 107 ? -12.121 15.937  6.176   1.00 14.94 ? 107 ASP A CB  1 
ATOM   831  C CG  . ASP A 1 107 ? -13.374 16.796  6.038   1.00 17.82 ? 107 ASP A CG  1 
ATOM   832  O OD1 . ASP A 1 107 ? -13.530 17.780  6.792   1.00 15.99 ? 107 ASP A OD1 1 
ATOM   833  O OD2 . ASP A 1 107 ? -14.216 16.480  5.171   1.00 19.42 ? 107 ASP A OD2 1 
ATOM   834  N N   . ILE A 1 108 ? -8.985  15.452  6.303   1.00 9.49  ? 108 ILE A N   1 
ATOM   835  C CA  . ILE A 1 108 ? -7.851  14.541  6.460   1.00 11.09 ? 108 ILE A CA  1 
ATOM   836  C C   . ILE A 1 108 ? -6.970  15.060  7.593   1.00 15.43 ? 108 ILE A C   1 
ATOM   837  O O   . ILE A 1 108 ? -6.483  14.292  8.432   1.00 15.11 ? 108 ILE A O   1 
ATOM   838  C CB  . ILE A 1 108 ? -6.986  14.481  5.185   1.00 11.44 ? 108 ILE A CB  1 
ATOM   839  C CG1 . ILE A 1 108 ? -7.835  14.049  3.987   1.00 13.89 ? 108 ILE A CG1 1 
ATOM   840  C CG2 . ILE A 1 108 ? -5.818  13.537  5.391   1.00 7.17  ? 108 ILE A CG2 1 
ATOM   841  C CD1 . ILE A 1 108 ? -7.059  13.972  2.680   1.00 17.27 ? 108 ILE A CD1 1 
ATOM   842  N N   . ARG A 1 109 ? -6.772  16.374  7.598   1.00 15.14 ? 109 ARG A N   1 
ATOM   843  C CA  . ARG A 1 109 ? -5.960  17.033  8.607   1.00 16.52 ? 109 ARG A CA  1 
ATOM   844  C C   . ARG A 1 109 ? -6.530  16.766  9.993   1.00 11.33 ? 109 ARG A C   1 
ATOM   845  O O   . ARG A 1 109 ? -5.789  16.429  10.912  1.00 17.00 ? 109 ARG A O   1 
ATOM   846  C CB  . ARG A 1 109 ? -5.893  18.536  8.330   1.00 18.24 ? 109 ARG A CB  1 
ATOM   847  C CG  . ARG A 1 109 ? -4.941  19.291  9.237   1.00 24.12 ? 109 ARG A CG  1 
ATOM   848  C CD  . ARG A 1 109 ? -4.772  20.733  8.786   1.00 25.67 ? 109 ARG A CD  1 
ATOM   849  N NE  . ARG A 1 109 ? -3.846  21.453  9.653   1.00 25.66 ? 109 ARG A NE  1 
ATOM   850  C CZ  . ARG A 1 109 ? -4.214  22.180  10.703  1.00 28.82 ? 109 ARG A CZ  1 
ATOM   851  N NH1 . ARG A 1 109 ? -5.497  22.290  11.021  1.00 27.65 ? 109 ARG A NH1 1 
ATOM   852  N NH2 . ARG A 1 109 ? -3.296  22.781  11.449  1.00 31.28 ? 109 ARG A NH2 1 
ATOM   853  N N   . ASP A 1 110 ? -7.845  16.890  10.134  1.00 12.67 ? 110 ASP A N   1 
ATOM   854  C CA  . ASP A 1 110 ? -8.502  16.635  11.418  1.00 14.50 ? 110 ASP A CA  1 
ATOM   855  C C   . ASP A 1 110 ? -8.180  15.230  11.919  1.00 13.19 ? 110 ASP A C   1 
ATOM   856  O O   . ASP A 1 110 ? -7.939  15.030  13.111  1.00 14.41 ? 110 ASP A O   1 
ATOM   857  C CB  . ASP A 1 110 ? -10.024 16.794  11.300  1.00 14.88 ? 110 ASP A CB  1 
ATOM   858  C CG  . ASP A 1 110 ? -10.450 18.226  11.030  1.00 19.42 ? 110 ASP A CG  1 
ATOM   859  O OD1 . ASP A 1 110 ? -9.783  19.163  11.524  1.00 20.11 ? 110 ASP A OD1 1 
ATOM   860  O OD2 . ASP A 1 110 ? -11.462 18.415  10.327  1.00 21.14 ? 110 ASP A OD2 1 
ATOM   861  N N   . VAL A 1 111 ? -8.154  14.266  11.001  1.00 14.36 ? 111 VAL A N   1 
ATOM   862  C CA  . VAL A 1 111 ? -7.855  12.878  11.341  1.00 11.76 ? 111 VAL A CA  1 
ATOM   863  C C   . VAL A 1 111 ? -6.460  12.732  11.954  1.00 13.05 ? 111 VAL A C   1 
ATOM   864  O O   . VAL A 1 111 ? -6.298  12.067  12.979  1.00 12.68 ? 111 VAL A O   1 
ATOM   865  C CB  . VAL A 1 111 ? -8.009  11.956  10.104  1.00 13.29 ? 111 VAL A CB  1 
ATOM   866  C CG1 . VAL A 1 111 ? -7.459  10.565  10.392  1.00 11.26 ? 111 VAL A CG1 1 
ATOM   867  C CG2 . VAL A 1 111 ? -9.480  11.863  9.714   1.00 13.86 ? 111 VAL A CG2 1 
ATOM   868  N N   . PHE A 1 112 ? -5.458  13.352  11.334  1.00 12.55 ? 112 PHE A N   1 
ATOM   869  C CA  . PHE A 1 112 ? -4.091  13.285  11.856  1.00 12.78 ? 112 PHE A CA  1 
ATOM   870  C C   . PHE A 1 112 ? -3.998  13.969  13.226  1.00 14.76 ? 112 PHE A C   1 
ATOM   871  O O   . PHE A 1 112 ? -3.377  13.438  14.147  1.00 17.51 ? 112 PHE A O   1 
ATOM   872  C CB  . PHE A 1 112 ? -3.099  13.937  10.885  1.00 14.25 ? 112 PHE A CB  1 
ATOM   873  C CG  . PHE A 1 112 ? -2.669  13.043  9.755   1.00 12.12 ? 112 PHE A CG  1 
ATOM   874  C CD1 . PHE A 1 112 ? -3.541  12.734  8.720   1.00 10.79 ? 112 PHE A CD1 1 
ATOM   875  C CD2 . PHE A 1 112 ? -1.372  12.539  9.709   1.00 12.44 ? 112 PHE A CD2 1 
ATOM   876  C CE1 . PHE A 1 112 ? -3.125  11.943  7.656   1.00 7.36  ? 112 PHE A CE1 1 
ATOM   877  C CE2 . PHE A 1 112 ? -0.947  11.746  8.649   1.00 9.51  ? 112 PHE A CE2 1 
ATOM   878  C CZ  . PHE A 1 112 ? -1.827  11.449  7.620   1.00 7.48  ? 112 PHE A CZ  1 
ATOM   879  N N   . ILE A 1 113 ? -4.622  15.137  13.358  1.00 14.35 ? 113 ILE A N   1 
ATOM   880  C CA  . ILE A 1 113 ? -4.607  15.877  14.617  1.00 16.64 ? 113 ILE A CA  1 
ATOM   881  C C   . ILE A 1 113 ? -5.224  15.042  15.741  1.00 18.36 ? 113 ILE A C   1 
ATOM   882  O O   . ILE A 1 113 ? -4.654  14.937  16.829  1.00 18.11 ? 113 ILE A O   1 
ATOM   883  C CB  . ILE A 1 113 ? -5.343  17.233  14.492  1.00 16.59 ? 113 ILE A CB  1 
ATOM   884  C CG1 . ILE A 1 113 ? -4.602  18.141  13.509  1.00 16.49 ? 113 ILE A CG1 1 
ATOM   885  C CG2 . ILE A 1 113 ? -5.426  17.923  15.847  1.00 20.46 ? 113 ILE A CG2 1 
ATOM   886  C CD1 . ILE A 1 113 ? -5.294  19.463  13.256  1.00 15.54 ? 113 ILE A CD1 1 
ATOM   887  N N   . ASN A 1 114 ? -6.368  14.420  15.467  1.00 16.68 ? 114 ASN A N   1 
ATOM   888  C CA  . ASN A 1 114 ? -7.027  13.582  16.467  1.00 16.72 ? 114 ASN A CA  1 
ATOM   889  C C   . ASN A 1 114 ? -6.128  12.408  16.835  1.00 15.00 ? 114 ASN A C   1 
ATOM   890  O O   . ASN A 1 114 ? -6.159  11.923  17.964  1.00 17.15 ? 114 ASN A O   1 
ATOM   891  C CB  . ASN A 1 114 ? -8.367  13.052  15.946  1.00 18.73 ? 114 ASN A CB  1 
ATOM   892  C CG  . ASN A 1 114 ? -9.054  12.125  16.943  1.00 18.60 ? 114 ASN A CG  1 
ATOM   893  O OD1 . ASN A 1 114 ? -9.579  12.569  17.962  1.00 16.82 ? 114 ASN A OD1 1 
ATOM   894  N ND2 . ASN A 1 114 ? -9.049  10.837  16.651  1.00 18.40 ? 114 ASN A ND2 1 
ATOM   895  N N   . ALA A 1 115 ? -5.314  11.969  15.880  1.00 17.11 ? 115 ALA A N   1 
ATOM   896  C CA  . ALA A 1 115 ? -4.404  10.850  16.098  1.00 19.83 ? 115 ALA A CA  1 
ATOM   897  C C   . ALA A 1 115 ? -3.185  11.223  16.938  1.00 22.74 ? 115 ALA A C   1 
ATOM   898  O O   . ALA A 1 115 ? -2.385  10.355  17.293  1.00 23.97 ? 115 ALA A O   1 
ATOM   899  C CB  . ALA A 1 115 ? -3.969  10.248  14.764  1.00 19.53 ? 115 ALA A CB  1 
ATOM   900  N N   . GLY A 1 116 ? -3.027  12.509  17.238  1.00 25.52 ? 116 GLY A N   1 
ATOM   901  C CA  . GLY A 1 116 ? -1.905  12.936  18.053  1.00 26.22 ? 116 GLY A CA  1 
ATOM   902  C C   . GLY A 1 116 ? -0.884  13.839  17.384  1.00 29.01 ? 116 GLY A C   1 
ATOM   903  O O   . GLY A 1 116 ? 0.001   14.371  18.054  1.00 28.42 ? 116 GLY A O   1 
ATOM   904  N N   . ILE A 1 117 ? -0.982  14.012  16.072  1.00 29.35 ? 117 ILE A N   1 
ATOM   905  C CA  . ILE A 1 117 ? -0.039  14.867  15.356  1.00 29.07 ? 117 ILE A CA  1 
ATOM   906  C C   . ILE A 1 117 ? -0.460  16.329  15.448  1.00 30.85 ? 117 ILE A C   1 
ATOM   907  O O   . ILE A 1 117 ? -1.566  16.687  15.047  1.00 33.05 ? 117 ILE A O   1 
ATOM   908  C CB  . ILE A 1 117 ? 0.079   14.449  13.880  1.00 27.06 ? 117 ILE A CB  1 
ATOM   909  C CG1 . ILE A 1 117 ? 0.638   13.029  13.798  1.00 25.84 ? 117 ILE A CG1 1 
ATOM   910  C CG2 . ILE A 1 117 ? 0.976   15.418  13.120  1.00 26.38 ? 117 ILE A CG2 1 
ATOM   911  C CD1 . ILE A 1 117 ? 0.655   12.472  12.416  1.00 33.12 ? 117 ILE A CD1 1 
ATOM   912  N N   . LYS A 1 118 ? 0.424   17.168  15.983  1.00 31.33 ? 118 LYS A N   1 
ATOM   913  C CA  . LYS A 1 118 ? 0.140   18.590  16.132  1.00 29.76 ? 118 LYS A CA  1 
ATOM   914  C C   . LYS A 1 118 ? -0.120  19.245  14.774  1.00 29.50 ? 118 LYS A C   1 
ATOM   915  O O   . LYS A 1 118 ? 0.532   18.915  13.782  1.00 28.63 ? 118 LYS A O   1 
ATOM   916  C CB  . LYS A 1 118 ? 1.293   19.283  16.850  1.00 33.66 ? 118 LYS A CB  1 
ATOM   917  N N   . GLY A 1 119 ? -1.064  20.183  14.745  1.00 28.76 ? 119 GLY A N   1 
ATOM   918  C CA  . GLY A 1 119 ? -1.412  20.875  13.515  1.00 29.62 ? 119 GLY A CA  1 
ATOM   919  C C   . GLY A 1 119 ? -0.234  21.519  12.810  1.00 32.08 ? 119 GLY A C   1 
ATOM   920  O O   . GLY A 1 119 ? -0.053  21.342  11.607  1.00 32.91 ? 119 GLY A O   1 
ATOM   921  N N   . GLU A 1 120 ? 0.577   22.260  13.561  1.00 32.99 ? 120 GLU A N   1 
ATOM   922  C CA  . GLU A 1 120 ? 1.749   22.931  13.004  1.00 30.77 ? 120 GLU A CA  1 
ATOM   923  C C   . GLU A 1 120 ? 2.691   21.912  12.371  1.00 29.36 ? 120 GLU A C   1 
ATOM   924  O O   . GLU A 1 120 ? 3.206   22.124  11.275  1.00 32.09 ? 120 GLU A O   1 
ATOM   925  C CB  . GLU A 1 120 ? 2.473   23.716  14.093  1.00 33.10 ? 120 GLU A CB  1 
ATOM   926  N N   . GLU A 1 121 ? 2.874   20.790  13.060  1.00 28.00 ? 121 GLU A N   1 
ATOM   927  C CA  . GLU A 1 121 ? 3.742   19.711  12.601  1.00 28.12 ? 121 GLU A CA  1 
ATOM   928  C C   . GLU A 1 121 ? 3.231   19.114  11.284  1.00 29.81 ? 121 GLU A C   1 
ATOM   929  O O   . GLU A 1 121 ? 4.011   18.833  10.368  1.00 27.64 ? 121 GLU A O   1 
ATOM   930  C CB  . GLU A 1 121 ? 3.821   18.637  13.686  1.00 30.60 ? 121 GLU A CB  1 
ATOM   931  C CG  . GLU A 1 121 ? 4.862   17.558  13.451  1.00 38.70 ? 121 GLU A CG  1 
ATOM   932  C CD  . GLU A 1 121 ? 5.035   16.645  14.657  1.00 43.67 ? 121 GLU A CD  1 
ATOM   933  O OE1 . GLU A 1 121 ? 4.082   16.514  15.460  1.00 46.43 ? 121 GLU A OE1 1 
ATOM   934  O OE2 . GLU A 1 121 ? 6.129   16.057  14.801  1.00 46.46 ? 121 GLU A OE2 1 
ATOM   935  N N   . TYR A 1 122 ? 1.916   18.946  11.189  1.00 26.65 ? 122 TYR A N   1 
ATOM   936  C CA  . TYR A 1 122 ? 1.296   18.405  9.987   1.00 23.31 ? 122 TYR A CA  1 
ATOM   937  C C   . TYR A 1 122 ? 1.469   19.391  8.833   1.00 22.24 ? 122 TYR A C   1 
ATOM   938  O O   . TYR A 1 122 ? 1.875   19.014  7.735   1.00 19.68 ? 122 TYR A O   1 
ATOM   939  C CB  . TYR A 1 122 ? -0.195  18.154  10.238  1.00 23.67 ? 122 TYR A CB  1 
ATOM   940  C CG  . TYR A 1 122 ? -0.936  17.575  9.054   1.00 19.56 ? 122 TYR A CG  1 
ATOM   941  C CD1 . TYR A 1 122 ? -0.957  16.198  8.824   1.00 19.60 ? 122 TYR A CD1 1 
ATOM   942  C CD2 . TYR A 1 122 ? -1.625  18.403  8.164   1.00 20.51 ? 122 TYR A CD2 1 
ATOM   943  C CE1 . TYR A 1 122 ? -1.646  15.659  7.739   1.00 15.06 ? 122 TYR A CE1 1 
ATOM   944  C CE2 . TYR A 1 122 ? -2.317  17.872  7.073   1.00 20.60 ? 122 TYR A CE2 1 
ATOM   945  C CZ  . TYR A 1 122 ? -2.321  16.501  6.870   1.00 18.04 ? 122 TYR A CZ  1 
ATOM   946  O OH  . TYR A 1 122 ? -3.004  15.975  5.799   1.00 18.36 ? 122 TYR A OH  1 
ATOM   947  N N   . ASP A 1 123 ? 1.165   20.659  9.095   1.00 22.86 ? 123 ASP A N   1 
ATOM   948  C CA  . ASP A 1 123 ? 1.271   21.699  8.085   1.00 23.42 ? 123 ASP A CA  1 
ATOM   949  C C   . ASP A 1 123 ? 2.702   21.877  7.595   1.00 24.37 ? 123 ASP A C   1 
ATOM   950  O O   . ASP A 1 123 ? 2.937   22.131  6.409   1.00 22.61 ? 123 ASP A O   1 
ATOM   951  C CB  . ASP A 1 123 ? 0.720   23.019  8.622   1.00 25.49 ? 123 ASP A CB  1 
ATOM   952  C CG  . ASP A 1 123 ? -0.786  22.986  8.819   1.00 30.44 ? 123 ASP A CG  1 
ATOM   953  O OD1 . ASP A 1 123 ? -1.473  22.227  8.099   1.00 33.71 ? 123 ASP A OD1 1 
ATOM   954  O OD2 . ASP A 1 123 ? -1.285  23.725  9.693   1.00 30.55 ? 123 ASP A OD2 1 
ATOM   955  N N   . ALA A 1 124 ? 3.656   21.736  8.508   1.00 23.46 ? 124 ALA A N   1 
ATOM   956  C CA  . ALA A 1 124 ? 5.060   21.867  8.159   1.00 24.76 ? 124 ALA A CA  1 
ATOM   957  C C   . ALA A 1 124 ? 5.406   20.728  7.209   1.00 23.85 ? 124 ALA A C   1 
ATOM   958  O O   . ALA A 1 124 ? 5.897   20.960  6.103   1.00 26.27 ? 124 ALA A O   1 
ATOM   959  C CB  . ALA A 1 124 ? 5.928   21.795  9.413   1.00 21.43 ? 124 ALA A CB  1 
ATOM   960  N N   . ALA A 1 125 ? 5.076   19.509  7.626   1.00 22.81 ? 125 ALA A N   1 
ATOM   961  C CA  . ALA A 1 125 ? 5.346   18.310  6.842   1.00 22.58 ? 125 ALA A CA  1 
ATOM   962  C C   . ALA A 1 125 ? 4.669   18.343  5.475   1.00 21.95 ? 125 ALA A C   1 
ATOM   963  O O   . ALA A 1 125 ? 5.270   17.987  4.467   1.00 22.45 ? 125 ALA A O   1 
ATOM   964  C CB  . ALA A 1 125 ? 4.915   17.072  7.617   1.00 22.19 ? 125 ALA A CB  1 
ATOM   965  N N   . TRP A 1 126 ? 3.430   18.814  5.441   1.00 22.57 ? 126 TRP A N   1 
ATOM   966  C CA  . TRP A 1 126 ? 2.669   18.895  4.203   1.00 24.37 ? 126 TRP A CA  1 
ATOM   967  C C   . TRP A 1 126 ? 3.425   19.646  3.105   1.00 26.34 ? 126 TRP A C   1 
ATOM   968  O O   . TRP A 1 126 ? 3.429   19.228  1.947   1.00 25.49 ? 126 TRP A O   1 
ATOM   969  C CB  . TRP A 1 126 ? 1.322   19.573  4.474   1.00 24.79 ? 126 TRP A CB  1 
ATOM   970  C CG  . TRP A 1 126 ? 0.422   19.670  3.277   1.00 27.32 ? 126 TRP A CG  1 
ATOM   971  C CD1 . TRP A 1 126 ? 0.322   20.720  2.411   1.00 26.92 ? 126 TRP A CD1 1 
ATOM   972  C CD2 . TRP A 1 126 ? -0.514  18.682  2.827   1.00 26.27 ? 126 TRP A CD2 1 
ATOM   973  N NE1 . TRP A 1 126 ? -0.620  20.450  1.450   1.00 28.23 ? 126 TRP A NE1 1 
ATOM   974  C CE2 . TRP A 1 126 ? -1.152  19.207  1.679   1.00 27.91 ? 126 TRP A CE2 1 
ATOM   975  C CE3 . TRP A 1 126 ? -0.881  17.405  3.277   1.00 25.34 ? 126 TRP A CE3 1 
ATOM   976  C CZ2 . TRP A 1 126 ? -2.139  18.500  0.975   1.00 28.50 ? 126 TRP A CZ2 1 
ATOM   977  C CZ3 . TRP A 1 126 ? -1.863  16.701  2.579   1.00 26.96 ? 126 TRP A CZ3 1 
ATOM   978  C CH2 . TRP A 1 126 ? -2.480  17.253  1.439   1.00 27.67 ? 126 TRP A CH2 1 
ATOM   979  N N   . ASN A 1 127 ? 4.074   20.742  3.482   1.00 27.89 ? 127 ASN A N   1 
ATOM   980  C CA  . ASN A 1 127 ? 4.819   21.569  2.535   1.00 28.39 ? 127 ASN A CA  1 
ATOM   981  C C   . ASN A 1 127 ? 6.316   21.267  2.492   1.00 27.44 ? 127 ASN A C   1 
ATOM   982  O O   . ASN A 1 127 ? 7.080   21.994  1.847   1.00 28.67 ? 127 ASN A O   1 
ATOM   983  C CB  . ASN A 1 127 ? 4.631   23.051  2.879   1.00 31.31 ? 127 ASN A CB  1 
ATOM   984  C CG  . ASN A 1 127 ? 3.181   23.481  2.846   1.00 32.92 ? 127 ASN A CG  1 
ATOM   985  O OD1 . ASN A 1 127 ? 2.644   23.818  1.792   1.00 36.20 ? 127 ASN A OD1 1 
ATOM   986  N ND2 . ASN A 1 127 ? 2.540   23.483  4.006   1.00 35.69 ? 127 ASN A ND2 1 
ATOM   987  N N   . SER A 1 128 ? 6.745   20.211  3.172   1.00 24.09 ? 128 SER A N   1 
ATOM   988  C CA  . SER A 1 128 ? 8.161   19.875  3.210   1.00 24.47 ? 128 SER A CA  1 
ATOM   989  C C   . SER A 1 128 ? 8.721   19.266  1.927   1.00 25.91 ? 128 SER A C   1 
ATOM   990  O O   . SER A 1 128 ? 7.987   18.741  1.081   1.00 24.43 ? 128 SER A O   1 
ATOM   991  C CB  . SER A 1 128 ? 8.470   18.956  4.402   1.00 26.76 ? 128 SER A CB  1 
ATOM   992  O OG  . SER A 1 128 ? 7.989   17.637  4.196   1.00 28.12 ? 128 SER A OG  1 
ATOM   993  N N   . PHE A 1 129 ? 10.045  19.312  1.819   1.00 23.42 ? 129 PHE A N   1 
ATOM   994  C CA  . PHE A 1 129 ? 10.763  18.766  0.676   1.00 22.11 ? 129 PHE A CA  1 
ATOM   995  C C   . PHE A 1 129 ? 10.624  17.243  0.672   1.00 21.14 ? 129 PHE A C   1 
ATOM   996  O O   . PHE A 1 129 ? 10.414  16.636  -0.376  1.00 19.47 ? 129 PHE A O   1 
ATOM   997  C CB  . PHE A 1 129 ? 12.241  19.163  0.756   1.00 23.35 ? 129 PHE A CB  1 
ATOM   998  C CG  . PHE A 1 129 ? 13.101  18.520  -0.291  1.00 26.41 ? 129 PHE A CG  1 
ATOM   999  C CD1 . PHE A 1 129 ? 13.181  19.057  -1.570  1.00 28.69 ? 129 PHE A CD1 1 
ATOM   1000 C CD2 . PHE A 1 129 ? 13.825  17.365  0.000   1.00 26.26 ? 129 PHE A CD2 1 
ATOM   1001 C CE1 . PHE A 1 129 ? 13.969  18.453  -2.547  1.00 29.00 ? 129 PHE A CE1 1 
ATOM   1002 C CE2 . PHE A 1 129 ? 14.614  16.753  -0.970  1.00 28.05 ? 129 PHE A CE2 1 
ATOM   1003 C CZ  . PHE A 1 129 ? 14.686  17.298  -2.245  1.00 29.57 ? 129 PHE A CZ  1 
ATOM   1004 N N   . VAL A 1 130 ? 10.737  16.639  1.854   1.00 19.94 ? 130 VAL A N   1 
ATOM   1005 C CA  . VAL A 1 130 ? 10.622  15.190  2.010   1.00 19.99 ? 130 VAL A CA  1 
ATOM   1006 C C   . VAL A 1 130 ? 9.278   14.677  1.486   1.00 19.57 ? 130 VAL A C   1 
ATOM   1007 O O   . VAL A 1 130 ? 9.218   13.658  0.795   1.00 19.04 ? 130 VAL A O   1 
ATOM   1008 C CB  . VAL A 1 130 ? 10.793  14.767  3.490   1.00 20.99 ? 130 VAL A CB  1 
ATOM   1009 C CG1 . VAL A 1 130 ? 10.465  13.289  3.669   1.00 18.57 ? 130 VAL A CG1 1 
ATOM   1010 C CG2 . VAL A 1 130 ? 12.221  15.032  3.944   1.00 20.12 ? 130 VAL A CG2 1 
ATOM   1011 N N   . VAL A 1 131 ? 8.208   15.399  1.799   1.00 17.83 ? 131 VAL A N   1 
ATOM   1012 C CA  . VAL A 1 131 ? 6.879   15.010  1.350   1.00 19.71 ? 131 VAL A CA  1 
ATOM   1013 C C   . VAL A 1 131 ? 6.729   15.189  -0.160  1.00 21.29 ? 131 VAL A C   1 
ATOM   1014 O O   . VAL A 1 131 ? 6.213   14.296  -0.834  1.00 20.24 ? 131 VAL A O   1 
ATOM   1015 C CB  . VAL A 1 131 ? 5.777   15.757  2.133   1.00 17.49 ? 131 VAL A CB  1 
ATOM   1016 C CG1 . VAL A 1 131 ? 4.421   15.583  1.467   1.00 17.36 ? 131 VAL A CG1 1 
ATOM   1017 C CG2 . VAL A 1 131 ? 5.716   15.209  3.548   1.00 19.85 ? 131 VAL A CG2 1 
ATOM   1018 N N   . LYS A 1 132 ? 7.232   16.302  -0.694  1.00 18.97 ? 132 LYS A N   1 
ATOM   1019 C CA  . LYS A 1 132 ? 7.159   16.558  -2.133  1.00 17.38 ? 132 LYS A CA  1 
ATOM   1020 C C   . LYS A 1 132 ? 7.856   15.414  -2.859  1.00 15.58 ? 132 LYS A C   1 
ATOM   1021 O O   . LYS A 1 132 ? 7.361   14.899  -3.865  1.00 16.69 ? 132 LYS A O   1 
ATOM   1022 C CB  . LYS A 1 132 ? 7.827   17.886  -2.479  1.00 18.25 ? 132 LYS A CB  1 
ATOM   1023 N N   . SER A 1 133 ? 8.990   14.996  -2.311  1.00 13.77 ? 133 SER A N   1 
ATOM   1024 C CA  . SER A 1 133 ? 9.779   13.912  -2.871  1.00 15.45 ? 133 SER A CA  1 
ATOM   1025 C C   . SER A 1 133 ? 8.996   12.604  -2.814  1.00 16.82 ? 133 SER A C   1 
ATOM   1026 O O   . SER A 1 133 ? 8.942   11.857  -3.794  1.00 17.33 ? 133 SER A O   1 
ATOM   1027 C CB  A SER A 1 133 ? 11.103  13.770  -2.119  0.50 15.07 ? 133 SER A CB  1 
ATOM   1028 C CB  B SER A 1 133 ? 11.068  13.757  -2.063  0.50 15.07 ? 133 SER A CB  1 
ATOM   1029 O OG  A SER A 1 133 ? 11.882  14.948  -2.239  0.50 17.90 ? 133 SER A OG  1 
ATOM   1030 O OG  B SER A 1 133 ? 12.030  12.988  -2.763  0.50 17.74 ? 133 SER A OG  1 
ATOM   1031 N N   . LEU A 1 134 ? 8.398   12.332  -1.658  1.00 17.35 ? 134 LEU A N   1 
ATOM   1032 C CA  . LEU A 1 134 ? 7.623   11.117  -1.453  1.00 16.45 ? 134 LEU A CA  1 
ATOM   1033 C C   . LEU A 1 134 ? 6.456   11.016  -2.430  1.00 14.25 ? 134 LEU A C   1 
ATOM   1034 O O   . LEU A 1 134 ? 6.203   9.951   -2.994  1.00 19.32 ? 134 LEU A O   1 
ATOM   1035 C CB  . LEU A 1 134 ? 7.143   11.049  -0.006  1.00 16.30 ? 134 LEU A CB  1 
ATOM   1036 C CG  . LEU A 1 134 ? 7.741   9.922   0.838   1.00 19.38 ? 134 LEU A CG  1 
ATOM   1037 C CD1 . LEU A 1 134 ? 9.151   9.587   0.401   1.00 19.58 ? 134 LEU A CD1 1 
ATOM   1038 C CD2 . LEU A 1 134 ? 7.702   10.319  2.301   1.00 21.27 ? 134 LEU A CD2 1 
ATOM   1039 N N   . VAL A 1 135 ? 5.770   12.127  -2.657  1.00 11.22 ? 135 VAL A N   1 
ATOM   1040 C CA  . VAL A 1 135 ? 4.654   12.148  -3.590  1.00 13.68 ? 135 VAL A CA  1 
ATOM   1041 C C   . VAL A 1 135 ? 5.147   11.721  -4.970  1.00 17.01 ? 135 VAL A C   1 
ATOM   1042 O O   . VAL A 1 135 ? 4.564   10.834  -5.606  1.00 18.84 ? 135 VAL A O   1 
ATOM   1043 C CB  . VAL A 1 135 ? 4.023   13.550  -3.671  1.00 13.08 ? 135 VAL A CB  1 
ATOM   1044 C CG1 . VAL A 1 135 ? 2.963   13.597  -4.762  1.00 14.98 ? 135 VAL A CG1 1 
ATOM   1045 C CG2 . VAL A 1 135 ? 3.410   13.916  -2.333  1.00 11.17 ? 135 VAL A CG2 1 
ATOM   1046 N N   . ALA A 1 136 ? 6.263   12.307  -5.394  1.00 17.11 ? 136 ALA A N   1 
ATOM   1047 C CA  . ALA A 1 136 ? 6.855   12.004  -6.689  1.00 16.27 ? 136 ALA A CA  1 
ATOM   1048 C C   . ALA A 1 136 ? 7.320   10.548  -6.773  1.00 16.43 ? 136 ALA A C   1 
ATOM   1049 O O   . ALA A 1 136 ? 7.136   9.893   -7.799  1.00 16.55 ? 136 ALA A O   1 
ATOM   1050 C CB  . ALA A 1 136 ? 8.018   12.953  -6.968  1.00 18.28 ? 136 ALA A CB  1 
ATOM   1051 N N   . GLN A 1 137 ? 7.910   10.048  -5.690  1.00 13.11 ? 137 GLN A N   1 
ATOM   1052 C CA  . GLN A 1 137 ? 8.399   8.672   -5.624  1.00 16.07 ? 137 GLN A CA  1 
ATOM   1053 C C   . GLN A 1 137 ? 7.260   7.678   -5.814  1.00 15.67 ? 137 GLN A C   1 
ATOM   1054 O O   . GLN A 1 137 ? 7.409   6.680   -6.515  1.00 12.81 ? 137 GLN A O   1 
ATOM   1055 C CB  . GLN A 1 137 ? 9.037   8.405   -4.260  1.00 21.57 ? 137 GLN A CB  1 
ATOM   1056 C CG  . GLN A 1 137 ? 10.544  8.295   -4.253  1.00 34.06 ? 137 GLN A CG  1 
ATOM   1057 C CD  . GLN A 1 137 ? 11.107  8.344   -2.840  1.00 41.22 ? 137 GLN A CD  1 
ATOM   1058 O OE1 . GLN A 1 137 ? 11.365  7.311   -2.217  1.00 44.88 ? 137 GLN A OE1 1 
ATOM   1059 N NE2 . GLN A 1 137 ? 11.279  9.552   -2.320  1.00 41.18 ? 137 GLN A NE2 1 
ATOM   1060 N N   . GLN A 1 138 ? 6.134   7.951   -5.156  1.00 14.65 ? 138 GLN A N   1 
ATOM   1061 C CA  . GLN A 1 138 ? 4.964   7.083   -5.220  1.00 14.56 ? 138 GLN A CA  1 
ATOM   1062 C C   . GLN A 1 138 ? 4.423   6.935   -6.633  1.00 14.69 ? 138 GLN A C   1 
ATOM   1063 O O   . GLN A 1 138 ? 4.159   5.820   -7.085  1.00 14.97 ? 138 GLN A O   1 
ATOM   1064 C CB  . GLN A 1 138 ? 3.873   7.581   -4.272  1.00 10.38 ? 138 GLN A CB  1 
ATOM   1065 C CG  . GLN A 1 138 ? 4.247   7.458   -2.809  1.00 7.83  ? 138 GLN A CG  1 
ATOM   1066 C CD  . GLN A 1 138 ? 3.141   7.904   -1.881  1.00 14.13 ? 138 GLN A CD  1 
ATOM   1067 O OE1 . GLN A 1 138 ? 2.372   7.087   -1.374  1.00 13.71 ? 138 GLN A OE1 1 
ATOM   1068 N NE2 . GLN A 1 138 ? 3.064   9.204   -1.636  1.00 14.26 ? 138 GLN A NE2 1 
ATOM   1069 N N   . GLU A 1 139 ? 4.297   8.049   -7.345  1.00 14.99 ? 139 GLU A N   1 
ATOM   1070 C CA  . GLU A 1 139 ? 3.797   8.005   -8.712  1.00 17.18 ? 139 GLU A CA  1 
ATOM   1071 C C   . GLU A 1 139 ? 4.809   7.355   -9.646  1.00 18.00 ? 139 GLU A C   1 
ATOM   1072 O O   . GLU A 1 139 ? 4.446   6.574   -10.532 1.00 19.90 ? 139 GLU A O   1 
ATOM   1073 C CB  . GLU A 1 139 ? 3.465   9.403   -9.217  1.00 16.48 ? 139 GLU A CB  1 
ATOM   1074 C CG  . GLU A 1 139 ? 2.904   9.390   -10.625 1.00 20.19 ? 139 GLU A CG  1 
ATOM   1075 C CD  . GLU A 1 139 ? 2.495   10.758  -11.104 1.00 23.55 ? 139 GLU A CD  1 
ATOM   1076 O OE1 . GLU A 1 139 ? 1.811   11.476  -10.347 1.00 25.97 ? 139 GLU A OE1 1 
ATOM   1077 O OE2 . GLU A 1 139 ? 2.850   11.113  -12.244 1.00 25.59 ? 139 GLU A OE2 1 
ATOM   1078 N N   . LYS A 1 140 ? 6.082   7.676   -9.434  1.00 13.46 ? 140 LYS A N   1 
ATOM   1079 C CA  . LYS A 1 140 ? 7.165   7.134   -10.246 1.00 14.48 ? 140 LYS A CA  1 
ATOM   1080 C C   . LYS A 1 140 ? 7.231   5.608   -10.123 1.00 14.80 ? 140 LYS A C   1 
ATOM   1081 O O   . LYS A 1 140 ? 7.384   4.903   -11.123 1.00 14.64 ? 140 LYS A O   1 
ATOM   1082 C CB  . LYS A 1 140 ? 8.492   7.764   -9.819  1.00 14.97 ? 140 LYS A CB  1 
ATOM   1083 C CG  . LYS A 1 140 ? 9.500   7.928   -10.938 1.00 22.56 ? 140 LYS A CG  1 
ATOM   1084 C CD  . LYS A 1 140 ? 10.385  6.716   -11.080 1.00 28.14 ? 140 LYS A CD  1 
ATOM   1085 C CE  . LYS A 1 140 ? 11.426  6.925   -12.166 1.00 28.14 ? 140 LYS A CE  1 
ATOM   1086 N NZ  . LYS A 1 140 ? 12.378  5.785   -12.191 1.00 28.82 ? 140 LYS A NZ  1 
ATOM   1087 N N   . ALA A 1 141 ? 7.107   5.104   -8.898  1.00 11.41 ? 141 ALA A N   1 
ATOM   1088 C CA  . ALA A 1 141 ? 7.142   3.667   -8.648  1.00 12.64 ? 141 ALA A CA  1 
ATOM   1089 C C   . ALA A 1 141 ? 5.993   2.964   -9.379  1.00 9.82  ? 141 ALA A C   1 
ATOM   1090 O O   . ALA A 1 141 ? 6.178   1.896   -9.961  1.00 12.02 ? 141 ALA A O   1 
ATOM   1091 C CB  . ALA A 1 141 ? 7.068   3.395   -7.161  1.00 10.47 ? 141 ALA A CB  1 
ATOM   1092 N N   . ALA A 1 142 ? 4.815   3.581   -9.362  1.00 10.65 ? 142 ALA A N   1 
ATOM   1093 C CA  . ALA A 1 142 ? 3.647   3.023   -10.042 1.00 13.75 ? 142 ALA A CA  1 
ATOM   1094 C C   . ALA A 1 142 ? 3.914   2.915   -11.547 1.00 15.67 ? 142 ALA A C   1 
ATOM   1095 O O   . ALA A 1 142 ? 3.596   1.900   -12.178 1.00 12.67 ? 142 ALA A O   1 
ATOM   1096 C CB  . ALA A 1 142 ? 2.424   3.893   -9.785  1.00 10.06 ? 142 ALA A CB  1 
ATOM   1097 N N   . ALA A 1 143 ? 4.512   3.960   -12.117 1.00 16.48 ? 143 ALA A N   1 
ATOM   1098 C CA  . ALA A 1 143 ? 4.830   3.980   -13.542 1.00 13.56 ? 143 ALA A CA  1 
ATOM   1099 C C   . ALA A 1 143 ? 5.880   2.927   -13.891 1.00 13.23 ? 143 ALA A C   1 
ATOM   1100 O O   . ALA A 1 143 ? 5.793   2.277   -14.936 1.00 14.89 ? 143 ALA A O   1 
ATOM   1101 C CB  . ALA A 1 143 ? 5.312   5.363   -13.960 1.00 13.75 ? 143 ALA A CB  1 
ATOM   1102 N N   . ASP A 1 144 ? 6.856   2.741   -13.004 1.00 13.14 ? 144 ASP A N   1 
ATOM   1103 C CA  . ASP A 1 144 ? 7.925   1.771   -13.225 1.00 13.89 ? 144 ASP A CA  1 
ATOM   1104 C C   . ASP A 1 144 ? 7.419   0.337   -13.314 1.00 14.52 ? 144 ASP A C   1 
ATOM   1105 O O   . ASP A 1 144 ? 8.014   -0.497  -13.996 1.00 14.77 ? 144 ASP A O   1 
ATOM   1106 C CB  . ASP A 1 144 ? 8.980   1.863   -12.116 1.00 20.07 ? 144 ASP A CB  1 
ATOM   1107 C CG  . ASP A 1 144 ? 9.850   3.111   -12.218 1.00 26.44 ? 144 ASP A CG  1 
ATOM   1108 O OD1 . ASP A 1 144 ? 9.872   3.767   -13.286 1.00 26.22 ? 144 ASP A OD1 1 
ATOM   1109 O OD2 . ASP A 1 144 ? 10.525  3.428   -11.214 1.00 26.57 ? 144 ASP A OD2 1 
ATOM   1110 N N   . VAL A 1 145 ? 6.349   0.032   -12.588 1.00 13.74 ? 145 VAL A N   1 
ATOM   1111 C CA  . VAL A 1 145 ? 5.792   -1.317  -12.619 1.00 15.44 ? 145 VAL A CA  1 
ATOM   1112 C C   . VAL A 1 145 ? 4.573   -1.423  -13.540 1.00 16.20 ? 145 VAL A C   1 
ATOM   1113 O O   . VAL A 1 145 ? 3.901   -2.454  -13.567 1.00 19.21 ? 145 VAL A O   1 
ATOM   1114 C CB  . VAL A 1 145 ? 5.425   -1.816  -11.198 1.00 12.26 ? 145 VAL A CB  1 
ATOM   1115 C CG1 . VAL A 1 145 ? 6.670   -1.849  -10.316 1.00 15.85 ? 145 VAL A CG1 1 
ATOM   1116 C CG2 . VAL A 1 145 ? 4.349   -0.938  -10.579 1.00 10.36 ? 145 VAL A CG2 1 
ATOM   1117 N N   . GLN A 1 146 ? 4.304   -0.362  -14.299 1.00 15.01 ? 146 GLN A N   1 
ATOM   1118 C CA  . GLN A 1 146 ? 3.167   -0.317  -15.223 1.00 15.28 ? 146 GLN A CA  1 
ATOM   1119 C C   . GLN A 1 146 ? 1.856   -0.677  -14.512 1.00 16.70 ? 146 GLN A C   1 
ATOM   1120 O O   . GLN A 1 146 ? 1.036   -1.444  -15.023 1.00 18.55 ? 146 GLN A O   1 
ATOM   1121 C CB  . GLN A 1 146 ? 3.412   -1.246  -16.420 1.00 14.34 ? 146 GLN A CB  1 
ATOM   1122 N N   . LEU A 1 147 ? 1.659   -0.085  -13.338 1.00 15.29 ? 147 LEU A N   1 
ATOM   1123 C CA  . LEU A 1 147 ? 0.475   -0.327  -12.522 1.00 14.60 ? 147 LEU A CA  1 
ATOM   1124 C C   . LEU A 1 147 ? -0.803  0.248   -13.129 1.00 16.38 ? 147 LEU A C   1 
ATOM   1125 O O   . LEU A 1 147 ? -0.862  1.427   -13.490 1.00 16.58 ? 147 LEU A O   1 
ATOM   1126 C CB  . LEU A 1 147 ? 0.675   0.276   -11.132 1.00 11.94 ? 147 LEU A CB  1 
ATOM   1127 C CG  . LEU A 1 147 ? -0.341  -0.109  -10.063 1.00 13.57 ? 147 LEU A CG  1 
ATOM   1128 C CD1 . LEU A 1 147 ? 0.059   -1.452  -9.473  1.00 11.20 ? 147 LEU A CD1 1 
ATOM   1129 C CD2 . LEU A 1 147 ? -0.376  0.952   -8.983  1.00 15.02 ? 147 LEU A CD2 1 
ATOM   1130 N N   . ARG A 1 148 ? -1.839  -0.580  -13.202 1.00 16.11 ? 148 ARG A N   1 
ATOM   1131 C CA  . ARG A 1 148 ? -3.126  -0.146  -13.739 1.00 18.89 ? 148 ARG A CA  1 
ATOM   1132 C C   . ARG A 1 148 ? -4.263  -0.398  -12.755 1.00 16.70 ? 148 ARG A C   1 
ATOM   1133 O O   . ARG A 1 148 ? -5.381  0.075   -12.957 1.00 18.03 ? 148 ARG A O   1 
ATOM   1134 C CB  . ARG A 1 148 ? -3.415  -0.840  -15.070 1.00 18.31 ? 148 ARG A CB  1 
ATOM   1135 C CG  . ARG A 1 148 ? -2.621  -0.271  -16.226 1.00 25.81 ? 148 ARG A CG  1 
ATOM   1136 C CD  . ARG A 1 148 ? -2.831  -1.081  -17.486 1.00 27.65 ? 148 ARG A CD  1 
ATOM   1137 N NE  . ARG A 1 148 ? -2.306  -2.437  -17.352 1.00 28.74 ? 148 ARG A NE  1 
ATOM   1138 C CZ  . ARG A 1 148 ? -1.020  -2.760  -17.460 1.00 31.59 ? 148 ARG A CZ  1 
ATOM   1139 N NH1 . ARG A 1 148 ? -0.111  -1.822  -17.708 1.00 32.79 ? 148 ARG A NH1 1 
ATOM   1140 N NH2 . ARG A 1 148 ? -0.644  -4.024  -17.327 1.00 32.53 ? 148 ARG A NH2 1 
ATOM   1141 N N   . GLY A 1 149 ? -3.971  -1.128  -11.685 1.00 15.62 ? 149 GLY A N   1 
ATOM   1142 C CA  . GLY A 1 149 ? -4.993  -1.416  -10.698 1.00 14.94 ? 149 GLY A CA  1 
ATOM   1143 C C   . GLY A 1 149 ? -4.437  -1.789  -9.340  1.00 13.96 ? 149 GLY A C   1 
ATOM   1144 O O   . GLY A 1 149 ? -3.317  -2.294  -9.235  1.00 14.52 ? 149 GLY A O   1 
ATOM   1145 N N   . VAL A 1 150 ? -5.221  -1.515  -8.305  1.00 12.62 ? 150 VAL A N   1 
ATOM   1146 C CA  . VAL A 1 150 ? -4.858  -1.816  -6.925  1.00 12.82 ? 150 VAL A CA  1 
ATOM   1147 C C   . VAL A 1 150 ? -6.003  -2.612  -6.290  1.00 12.82 ? 150 VAL A C   1 
ATOM   1148 O O   . VAL A 1 150 ? -7.142  -2.530  -6.747  1.00 12.31 ? 150 VAL A O   1 
ATOM   1149 C CB  . VAL A 1 150 ? -4.625  -0.516  -6.119  1.00 13.52 ? 150 VAL A CB  1 
ATOM   1150 C CG1 . VAL A 1 150 ? -3.407  0.220   -6.653  1.00 12.12 ? 150 VAL A CG1 1 
ATOM   1151 C CG2 . VAL A 1 150 ? -5.851  0.379   -6.189  1.00 13.50 ? 150 VAL A CG2 1 
ATOM   1152 N N   . PRO A 1 151 ? -5.721  -3.389  -5.229  1.00 11.51 ? 151 PRO A N   1 
ATOM   1153 C CA  . PRO A 1 151 ? -4.418  -3.570  -4.587  1.00 12.11 ? 151 PRO A CA  1 
ATOM   1154 C C   . PRO A 1 151 ? -3.470  -4.404  -5.434  1.00 12.62 ? 151 PRO A C   1 
ATOM   1155 O O   . PRO A 1 151 ? -3.903  -5.189  -6.273  1.00 13.70 ? 151 PRO A O   1 
ATOM   1156 C CB  . PRO A 1 151 ? -4.781  -4.275  -3.281  1.00 14.26 ? 151 PRO A CB  1 
ATOM   1157 C CG  . PRO A 1 151 ? -5.958  -5.102  -3.670  1.00 12.59 ? 151 PRO A CG  1 
ATOM   1158 C CD  . PRO A 1 151 ? -6.765  -4.144  -4.511  1.00 12.60 ? 151 PRO A CD  1 
ATOM   1159 N N   . ALA A 1 152 ? -2.175  -4.202  -5.231  1.00 11.18 ? 152 ALA A N   1 
ATOM   1160 C CA  . ALA A 1 152 ? -1.156  -4.929  -5.973  1.00 11.55 ? 152 ALA A CA  1 
ATOM   1161 C C   . ALA A 1 152 ? 0.091   -5.029  -5.110  1.00 11.74 ? 152 ALA A C   1 
ATOM   1162 O O   . ALA A 1 152 ? 0.322   -4.181  -4.247  1.00 14.55 ? 152 ALA A O   1 
ATOM   1163 C CB  . ALA A 1 152 ? -0.839  -4.204  -7.274  1.00 9.98  ? 152 ALA A CB  1 
ATOM   1164 N N   . MET A 1 153 ? 0.889   -6.064  -5.332  1.00 12.04 ? 153 MET A N   1 
ATOM   1165 C CA  . MET A 1 153 ? 2.105   -6.238  -4.555  1.00 15.05 ? 153 MET A CA  1 
ATOM   1166 C C   . MET A 1 153 ? 3.230   -6.738  -5.445  1.00 15.36 ? 153 MET A C   1 
ATOM   1167 O O   . MET A 1 153 ? 3.022   -7.605  -6.302  1.00 15.54 ? 153 MET A O   1 
ATOM   1168 C CB  . MET A 1 153 ? 1.869   -7.195  -3.386  1.00 16.30 ? 153 MET A CB  1 
ATOM   1169 C CG  . MET A 1 153 ? 2.945   -7.112  -2.313  1.00 20.88 ? 153 MET A CG  1 
ATOM   1170 S SD  . MET A 1 153 ? 2.540   -8.019  -0.817  1.00 26.51 ? 153 MET A SD  1 
ATOM   1171 C CE  . MET A 1 153 ? 1.260   -6.976  -0.123  1.00 19.00 ? 153 MET A CE  1 
ATOM   1172 N N   . PHE A 1 154 ? 4.416   -6.172  -5.253  1.00 13.49 ? 154 PHE A N   1 
ATOM   1173 C CA  . PHE A 1 154 ? 5.586   -6.529  -6.042  1.00 12.54 ? 154 PHE A CA  1 
ATOM   1174 C C   . PHE A 1 154 ? 6.753   -6.897  -5.139  1.00 14.83 ? 154 PHE A C   1 
ATOM   1175 O O   . PHE A 1 154 ? 6.923   -6.312  -4.067  1.00 17.39 ? 154 PHE A O   1 
ATOM   1176 C CB  . PHE A 1 154 ? 5.975   -5.360  -6.954  1.00 11.42 ? 154 PHE A CB  1 
ATOM   1177 C CG  . PHE A 1 154 ? 4.878   -4.931  -7.890  1.00 9.35  ? 154 PHE A CG  1 
ATOM   1178 C CD1 . PHE A 1 154 ? 3.847   -4.106  -7.445  1.00 12.19 ? 154 PHE A CD1 1 
ATOM   1179 C CD2 . PHE A 1 154 ? 4.864   -5.368  -9.211  1.00 14.84 ? 154 PHE A CD2 1 
ATOM   1180 C CE1 . PHE A 1 154 ? 2.813   -3.722  -8.300  1.00 11.25 ? 154 PHE A CE1 1 
ATOM   1181 C CE2 . PHE A 1 154 ? 3.832   -4.988  -10.078 1.00 12.97 ? 154 PHE A CE2 1 
ATOM   1182 C CZ  . PHE A 1 154 ? 2.807   -4.166  -9.624  1.00 13.10 ? 154 PHE A CZ  1 
ATOM   1183 N N   . VAL A 1 155 ? 7.535   -7.888  -5.554  1.00 14.79 ? 155 VAL A N   1 
ATOM   1184 C CA  . VAL A 1 155 ? 8.688   -8.330  -4.778  1.00 20.21 ? 155 VAL A CA  1 
ATOM   1185 C C   . VAL A 1 155 ? 9.977   -8.109  -5.561  1.00 21.52 ? 155 VAL A C   1 
ATOM   1186 O O   . VAL A 1 155 ? 10.055  -8.431  -6.753  1.00 20.31 ? 155 VAL A O   1 
ATOM   1187 C CB  . VAL A 1 155 ? 8.585   -9.828  -4.385  1.00 19.92 ? 155 VAL A CB  1 
ATOM   1188 C CG1 . VAL A 1 155 ? 9.795   -10.237 -3.554  1.00 14.12 ? 155 VAL A CG1 1 
ATOM   1189 C CG2 . VAL A 1 155 ? 7.303   -10.084 -3.606  1.00 18.74 ? 155 VAL A CG2 1 
ATOM   1190 N N   . ASN A 1 156 ? 10.965  -7.520  -4.891  1.00 25.15 ? 156 ASN A N   1 
ATOM   1191 C CA  . ASN A 1 156 ? 12.278  -7.234  -5.469  1.00 27.03 ? 156 ASN A CA  1 
ATOM   1192 C C   . ASN A 1 156 ? 12.179  -6.507  -6.806  1.00 26.86 ? 156 ASN A C   1 
ATOM   1193 O O   . ASN A 1 156 ? 13.058  -6.636  -7.661  1.00 27.95 ? 156 ASN A O   1 
ATOM   1194 C CB  . ASN A 1 156 ? 13.090  -8.532  -5.618  1.00 29.43 ? 156 ASN A CB  1 
ATOM   1195 C CG  . ASN A 1 156 ? 13.409  -9.180  -4.278  1.00 32.71 ? 156 ASN A CG  1 
ATOM   1196 O OD1 . ASN A 1 156 ? 13.571  -8.494  -3.264  1.00 33.01 ? 156 ASN A OD1 1 
ATOM   1197 N ND2 . ASN A 1 156 ? 13.507  -10.506 -4.268  1.00 32.52 ? 156 ASN A ND2 1 
ATOM   1198 N N   . GLY A 1 157 ? 11.093  -5.757  -6.979  1.00 25.04 ? 157 GLY A N   1 
ATOM   1199 C CA  . GLY A 1 157 ? 10.867  -5.020  -8.209  1.00 25.38 ? 157 GLY A CA  1 
ATOM   1200 C C   . GLY A 1 157 ? 10.943  -5.888  -9.451  1.00 27.95 ? 157 GLY A C   1 
ATOM   1201 O O   . GLY A 1 157 ? 11.190  -5.386  -10.549 1.00 29.09 ? 157 GLY A O   1 
ATOM   1202 N N   . LYS A 1 158 ? 10.697  -7.184  -9.293  1.00 26.60 ? 158 LYS A N   1 
ATOM   1203 C CA  . LYS A 1 158 ? 10.764  -8.104  -10.420 1.00 28.04 ? 158 LYS A CA  1 
ATOM   1204 C C   . LYS A 1 158 ? 9.527   -8.996  -10.554 1.00 26.11 ? 158 LYS A C   1 
ATOM   1205 O O   . LYS A 1 158 ? 9.146   -9.368  -11.665 1.00 27.70 ? 158 LYS A O   1 
ATOM   1206 C CB  . LYS A 1 158 ? 12.023  -8.968  -10.307 1.00 30.41 ? 158 LYS A CB  1 
ATOM   1207 C CG  . LYS A 1 158 ? 12.301  -9.809  -11.536 1.00 39.60 ? 158 LYS A CG  1 
ATOM   1208 C CD  . LYS A 1 158 ? 13.519  -10.701 -11.352 1.00 43.87 ? 158 LYS A CD  1 
ATOM   1209 C CE  . LYS A 1 158 ? 13.719  -11.584 -12.577 1.00 47.64 ? 158 LYS A CE  1 
ATOM   1210 N NZ  . LYS A 1 158 ? 14.762  -12.628 -12.372 1.00 50.95 ? 158 LYS A NZ  1 
ATOM   1211 N N   . TYR A 1 159 ? 8.900   -9.336  -9.431  1.00 22.06 ? 159 TYR A N   1 
ATOM   1212 C CA  . TYR A 1 159 ? 7.725   -10.201 -9.455  1.00 19.32 ? 159 TYR A CA  1 
ATOM   1213 C C   . TYR A 1 159 ? 6.459   -9.498  -9.002  1.00 20.11 ? 159 TYR A C   1 
ATOM   1214 O O   . TYR A 1 159 ? 6.485   -8.682  -8.081  1.00 20.55 ? 159 TYR A O   1 
ATOM   1215 C CB  . TYR A 1 159 ? 7.955   -11.427 -8.575  1.00 16.46 ? 159 TYR A CB  1 
ATOM   1216 C CG  . TYR A 1 159 ? 9.256   -12.127 -8.861  1.00 19.87 ? 159 TYR A CG  1 
ATOM   1217 C CD1 . TYR A 1 159 ? 9.454   -12.805 -10.062 1.00 20.29 ? 159 TYR A CD1 1 
ATOM   1218 C CD2 . TYR A 1 159 ? 10.304  -12.088 -7.942  1.00 22.06 ? 159 TYR A CD2 1 
ATOM   1219 C CE1 . TYR A 1 159 ? 10.663  -13.430 -10.340 1.00 22.75 ? 159 TYR A CE1 1 
ATOM   1220 C CE2 . TYR A 1 159 ? 11.519  -12.710 -8.210  1.00 21.21 ? 159 TYR A CE2 1 
ATOM   1221 C CZ  . TYR A 1 159 ? 11.690  -13.378 -9.412  1.00 22.92 ? 159 TYR A CZ  1 
ATOM   1222 O OH  . TYR A 1 159 ? 12.885  -14.004 -9.688  1.00 27.19 ? 159 TYR A OH  1 
ATOM   1223 N N   . GLN A 1 160 ? 5.353   -9.826  -9.657  1.00 19.43 ? 160 GLN A N   1 
ATOM   1224 C CA  . GLN A 1 160 ? 4.057   -9.260  -9.320  1.00 19.04 ? 160 GLN A CA  1 
ATOM   1225 C C   . GLN A 1 160 ? 3.169   -10.386 -8.809  1.00 19.35 ? 160 GLN A C   1 
ATOM   1226 O O   . GLN A 1 160 ? 3.025   -11.417 -9.475  1.00 19.77 ? 160 GLN A O   1 
ATOM   1227 C CB  . GLN A 1 160 ? 3.416   -8.629  -10.550 1.00 17.87 ? 160 GLN A CB  1 
ATOM   1228 C CG  . GLN A 1 160 ? 2.090   -7.953  -10.260 1.00 20.37 ? 160 GLN A CG  1 
ATOM   1229 C CD  . GLN A 1 160 ? 1.509   -7.239  -11.468 1.00 21.72 ? 160 GLN A CD  1 
ATOM   1230 O OE1 . GLN A 1 160 ? 0.319   -6.945  -11.501 1.00 29.19 ? 160 GLN A OE1 1 
ATOM   1231 N NE2 . GLN A 1 160 ? 2.346   -6.947  -12.458 1.00 21.14 ? 160 GLN A NE2 1 
ATOM   1232 N N   . LEU A 1 161 ? 2.604   -10.208 -7.621  1.00 18.59 ? 161 LEU A N   1 
ATOM   1233 C CA  . LEU A 1 161 ? 1.730   -11.220 -7.045  1.00 18.85 ? 161 LEU A CA  1 
ATOM   1234 C C   . LEU A 1 161 ? 0.490   -11.360 -7.916  1.00 21.03 ? 161 LEU A C   1 
ATOM   1235 O O   . LEU A 1 161 ? -0.078  -10.365 -8.371  1.00 22.36 ? 161 LEU A O   1 
ATOM   1236 C CB  . LEU A 1 161 ? 1.337   -10.854 -5.611  1.00 15.86 ? 161 LEU A CB  1 
ATOM   1237 C CG  . LEU A 1 161 ? 2.310   -11.233 -4.489  1.00 16.07 ? 161 LEU A CG  1 
ATOM   1238 C CD1 . LEU A 1 161 ? 2.396   -12.743 -4.359  1.00 13.50 ? 161 LEU A CD1 1 
ATOM   1239 C CD2 . LEU A 1 161 ? 3.685   -10.641 -4.744  1.00 16.05 ? 161 LEU A CD2 1 
ATOM   1240 N N   . ASN A 1 162 ? 0.098   -12.602 -8.174  1.00 21.84 ? 162 ASN A N   1 
ATOM   1241 C CA  . ASN A 1 162 ? -1.068  -12.889 -9.003  1.00 23.09 ? 162 ASN A CA  1 
ATOM   1242 C C   . ASN A 1 162 ? -2.105  -13.676 -8.202  1.00 22.92 ? 162 ASN A C   1 
ATOM   1243 O O   . ASN A 1 162 ? -2.112  -14.907 -8.217  1.00 23.32 ? 162 ASN A O   1 
ATOM   1244 C CB  . ASN A 1 162 ? -0.635  -13.676 -10.247 1.00 23.57 ? 162 ASN A CB  1 
ATOM   1245 C CG  . ASN A 1 162 ? -1.797  -14.030 -11.152 1.00 28.44 ? 162 ASN A CG  1 
ATOM   1246 O OD1 . ASN A 1 162 ? -2.823  -13.347 -11.165 1.00 33.48 ? 162 ASN A OD1 1 
ATOM   1247 N ND2 . ASN A 1 162 ? -1.653  -15.114 -11.899 1.00 27.36 ? 162 ASN A ND2 1 
ATOM   1248 N N   . PRO A 1 163 ? -3.008  -12.969 -7.498  1.00 23.98 ? 163 PRO A N   1 
ATOM   1249 C CA  . PRO A 1 163 ? -4.051  -13.610 -6.688  1.00 25.35 ? 163 PRO A CA  1 
ATOM   1250 C C   . PRO A 1 163 ? -4.970  -14.554 -7.471  1.00 28.46 ? 163 PRO A C   1 
ATOM   1251 O O   . PRO A 1 163 ? -5.434  -15.558 -6.932  1.00 26.29 ? 163 PRO A O   1 
ATOM   1252 C CB  . PRO A 1 163 ? -4.808  -12.416 -6.097  1.00 22.02 ? 163 PRO A CB  1 
ATOM   1253 C CG  . PRO A 1 163 ? -4.609  -11.336 -7.116  1.00 21.09 ? 163 PRO A CG  1 
ATOM   1254 C CD  . PRO A 1 163 ? -3.153  -11.503 -7.469  1.00 23.88 ? 163 PRO A CD  1 
ATOM   1255 N N   . GLN A 1 164 ? -5.201  -14.250 -8.748  1.00 30.44 ? 164 GLN A N   1 
ATOM   1256 C CA  . GLN A 1 164 ? -6.058  -15.079 -9.597  1.00 34.40 ? 164 GLN A CA  1 
ATOM   1257 C C   . GLN A 1 164 ? -5.531  -16.501 -9.773  1.00 34.83 ? 164 GLN A C   1 
ATOM   1258 O O   . GLN A 1 164 ? -6.289  -17.406 -10.128 1.00 36.20 ? 164 GLN A O   1 
ATOM   1259 C CB  . GLN A 1 164 ? -6.240  -14.444 -10.980 1.00 37.11 ? 164 GLN A CB  1 
ATOM   1260 C CG  . GLN A 1 164 ? -7.145  -13.220 -11.015 1.00 45.31 ? 164 GLN A CG  1 
ATOM   1261 C CD  . GLN A 1 164 ? -7.682  -12.928 -12.412 1.00 50.11 ? 164 GLN A CD  1 
ATOM   1262 O OE1 . GLN A 1 164 ? -7.471  -13.702 -13.349 1.00 50.96 ? 164 GLN A OE1 1 
ATOM   1263 N NE2 . GLN A 1 164 ? -8.396  -11.817 -12.553 1.00 49.64 ? 164 GLN A NE2 1 
ATOM   1264 N N   . GLY A 1 165 ? -4.232  -16.686 -9.557  1.00 34.53 ? 165 GLY A N   1 
ATOM   1265 C CA  . GLY A 1 165 ? -3.631  -18.000 -9.703  1.00 31.32 ? 165 GLY A CA  1 
ATOM   1266 C C   . GLY A 1 165 ? -3.430  -18.728 -8.388  1.00 31.48 ? 165 GLY A C   1 
ATOM   1267 O O   . GLY A 1 165 ? -2.779  -19.774 -8.346  1.00 31.01 ? 165 GLY A O   1 
ATOM   1268 N N   . MET A 1 166 ? -3.976  -18.173 -7.311  1.00 29.73 ? 166 MET A N   1 
ATOM   1269 C CA  . MET A 1 166 ? -3.854  -18.783 -5.993  1.00 31.45 ? 166 MET A CA  1 
ATOM   1270 C C   . MET A 1 166 ? -5.089  -19.605 -5.637  1.00 31.35 ? 166 MET A C   1 
ATOM   1271 O O   . MET A 1 166 ? -6.162  -19.431 -6.223  1.00 29.26 ? 166 MET A O   1 
ATOM   1272 C CB  . MET A 1 166 ? -3.624  -17.707 -4.927  1.00 33.22 ? 166 MET A CB  1 
ATOM   1273 C CG  . MET A 1 166 ? -2.244  -17.066 -4.967  1.00 33.34 ? 166 MET A CG  1 
ATOM   1274 S SD  . MET A 1 166 ? -2.133  -15.631 -3.881  1.00 33.49 ? 166 MET A SD  1 
ATOM   1275 C CE  . MET A 1 166 ? -0.790  -14.736 -4.663  1.00 33.10 ? 166 MET A CE  1 
ATOM   1276 N N   . ASP A 1 167 ? -4.928  -20.504 -4.673  1.00 30.36 ? 167 ASP A N   1 
ATOM   1277 C CA  . ASP A 1 167 ? -6.021  -21.350 -4.219  1.00 30.91 ? 167 ASP A CA  1 
ATOM   1278 C C   . ASP A 1 167 ? -7.039  -20.504 -3.451  1.00 28.17 ? 167 ASP A C   1 
ATOM   1279 O O   . ASP A 1 167 ? -6.792  -20.094 -2.318  1.00 27.31 ? 167 ASP A O   1 
ATOM   1280 C CB  . ASP A 1 167 ? -5.470  -22.470 -3.326  1.00 33.37 ? 167 ASP A CB  1 
ATOM   1281 C CG  . ASP A 1 167 ? -6.532  -23.474 -2.907  1.00 37.53 ? 167 ASP A CG  1 
ATOM   1282 O OD1 . ASP A 1 167 ? -7.640  -23.482 -3.493  1.00 40.65 ? 167 ASP A OD1 1 
ATOM   1283 O OD2 . ASP A 1 167 ? -6.250  -24.271 -1.989  1.00 38.11 ? 167 ASP A OD2 1 
ATOM   1284 N N   . THR A 1 168 ? -8.189  -20.261 -4.068  1.00 29.66 ? 168 THR A N   1 
ATOM   1285 C CA  . THR A 1 168 ? -9.246  -19.463 -3.453  1.00 30.87 ? 168 THR A CA  1 
ATOM   1286 C C   . THR A 1 168 ? -10.414 -20.316 -2.951  1.00 31.71 ? 168 THR A C   1 
ATOM   1287 O O   . THR A 1 168 ? -11.548 -19.845 -2.880  1.00 30.69 ? 168 THR A O   1 
ATOM   1288 C CB  . THR A 1 168 ? -9.793  -18.424 -4.454  1.00 31.38 ? 168 THR A CB  1 
ATOM   1289 O OG1 . THR A 1 168 ? -10.086 -19.078 -5.694  1.00 36.00 ? 168 THR A OG1 1 
ATOM   1290 C CG2 . THR A 1 168 ? -8.781  -17.321 -4.701  1.00 34.00 ? 168 THR A CG2 1 
ATOM   1291 N N   . SER A 1 169 ? -10.142 -21.569 -2.600  1.00 33.09 ? 169 SER A N   1 
ATOM   1292 C CA  . SER A 1 169 ? -11.192 -22.469 -2.121  1.00 35.88 ? 169 SER A CA  1 
ATOM   1293 C C   . SER A 1 169 ? -11.722 -22.117 -0.728  1.00 35.91 ? 169 SER A C   1 
ATOM   1294 O O   . SER A 1 169 ? -12.765 -22.619 -0.308  1.00 37.71 ? 169 SER A O   1 
ATOM   1295 C CB  . SER A 1 169 ? -10.700 -23.921 -2.146  1.00 34.99 ? 169 SER A CB  1 
ATOM   1296 O OG  . SER A 1 169 ? -9.533  -24.088 -1.359  1.00 39.64 ? 169 SER A OG  1 
ATOM   1297 N N   . ASN A 1 170 ? -11.020 -21.223 -0.040  1.00 34.27 ? 170 ASN A N   1 
ATOM   1298 C CA  . ASN A 1 170 ? -11.383 -20.805 1.311   1.00 33.87 ? 170 ASN A CA  1 
ATOM   1299 C C   . ASN A 1 170 ? -10.677 -19.473 1.585   1.00 32.78 ? 170 ASN A C   1 
ATOM   1300 O O   . ASN A 1 170 ? -9.550  -19.270 1.129   1.00 31.76 ? 170 ASN A O   1 
ATOM   1301 C CB  . ASN A 1 170 ? -10.908 -21.885 2.298   1.00 36.44 ? 170 ASN A CB  1 
ATOM   1302 C CG  . ASN A 1 170 ? -11.082 -21.494 3.755   1.00 37.40 ? 170 ASN A CG  1 
ATOM   1303 O OD1 . ASN A 1 170 ? -11.553 -20.407 4.080   1.00 45.33 ? 170 ASN A OD1 1 
ATOM   1304 N ND2 . ASN A 1 170 ? -10.669 -22.384 4.646   1.00 39.60 ? 170 ASN A ND2 1 
ATOM   1305 N N   . MET A 1 171 ? -11.335 -18.577 2.320   1.00 30.59 ? 171 MET A N   1 
ATOM   1306 C CA  . MET A 1 171 ? -10.767 -17.268 2.656   1.00 31.39 ? 171 MET A CA  1 
ATOM   1307 C C   . MET A 1 171 ? -9.409  -17.392 3.345   1.00 30.53 ? 171 MET A C   1 
ATOM   1308 O O   . MET A 1 171 ? -8.455  -16.702 2.989   1.00 32.25 ? 171 MET A O   1 
ATOM   1309 C CB  . MET A 1 171 ? -11.716 -16.479 3.566   1.00 30.46 ? 171 MET A CB  1 
ATOM   1310 C CG  . MET A 1 171 ? -13.012 -16.017 2.907   1.00 36.44 ? 171 MET A CG  1 
ATOM   1311 S SD  . MET A 1 171 ? -12.837 -14.569 1.832   1.00 38.68 ? 171 MET A SD  1 
ATOM   1312 C CE  . MET A 1 171 ? -14.160 -13.530 2.458   1.00 33.61 ? 171 MET A CE  1 
ATOM   1313 N N   . ASP A 1 172 ? -9.318  -18.308 4.300   1.00 30.09 ? 172 ASP A N   1 
ATOM   1314 C CA  . ASP A 1 172 ? -8.086  -18.516 5.054   1.00 30.73 ? 172 ASP A CA  1 
ATOM   1315 C C   . ASP A 1 172 ? -6.952  -19.113 4.227   1.00 30.53 ? 172 ASP A C   1 
ATOM   1316 O O   . ASP A 1 172 ? -5.795  -18.716 4.377   1.00 31.49 ? 172 ASP A O   1 
ATOM   1317 C CB  . ASP A 1 172 ? -8.372  -19.378 6.284   1.00 37.58 ? 172 ASP A CB  1 
ATOM   1318 C CG  . ASP A 1 172 ? -9.567  -18.872 7.078   1.00 44.86 ? 172 ASP A CG  1 
ATOM   1319 O OD1 . ASP A 1 172 ? -9.474  -17.781 7.685   1.00 42.83 ? 172 ASP A OD1 1 
ATOM   1320 O OD2 . ASP A 1 172 ? -10.614 -19.555 7.066   1.00 51.26 ? 172 ASP A OD2 1 
ATOM   1321 N N   . VAL A 1 173 ? -7.282  -20.056 3.349   1.00 29.15 ? 173 VAL A N   1 
ATOM   1322 C CA  . VAL A 1 173 ? -6.279  -20.692 2.495   1.00 29.72 ? 173 VAL A CA  1 
ATOM   1323 C C   . VAL A 1 173 ? -5.687  -19.657 1.532   1.00 29.09 ? 173 VAL A C   1 
ATOM   1324 O O   . VAL A 1 173 ? -4.482  -19.652 1.267   1.00 26.78 ? 173 VAL A O   1 
ATOM   1325 C CB  . VAL A 1 173 ? -6.886  -21.859 1.678   1.00 31.26 ? 173 VAL A CB  1 
ATOM   1326 C CG1 . VAL A 1 173 ? -5.832  -22.480 0.779   1.00 32.17 ? 173 VAL A CG1 1 
ATOM   1327 C CG2 . VAL A 1 173 ? -7.457  -22.911 2.610   1.00 35.58 ? 173 VAL A CG2 1 
ATOM   1328 N N   . PHE A 1 174 ? -6.548  -18.783 1.021   1.00 26.13 ? 174 PHE A N   1 
ATOM   1329 C CA  . PHE A 1 174 ? -6.132  -17.734 0.099   1.00 24.93 ? 174 PHE A CA  1 
ATOM   1330 C C   . PHE A 1 174 ? -5.132  -16.800 0.780   1.00 23.81 ? 174 PHE A C   1 
ATOM   1331 O O   . PHE A 1 174 ? -4.021  -16.592 0.284   1.00 23.77 ? 174 PHE A O   1 
ATOM   1332 C CB  . PHE A 1 174 ? -7.352  -16.941 -0.375  1.00 21.70 ? 174 PHE A CB  1 
ATOM   1333 C CG  . PHE A 1 174 ? -7.010  -15.762 -1.239  1.00 21.02 ? 174 PHE A CG  1 
ATOM   1334 C CD1 . PHE A 1 174 ? -6.434  -15.946 -2.493  1.00 20.88 ? 174 PHE A CD1 1 
ATOM   1335 C CD2 . PHE A 1 174 ? -7.248  -14.468 -0.791  1.00 21.38 ? 174 PHE A CD2 1 
ATOM   1336 C CE1 . PHE A 1 174 ? -6.094  -14.854 -3.291  1.00 22.63 ? 174 PHE A CE1 1 
ATOM   1337 C CE2 . PHE A 1 174 ? -6.912  -13.366 -1.581  1.00 23.22 ? 174 PHE A CE2 1 
ATOM   1338 C CZ  . PHE A 1 174 ? -6.334  -13.561 -2.833  1.00 20.98 ? 174 PHE A CZ  1 
ATOM   1339 N N   . VAL A 1 175 ? -5.531  -16.251 1.922   1.00 22.37 ? 175 VAL A N   1 
ATOM   1340 C CA  . VAL A 1 175 ? -4.681  -15.343 2.678   1.00 21.83 ? 175 VAL A CA  1 
ATOM   1341 C C   . VAL A 1 175 ? -3.328  -15.986 2.960   1.00 23.57 ? 175 VAL A C   1 
ATOM   1342 O O   . VAL A 1 175 ? -2.279  -15.422 2.643   1.00 23.45 ? 175 VAL A O   1 
ATOM   1343 C CB  . VAL A 1 175 ? -5.352  -14.939 4.012   1.00 20.77 ? 175 VAL A CB  1 
ATOM   1344 C CG1 . VAL A 1 175 ? -4.418  -14.067 4.840   1.00 22.02 ? 175 VAL A CG1 1 
ATOM   1345 C CG2 . VAL A 1 175 ? -6.650  -14.197 3.740   1.00 20.15 ? 175 VAL A CG2 1 
ATOM   1346 N N   . GLN A 1 176 ? -3.357  -17.196 3.503   1.00 25.06 ? 176 GLN A N   1 
ATOM   1347 C CA  . GLN A 1 176 ? -2.135  -17.910 3.835   1.00 27.34 ? 176 GLN A CA  1 
ATOM   1348 C C   . GLN A 1 176 ? -1.259  -18.182 2.617   1.00 27.11 ? 176 GLN A C   1 
ATOM   1349 O O   . GLN A 1 176 ? -0.035  -18.060 2.688   1.00 27.02 ? 176 GLN A O   1 
ATOM   1350 C CB  . GLN A 1 176 ? -2.469  -19.216 4.554   1.00 33.29 ? 176 GLN A CB  1 
ATOM   1351 C CG  . GLN A 1 176 ? -1.499  -19.568 5.677   1.00 42.95 ? 176 GLN A CG  1 
ATOM   1352 C CD  . GLN A 1 176 ? -1.482  -18.552 6.823   1.00 45.68 ? 176 GLN A CD  1 
ATOM   1353 O OE1 . GLN A 1 176 ? -0.628  -18.627 7.703   1.00 49.79 ? 176 GLN A OE1 1 
ATOM   1354 N NE2 . GLN A 1 176 ? -2.432  -17.618 6.826   1.00 44.94 ? 176 GLN A NE2 1 
ATOM   1355 N N   . GLN A 1 177 ? -1.880  -18.532 1.497   1.00 25.02 ? 177 GLN A N   1 
ATOM   1356 C CA  . GLN A 1 177 ? -1.122  -18.808 0.285   1.00 25.58 ? 177 GLN A CA  1 
ATOM   1357 C C   . GLN A 1 177 ? -0.478  -17.535 -0.257  1.00 23.70 ? 177 GLN A C   1 
ATOM   1358 O O   . GLN A 1 177 ? 0.627   -17.573 -0.802  1.00 23.20 ? 177 GLN A O   1 
ATOM   1359 C CB  . GLN A 1 177 ? -2.014  -19.448 -0.778  1.00 31.06 ? 177 GLN A CB  1 
ATOM   1360 C CG  . GLN A 1 177 ? -1.263  -19.839 -2.040  1.00 37.16 ? 177 GLN A CG  1 
ATOM   1361 C CD  . GLN A 1 177 ? -1.852  -21.058 -2.711  1.00 40.40 ? 177 GLN A CD  1 
ATOM   1362 O OE1 . GLN A 1 177 ? -2.164  -21.037 -3.902  1.00 41.66 ? 177 GLN A OE1 1 
ATOM   1363 N NE2 . GLN A 1 177 ? -1.998  -22.136 -1.951  1.00 41.31 ? 177 GLN A NE2 1 
ATOM   1364 N N   . TYR A 1 178 ? -1.172  -16.411 -0.099  1.00 21.92 ? 178 TYR A N   1 
ATOM   1365 C CA  . TYR A 1 178 ? -0.673  -15.118 -0.558  1.00 20.39 ? 178 TYR A CA  1 
ATOM   1366 C C   . TYR A 1 178 ? 0.618   -14.816 0.211   1.00 20.14 ? 178 TYR A C   1 
ATOM   1367 O O   . TYR A 1 178 ? 1.671   -14.581 -0.386  1.00 20.61 ? 178 TYR A O   1 
ATOM   1368 C CB  . TYR A 1 178 ? -1.719  -14.031 -0.288  1.00 19.75 ? 178 TYR A CB  1 
ATOM   1369 C CG  . TYR A 1 178 ? -1.516  -12.736 -1.054  1.00 23.68 ? 178 TYR A CG  1 
ATOM   1370 C CD1 . TYR A 1 178 ? -0.441  -11.892 -0.773  1.00 24.65 ? 178 TYR A CD1 1 
ATOM   1371 C CD2 . TYR A 1 178 ? -2.418  -12.342 -2.047  1.00 22.38 ? 178 TYR A CD2 1 
ATOM   1372 C CE1 . TYR A 1 178 ? -0.269  -10.691 -1.456  1.00 22.11 ? 178 TYR A CE1 1 
ATOM   1373 C CE2 . TYR A 1 178 ? -2.254  -11.142 -2.734  1.00 22.36 ? 178 TYR A CE2 1 
ATOM   1374 C CZ  . TYR A 1 178 ? -1.177  -10.322 -2.433  1.00 22.51 ? 178 TYR A CZ  1 
ATOM   1375 O OH  . TYR A 1 178 ? -1.003  -9.137  -3.109  1.00 19.89 ? 178 TYR A OH  1 
ATOM   1376 N N   . ALA A 1 179 ? 0.528   -14.877 1.536   1.00 18.57 ? 179 ALA A N   1 
ATOM   1377 C CA  . ALA A 1 179 ? 1.662   -14.623 2.415   1.00 17.80 ? 179 ALA A CA  1 
ATOM   1378 C C   . ALA A 1 179 ? 2.818   -15.564 2.107   1.00 20.12 ? 179 ALA A C   1 
ATOM   1379 O O   . ALA A 1 179 ? 3.978   -15.150 2.080   1.00 21.87 ? 179 ALA A O   1 
ATOM   1380 C CB  . ALA A 1 179 ? 1.239   -14.774 3.866   1.00 17.18 ? 179 ALA A CB  1 
ATOM   1381 N N   . ASP A 1 180 ? 2.500   -16.830 1.860   1.00 21.67 ? 180 ASP A N   1 
ATOM   1382 C CA  . ASP A 1 180 ? 3.523   -17.825 1.552   1.00 21.19 ? 180 ASP A CA  1 
ATOM   1383 C C   . ASP A 1 180 ? 4.230   -17.528 0.238   1.00 20.08 ? 180 ASP A C   1 
ATOM   1384 O O   . ASP A 1 180 ? 5.435   -17.754 0.112   1.00 18.49 ? 180 ASP A O   1 
ATOM   1385 C CB  . ASP A 1 180 ? 2.925   -19.235 1.512   1.00 24.45 ? 180 ASP A CB  1 
ATOM   1386 C CG  . ASP A 1 180 ? 2.555   -19.757 2.891   1.00 30.67 ? 180 ASP A CG  1 
ATOM   1387 O OD1 . ASP A 1 180 ? 3.163   -19.319 3.891   1.00 32.19 ? 180 ASP A OD1 1 
ATOM   1388 O OD2 . ASP A 1 180 ? 1.653   -20.615 2.971   1.00 33.80 ? 180 ASP A OD2 1 
ATOM   1389 N N   . THR A 1 181 ? 3.487   -17.021 -0.740  1.00 17.97 ? 181 THR A N   1 
ATOM   1390 C CA  . THR A 1 181 ? 4.073   -16.703 -2.031  1.00 18.83 ? 181 THR A CA  1 
ATOM   1391 C C   . THR A 1 181 ? 5.046   -15.532 -1.907  1.00 19.66 ? 181 THR A C   1 
ATOM   1392 O O   . THR A 1 181 ? 6.146   -15.571 -2.464  1.00 16.72 ? 181 THR A O   1 
ATOM   1393 C CB  . THR A 1 181 ? 2.993   -16.391 -3.073  1.00 18.47 ? 181 THR A CB  1 
ATOM   1394 O OG1 . THR A 1 181 ? 2.083   -17.495 -3.149  1.00 19.41 ? 181 THR A OG1 1 
ATOM   1395 C CG2 . THR A 1 181 ? 3.625   -16.178 -4.444  1.00 20.67 ? 181 THR A CG2 1 
ATOM   1396 N N   . VAL A 1 182 ? 4.653   -14.502 -1.161  1.00 19.59 ? 182 VAL A N   1 
ATOM   1397 C CA  . VAL A 1 182 ? 5.522   -13.346 -0.972  1.00 20.66 ? 182 VAL A CA  1 
ATOM   1398 C C   . VAL A 1 182 ? 6.816   -13.800 -0.290  1.00 21.64 ? 182 VAL A C   1 
ATOM   1399 O O   . VAL A 1 182 ? 7.911   -13.467 -0.744  1.00 20.89 ? 182 VAL A O   1 
ATOM   1400 C CB  . VAL A 1 182 ? 4.842   -12.247 -0.134  1.00 19.78 ? 182 VAL A CB  1 
ATOM   1401 C CG1 . VAL A 1 182 ? 5.782   -11.064 0.033   1.00 21.13 ? 182 VAL A CG1 1 
ATOM   1402 C CG2 . VAL A 1 182 ? 3.553   -11.793 -0.810  1.00 17.57 ? 182 VAL A CG2 1 
ATOM   1403 N N   . LYS A 1 183 ? 6.681   -14.611 0.758   1.00 21.70 ? 183 LYS A N   1 
ATOM   1404 C CA  . LYS A 1 183 ? 7.833   -15.131 1.492   1.00 24.43 ? 183 LYS A CA  1 
ATOM   1405 C C   . LYS A 1 183 ? 8.755   -15.908 0.556   1.00 27.69 ? 183 LYS A C   1 
ATOM   1406 O O   . LYS A 1 183 ? 9.974   -15.721 0.572   1.00 30.25 ? 183 LYS A O   1 
ATOM   1407 C CB  . LYS A 1 183 ? 7.371   -16.024 2.638   1.00 23.99 ? 183 LYS A CB  1 
ATOM   1408 N N   . TYR A 1 184 ? 8.161   -16.765 -0.272  1.00 27.18 ? 184 TYR A N   1 
ATOM   1409 C CA  . TYR A 1 184 ? 8.914   -17.568 -1.231  1.00 25.58 ? 184 TYR A CA  1 
ATOM   1410 C C   . TYR A 1 184 ? 9.690   -16.679 -2.199  1.00 24.36 ? 184 TYR A C   1 
ATOM   1411 O O   . TYR A 1 184 ? 10.879  -16.898 -2.451  1.00 22.88 ? 184 TYR A O   1 
ATOM   1412 C CB  . TYR A 1 184 ? 7.960   -18.477 -2.012  1.00 25.49 ? 184 TYR A CB  1 
ATOM   1413 C CG  . TYR A 1 184 ? 8.592   -19.136 -3.216  1.00 29.76 ? 184 TYR A CG  1 
ATOM   1414 C CD1 . TYR A 1 184 ? 9.513   -20.172 -3.066  1.00 30.90 ? 184 TYR A CD1 1 
ATOM   1415 C CD2 . TYR A 1 184 ? 8.286   -18.707 -4.508  1.00 30.31 ? 184 TYR A CD2 1 
ATOM   1416 C CE1 . TYR A 1 184 ? 10.116  -20.764 -4.172  1.00 32.70 ? 184 TYR A CE1 1 
ATOM   1417 C CE2 . TYR A 1 184 ? 8.883   -19.290 -5.619  1.00 32.91 ? 184 TYR A CE2 1 
ATOM   1418 C CZ  . TYR A 1 184 ? 9.796   -20.317 -5.444  1.00 33.30 ? 184 TYR A CZ  1 
ATOM   1419 O OH  . TYR A 1 184 ? 10.395  -20.889 -6.542  1.00 39.77 ? 184 TYR A OH  1 
ATOM   1420 N N   . LEU A 1 185 ? 9.004   -15.675 -2.735  1.00 23.28 ? 185 LEU A N   1 
ATOM   1421 C CA  . LEU A 1 185 ? 9.594   -14.745 -3.688  1.00 22.83 ? 185 LEU A CA  1 
ATOM   1422 C C   . LEU A 1 185 ? 10.699  -13.871 -3.112  1.00 24.50 ? 185 LEU A C   1 
ATOM   1423 O O   . LEU A 1 185 ? 11.663  -13.562 -3.814  1.00 24.27 ? 185 LEU A O   1 
ATOM   1424 C CB  . LEU A 1 185 ? 8.511   -13.860 -4.306  1.00 22.58 ? 185 LEU A CB  1 
ATOM   1425 C CG  . LEU A 1 185 ? 7.536   -14.575 -5.244  1.00 25.30 ? 185 LEU A CG  1 
ATOM   1426 C CD1 . LEU A 1 185 ? 6.450   -13.612 -5.697  1.00 24.06 ? 185 LEU A CD1 1 
ATOM   1427 C CD2 . LEU A 1 185 ? 8.291   -15.137 -6.435  1.00 24.04 ? 185 LEU A CD2 1 
ATOM   1428 N N   . SER A 1 186 ? 10.576  -13.464 -1.851  1.00 25.28 ? 186 SER A N   1 
ATOM   1429 C CA  . SER A 1 186 ? 11.608  -12.610 -1.269  1.00 29.79 ? 186 SER A CA  1 
ATOM   1430 C C   . SER A 1 186 ? 12.906  -13.353 -0.965  1.00 33.75 ? 186 SER A C   1 
ATOM   1431 O O   . SER A 1 186 ? 13.941  -12.727 -0.713  1.00 33.35 ? 186 SER A O   1 
ATOM   1432 C CB  A SER A 1 186 ? 11.100  -11.991 0.028   0.20 28.37 ? 186 SER A CB  1 
ATOM   1433 C CB  B SER A 1 186 ? 11.096  -11.821 -0.053  0.80 28.54 ? 186 SER A CB  1 
ATOM   1434 O OG  A SER A 1 186 ? 9.850   -11.349 -0.147  0.20 26.17 ? 186 SER A OG  1 
ATOM   1435 O OG  B SER A 1 186 ? 10.384  -12.632 0.862   0.80 30.40 ? 186 SER A OG  1 
ATOM   1436 N N   . GLU A 1 187 ? 12.844  -14.681 -0.949  1.00 38.21 ? 187 GLU A N   1 
ATOM   1437 C CA  . GLU A 1 187 ? 14.031  -15.485 -0.694  1.00 41.66 ? 187 GLU A CA  1 
ATOM   1438 C C   . GLU A 1 187 ? 14.832  -15.684 -1.978  1.00 44.09 ? 187 GLU A C   1 
ATOM   1439 O O   . GLU A 1 187 ? 15.854  -16.371 -1.974  1.00 46.43 ? 187 GLU A O   1 
ATOM   1440 C CB  . GLU A 1 187 ? 13.643  -16.829 -0.084  1.00 44.21 ? 187 GLU A CB  1 
ATOM   1441 C CG  . GLU A 1 187 ? 13.030  -16.714 1.307   1.00 48.23 ? 187 GLU A CG  1 
ATOM   1442 C CD  . GLU A 1 187 ? 12.473  -18.031 1.833   1.00 51.87 ? 187 GLU A CD  1 
ATOM   1443 O OE1 . GLU A 1 187 ? 12.502  -19.047 1.100   1.00 53.91 ? 187 GLU A OE1 1 
ATOM   1444 O OE2 . GLU A 1 187 ? 11.997  -18.047 2.989   1.00 53.20 ? 187 GLU A OE2 1 
ATOM   1445 N N   . LYS A 1 188 ? 14.340  -15.114 -3.076  1.00 45.01 ? 188 LYS A N   1 
ATOM   1446 C CA  . LYS A 1 188 ? 15.015  -15.199 -4.365  1.00 46.21 ? 188 LYS A CA  1 
ATOM   1447 C C   . LYS A 1 188 ? 15.940  -13.991 -4.519  1.00 46.95 ? 188 LYS A C   1 
ATOM   1448 O O   . LYS A 1 188 ? 17.172  -14.192 -4.508  1.00 48.95 ? 188 LYS A O   1 
ATOM   1449 C CB  . LYS A 1 188 ? 13.998  -15.209 -5.509  1.00 45.90 ? 188 LYS A CB  1 
ATOM   1450 C CG  . LYS A 1 188 ? 13.308  -16.538 -5.761  1.00 42.84 ? 188 LYS A CG  1 
ATOM   1451 C CD  . LYS A 1 188 ? 12.271  -16.370 -6.865  1.00 44.78 ? 188 LYS A CD  1 
ATOM   1452 C CE  . LYS A 1 188 ? 11.773  -17.701 -7.398  1.00 47.05 ? 188 LYS A CE  1 
ATOM   1453 N NZ  . LYS A 1 188 ? 12.832  -18.437 -8.147  1.00 47.87 ? 188 LYS A NZ  1 
HETATM 1454 O O   . HOH B 2 .   ? -2.742  -13.374 11.693  1.00 36.80 ? 301 HOH A O   1 
HETATM 1455 O O   . HOH B 2 .   ? -12.319 15.106  -4.805  1.00 46.99 ? 302 HOH A O   1 
HETATM 1456 O O   . HOH B 2 .   ? -14.020 9.792   10.865  1.00 28.71 ? 303 HOH A O   1 
HETATM 1457 O O   . HOH B 2 .   ? -3.446  13.021  21.692  1.00 38.87 ? 304 HOH A O   1 
HETATM 1458 O O   . HOH B 2 .   ? -9.720  16.507  14.968  1.00 24.06 ? 305 HOH A O   1 
HETATM 1459 O O   . HOH B 2 .   ? -12.197 -3.417  -8.242  1.00 48.73 ? 306 HOH A O   1 
HETATM 1460 O O   . HOH B 2 .   ? -14.911 6.809   10.933  1.00 16.25 ? 307 HOH A O   1 
HETATM 1461 O O   . HOH B 2 .   ? 10.873  2.571   1.590   1.00 37.81 ? 308 HOH A O   1 
HETATM 1462 O O   . HOH B 2 .   ? 3.029   3.918   12.364  1.00 43.40 ? 309 HOH A O   1 
HETATM 1463 O O   . HOH B 2 .   ? -1.229  8.496   -12.152 1.00 22.83 ? 310 HOH A O   1 
HETATM 1464 O O   . HOH B 2 .   ? -17.080 -1.034  5.437   1.00 41.38 ? 311 HOH A O   1 
HETATM 1465 O O   . HOH B 2 .   ? -13.340 18.614  13.430  1.00 49.85 ? 312 HOH A O   1 
HETATM 1466 O O   . HOH B 2 .   ? -12.252 18.287  -1.529  1.00 47.64 ? 313 HOH A O   1 
HETATM 1467 O O   . HOH B 2 .   ? -15.176 -2.917  0.600   1.00 40.34 ? 314 HOH A O   1 
HETATM 1468 O O   . HOH B 2 .   ? -16.063 -0.462  1.322   1.00 34.61 ? 315 HOH A O   1 
HETATM 1469 O O   . HOH B 2 .   ? -5.684  -2.014  9.716   1.00 55.39 ? 316 HOH A O   1 
HETATM 1470 O O   . HOH B 2 .   ? -9.695  9.746   -9.990  1.00 23.99 ? 317 HOH A O   1 
HETATM 1471 O O   . HOH B 2 .   ? -0.488  -21.826 1.143   1.00 48.01 ? 318 HOH A O   1 
HETATM 1472 O O   . HOH B 2 .   ? -23.162 14.119  3.082   1.00 36.03 ? 319 HOH A O   1 
HETATM 1473 O O   . HOH B 2 .   ? -20.291 11.416  7.549   1.00 48.07 ? 320 HOH A O   1 
HETATM 1474 O O   . HOH B 2 .   ? -12.717 15.301  -8.222  1.00 31.91 ? 321 HOH A O   1 
HETATM 1475 O O   . HOH B 2 .   ? 15.158  -13.242 -8.470  1.00 43.62 ? 322 HOH A O   1 
HETATM 1476 O O   . HOH B 2 .   ? 0.579   -14.882 8.883   1.00 37.25 ? 323 HOH A O   1 
HETATM 1477 O O   . HOH B 2 .   ? -0.021  12.836  -6.709  1.00 28.34 ? 324 HOH A O   1 
HETATM 1478 O O   . HOH B 2 .   ? -7.867  12.669  20.314  1.00 23.86 ? 325 HOH A O   1 
HETATM 1479 O O   . HOH B 2 .   ? -2.987  16.359  18.609  1.00 40.86 ? 326 HOH A O   1 
HETATM 1480 O O   . HOH B 2 .   ? -2.721  20.657  17.147  1.00 36.59 ? 327 HOH A O   1 
HETATM 1481 O O   . HOH B 2 .   ? -12.444 20.043  8.213   1.00 57.39 ? 328 HOH A O   1 
HETATM 1482 O O   . HOH B 2 .   ? -12.279 8.004   10.932  1.00 26.97 ? 329 HOH A O   1 
HETATM 1483 O O   . HOH B 2 .   ? -7.890  9.972   14.186  1.00 15.68 ? 330 HOH A O   1 
HETATM 1484 O O   . HOH B 2 .   ? -4.379  2.649   11.901  1.00 30.26 ? 331 HOH A O   1 
HETATM 1485 O O   . HOH B 2 .   ? 1.810   0.486   7.655   1.00 38.05 ? 332 HOH A O   1 
HETATM 1486 O O   . HOH B 2 .   ? 5.110   2.756   3.648   1.00 36.42 ? 333 HOH A O   1 
HETATM 1487 O O   . HOH B 2 .   ? 10.021  5.518   0.281   1.00 46.54 ? 334 HOH A O   1 
HETATM 1488 O O   . HOH B 2 .   ? -2.086  21.497  5.547   1.00 44.68 ? 335 HOH A O   1 
HETATM 1489 O O   . HOH B 2 .   ? -4.549  17.518  4.690   1.00 27.90 ? 336 HOH A O   1 
HETATM 1490 O O   . HOH B 2 .   ? -8.161  20.790  9.953   1.00 24.37 ? 337 HOH A O   1 
HETATM 1491 O O   . HOH B 2 .   ? -0.430  -7.913  -7.413  1.00 13.80 ? 338 HOH A O   1 
HETATM 1492 O O   . HOH B 2 .   ? -2.481  -8.545  -5.085  1.00 20.64 ? 339 HOH A O   1 
HETATM 1493 O O   . HOH B 2 .   ? -5.602  -5.201  -8.807  1.00 43.30 ? 340 HOH A O   1 
HETATM 1494 O O   . HOH B 2 .   ? -2.592  -4.621  -10.440 1.00 26.42 ? 341 HOH A O   1 
HETATM 1495 O O   . HOH B 2 .   ? -1.335  -3.514  -12.996 1.00 24.19 ? 342 HOH A O   1 
HETATM 1496 O O   . HOH B 2 .   ? 1.841   -4.217  -13.311 1.00 28.54 ? 343 HOH A O   1 
HETATM 1497 O O   . HOH B 2 .   ? -7.132  11.411  -8.954  1.00 22.64 ? 344 HOH A O   1 
HETATM 1498 O O   . HOH B 2 .   ? -9.775  18.876  -0.961  1.00 27.80 ? 345 HOH A O   1 
HETATM 1499 O O   . HOH B 2 .   ? 2.804   12.793  -8.344  1.00 35.71 ? 346 HOH A O   1 
HETATM 1500 O O   . HOH B 2 .   ? -6.184  2.579   -13.621 1.00 28.88 ? 347 HOH A O   1 
HETATM 1501 O O   . HOH B 2 .   ? -9.893  4.765   -10.818 1.00 29.95 ? 348 HOH A O   1 
HETATM 1502 O O   . HOH B 2 .   ? -12.194 7.417   -8.789  1.00 34.04 ? 349 HOH A O   1 
HETATM 1503 O O   . HOH B 2 .   ? -6.509  7.129   -4.916  1.00 10.21 ? 350 HOH A O   1 
HETATM 1504 O O   . HOH B 2 .   ? 0.791   8.031   -6.530  1.00 30.14 ? 351 HOH A O   1 
HETATM 1505 O O   . HOH B 2 .   ? 1.464   5.359   -6.276  1.00 27.65 ? 352 HOH A O   1 
HETATM 1506 O O   . HOH B 2 .   ? -0.107  6.908   -8.533  1.00 23.52 ? 353 HOH A O   1 
HETATM 1507 O O   . HOH B 2 .   ? 1.994   10.745  -6.329  1.00 20.90 ? 354 HOH A O   1 
HETATM 1508 O O   . HOH B 2 .   ? -0.658  14.167  -4.299  1.00 23.95 ? 355 HOH A O   1 
HETATM 1509 O O   . HOH B 2 .   ? 5.969   16.025  -6.024  1.00 40.75 ? 356 HOH A O   1 
HETATM 1510 O O   . HOH B 2 .   ? 10.237  5.263   -6.845  1.00 31.05 ? 357 HOH A O   1 
HETATM 1511 O O   . HOH B 2 .   ? 10.378  2.782   -8.274  1.00 45.63 ? 358 HOH A O   1 
HETATM 1512 O O   . HOH B 2 .   ? 9.346   -4.360  -5.360  1.00 18.68 ? 359 HOH A O   1 
HETATM 1513 O O   . HOH B 2 .   ? 10.383  -2.389  1.297   1.00 29.45 ? 360 HOH A O   1 
HETATM 1514 O O   . HOH B 2 .   ? 13.464  -2.486  0.587   1.00 32.21 ? 361 HOH A O   1 
HETATM 1515 O O   . HOH B 2 .   ? 6.619   -19.966 1.368   1.00 27.41 ? 362 HOH A O   1 
HETATM 1516 O O   . HOH B 2 .   ? -4.669  -2.309  0.080   1.00 41.88 ? 363 HOH A O   1 
HETATM 1517 O O   . HOH B 2 .   ? -11.734 -1.269  -5.352  1.00 23.14 ? 364 HOH A O   1 
HETATM 1518 O O   . HOH B 2 .   ? 4.991   -13.541 -17.086 1.00 40.37 ? 365 HOH A O   1 
HETATM 1519 O O   . HOH B 2 .   ? 11.304  -9.620  8.410   1.00 28.79 ? 366 HOH A O   1 
HETATM 1520 O O   . HOH B 2 .   ? 7.794   -4.226  7.267   1.00 43.41 ? 367 HOH A O   1 
HETATM 1521 O O   . HOH B 2 .   ? 5.807   -13.353 3.468   1.00 26.54 ? 368 HOH A O   1 
HETATM 1522 O O   . HOH B 2 .   ? 11.489  21.163  3.724   1.00 27.11 ? 369 HOH A O   1 
HETATM 1523 O O   . HOH B 2 .   ? 11.639  18.231  4.153   1.00 44.64 ? 370 HOH A O   1 
HETATM 1524 O O   . HOH B 2 .   ? -7.245  -13.420 7.401   1.00 40.01 ? 371 HOH A O   1 
HETATM 1525 O O   . HOH B 2 .   ? 4.964   -17.348 -18.058 1.00 60.52 ? 372 HOH A O   1 
HETATM 1526 O O   . HOH B 2 .   ? -15.872 -5.101  2.979   1.00 36.20 ? 373 HOH A O   1 
HETATM 1527 O O   . HOH B 2 .   ? -9.566  -4.622  -7.699  1.00 43.22 ? 374 HOH A O   1 
HETATM 1528 O O   . HOH B 2 .   ? -13.084 3.807   -6.412  1.00 46.89 ? 375 HOH A O   1 
HETATM 1529 O O   . HOH B 2 .   ? 14.299  21.729  3.469   1.00 33.80 ? 376 HOH A O   1 
HETATM 1530 O O   . HOH B 2 .   ? 5.415   19.078  0.038   1.00 30.52 ? 377 HOH A O   1 
HETATM 1531 O O   . HOH B 2 .   ? 9.717   -20.266 1.114   1.00 36.89 ? 378 HOH A O   1 
HETATM 1532 O O   . HOH B 2 .   ? 13.750  -15.692 8.583   1.00 45.47 ? 379 HOH A O   1 
HETATM 1533 O O   . HOH B 2 .   ? -16.658 17.965  5.235   1.00 52.36 ? 380 HOH A O   1 
HETATM 1534 O O   . HOH B 2 .   ? -8.994  -7.033  -5.605  1.00 42.93 ? 381 HOH A O   1 
HETATM 1535 O O   . HOH B 2 .   ? -13.359 0.426   -7.289  1.00 38.60 ? 382 HOH A O   1 
HETATM 1536 O O   . HOH B 2 .   ? -2.927  7.663   17.892  1.00 38.56 ? 383 HOH A O   1 
HETATM 1537 O O   . HOH B 2 .   ? -15.831 10.243  1.923   1.00 41.01 ? 384 HOH A O   1 
HETATM 1538 O O   . HOH B 2 .   ? 2.222   -24.608 -12.313 1.00 44.77 ? 385 HOH A O   1 
HETATM 1539 O O   . HOH B 2 .   ? 9.244   -20.327 -9.080  1.00 36.67 ? 386 HOH A O   1 
HETATM 1540 O O   . HOH B 2 .   ? 0.217   -10.820 -11.969 1.00 42.65 ? 387 HOH A O   1 
HETATM 1541 O O   . HOH B 2 .   ? 8.440   -2.878  -15.289 1.00 44.78 ? 388 HOH A O   1 
HETATM 1542 O O   . HOH B 2 .   ? -21.670 3.840   4.310   1.00 40.82 ? 389 HOH A O   1 
HETATM 1543 O O   . HOH B 2 .   ? 2.236   -8.267  11.100  1.00 48.30 ? 390 HOH A O   1 
# 
